data_6WL0
#
_entry.id   6WL0
#
_entity_poly.entity_id   1
_entity_poly.type   'polypeptide(L)'
_entity_poly.pdbx_seq_one_letter_code
;TLEELRAEARILEAKAEILKAKAEVLKAKAEILKAQ
;
_entity_poly.pdbx_strand_id   A,B,C,D,E,F,G,H,I,J,K,L,M,N,O,P,Q,R,S,T,U,V,W,X,Y,Z,a,b,c,d,e,f,g,h,i,j,k,l,m,n,o
#
# COMPACT_ATOMS: atom_id res chain seq x y z
N THR A 1 14.39 -37.60 2.23
CA THR A 1 15.07 -36.54 2.96
C THR A 1 14.61 -35.18 2.46
N LEU A 2 14.39 -35.11 1.15
CA LEU A 2 14.08 -33.84 0.49
C LEU A 2 12.75 -33.29 0.98
N GLU A 3 11.68 -34.06 0.83
CA GLU A 3 10.39 -33.67 1.40
C GLU A 3 10.42 -33.68 2.91
N GLU A 4 11.29 -34.48 3.51
CA GLU A 4 11.47 -34.45 4.95
C GLU A 4 12.09 -33.14 5.40
N LEU A 5 13.16 -32.71 4.72
CA LEU A 5 13.73 -31.39 5.00
C LEU A 5 12.75 -30.29 4.62
N ARG A 6 11.93 -30.52 3.60
CA ARG A 6 10.84 -29.60 3.30
C ARG A 6 9.84 -29.56 4.44
N ALA A 7 9.60 -30.71 5.08
CA ALA A 7 8.73 -30.74 6.24
C ALA A 7 9.42 -30.14 7.47
N GLU A 8 10.72 -30.38 7.62
CA GLU A 8 11.44 -29.80 8.75
C GLU A 8 11.57 -28.30 8.58
N ALA A 9 11.56 -27.84 7.34
CA ALA A 9 11.36 -26.42 7.09
C ALA A 9 9.98 -26.00 7.51
N ARG A 10 8.98 -26.85 7.26
CA ARG A 10 7.59 -26.44 7.41
C ARG A 10 7.20 -26.31 8.87
N ILE A 11 7.77 -27.16 9.74
CA ILE A 11 7.50 -27.02 11.17
C ILE A 11 8.22 -25.81 11.74
N LEU A 12 9.41 -25.50 11.23
CA LEU A 12 10.16 -24.38 11.78
C LEU A 12 9.62 -23.06 11.26
N GLU A 13 8.90 -23.11 10.15
CA GLU A 13 8.20 -21.93 9.68
C GLU A 13 7.08 -21.54 10.64
N ALA A 14 6.43 -22.53 11.24
CA ALA A 14 5.30 -22.24 12.12
C ALA A 14 5.76 -21.62 13.43
N LYS A 15 6.95 -22.02 13.90
CA LYS A 15 7.41 -21.60 15.23
C LYS A 15 7.74 -20.12 15.27
N ALA A 16 8.04 -19.54 14.11
CA ALA A 16 8.26 -18.11 14.07
C ALA A 16 6.97 -17.34 14.25
N GLU A 17 5.87 -17.89 13.74
CA GLU A 17 4.64 -17.12 13.64
C GLU A 17 3.97 -16.93 15.00
N ILE A 18 4.17 -17.87 15.92
CA ILE A 18 3.68 -17.69 17.28
C ILE A 18 4.42 -16.54 17.95
N LEU A 19 5.73 -16.43 17.70
CA LEU A 19 6.50 -15.34 18.27
C LEU A 19 6.15 -14.01 17.62
N LYS A 20 5.67 -14.05 16.36
CA LYS A 20 5.24 -12.82 15.71
C LYS A 20 4.01 -12.24 16.38
N ALA A 21 3.00 -13.07 16.60
CA ALA A 21 1.81 -12.61 17.28
C ALA A 21 2.06 -12.42 18.78
N LYS A 22 3.12 -13.03 19.31
CA LYS A 22 3.50 -12.76 20.68
C LYS A 22 3.97 -11.33 20.84
N ALA A 23 4.68 -10.81 19.83
CA ALA A 23 5.12 -9.42 19.88
C ALA A 23 3.95 -8.47 19.71
N GLU A 24 2.96 -8.86 18.90
CA GLU A 24 1.86 -7.95 18.62
C GLU A 24 0.91 -7.83 19.78
N VAL A 25 0.89 -8.82 20.68
CA VAL A 25 0.26 -8.62 21.98
C VAL A 25 0.96 -7.51 22.73
N LEU A 26 2.30 -7.56 22.75
CA LEU A 26 3.07 -6.53 23.43
C LEU A 26 3.05 -5.22 22.68
N LYS A 27 2.72 -5.24 21.38
CA LYS A 27 2.66 -4.00 20.61
C LYS A 27 1.49 -3.14 21.06
N ALA A 28 0.30 -3.69 21.07
CA ALA A 28 -0.85 -2.92 21.50
C ALA A 28 -0.92 -2.79 23.01
N LYS A 29 -0.09 -3.55 23.73
CA LYS A 29 -0.01 -3.42 25.17
C LYS A 29 0.51 -2.05 25.56
N ALA A 30 1.51 -1.55 24.82
CA ALA A 30 1.97 -0.19 25.05
C ALA A 30 0.99 0.83 24.50
N GLU A 31 0.14 0.42 23.55
CA GLU A 31 -0.79 1.37 22.97
C GLU A 31 -1.92 1.68 23.94
N ILE A 32 -2.23 0.76 24.83
CA ILE A 32 -3.07 1.08 25.98
C ILE A 32 -2.34 2.05 26.89
N LEU A 33 -1.03 1.89 27.01
CA LEU A 33 -0.24 2.65 27.97
C LEU A 33 0.07 4.05 27.48
N LYS A 34 -0.37 4.40 26.27
CA LYS A 34 -0.16 5.75 25.80
C LYS A 34 -1.47 6.44 25.47
N ALA A 35 -2.49 5.68 25.11
CA ALA A 35 -3.80 6.28 24.86
C ALA A 35 -4.48 6.73 26.14
N GLN A 36 -4.00 6.29 27.30
CA GLN A 36 -4.44 6.85 28.56
C GLN A 36 -3.52 7.99 28.96
N THR B 1 -5.70 20.09 -35.28
CA THR B 1 -4.33 19.93 -34.79
C THR B 1 -4.36 19.50 -33.34
N LEU B 2 -5.33 20.04 -32.60
CA LEU B 2 -5.41 19.83 -31.16
C LEU B 2 -5.66 18.36 -30.83
N GLU B 3 -6.76 17.81 -31.35
CA GLU B 3 -7.02 16.39 -31.20
C GLU B 3 -6.01 15.55 -31.97
N GLU B 4 -5.42 16.12 -33.02
CA GLU B 4 -4.35 15.44 -33.73
C GLU B 4 -3.11 15.32 -32.86
N LEU B 5 -2.70 16.43 -32.23
CA LEU B 5 -1.61 16.37 -31.26
C LEU B 5 -1.97 15.53 -30.06
N ARG B 6 -3.26 15.52 -29.69
CA ARG B 6 -3.74 14.59 -28.68
C ARG B 6 -3.59 13.16 -29.15
N ALA B 7 -3.80 12.91 -30.44
CA ALA B 7 -3.59 11.58 -30.98
C ALA B 7 -2.11 11.28 -31.14
N GLU B 8 -1.30 12.27 -31.51
CA GLU B 8 0.14 12.06 -31.61
C GLU B 8 0.75 11.85 -30.25
N ALA B 9 0.13 12.43 -29.21
CA ALA B 9 0.45 12.03 -27.86
C ALA B 9 0.05 10.60 -27.60
N ARG B 10 -1.09 10.18 -28.16
CA ARG B 10 -1.68 8.91 -27.78
C ARG B 10 -0.90 7.75 -28.37
N ILE B 11 -0.34 7.92 -29.57
CA ILE B 11 0.49 6.87 -30.15
C ILE B 11 1.84 6.80 -29.44
N LEU B 12 2.37 7.94 -29.00
CA LEU B 12 3.68 7.92 -28.36
C LEU B 12 3.56 7.44 -26.92
N GLU B 13 2.37 7.51 -26.36
CA GLU B 13 2.14 6.91 -25.05
C GLU B 13 2.25 5.40 -25.12
N ALA B 14 1.81 4.80 -26.23
CA ALA B 14 1.82 3.35 -26.33
C ALA B 14 3.23 2.81 -26.50
N LYS B 15 4.10 3.59 -27.17
CA LYS B 15 5.43 3.09 -27.49
C LYS B 15 6.31 2.94 -26.26
N ALA B 16 5.98 3.67 -25.19
CA ALA B 16 6.71 3.50 -23.95
C ALA B 16 6.35 2.17 -23.29
N GLU B 17 5.11 1.73 -23.43
CA GLU B 17 4.62 0.62 -22.64
C GLU B 17 5.18 -0.71 -23.10
N ILE B 18 5.50 -0.82 -24.40
CA ILE B 18 6.18 -2.02 -24.88
C ILE B 18 7.56 -2.12 -24.27
N LEU B 19 8.25 -0.98 -24.14
CA LEU B 19 9.57 -0.99 -23.54
C LEU B 19 9.50 -1.24 -22.04
N LYS B 20 8.37 -0.90 -21.41
CA LYS B 20 8.19 -1.20 -20.00
C LYS B 20 8.13 -2.69 -19.75
N ALA B 21 7.29 -3.39 -20.51
CA ALA B 21 7.21 -4.83 -20.37
C ALA B 21 8.42 -5.52 -20.96
N LYS B 22 9.17 -4.82 -21.83
CA LYS B 22 10.42 -5.37 -22.31
C LYS B 22 11.43 -5.46 -21.18
N ALA B 23 11.43 -4.48 -20.28
CA ALA B 23 12.33 -4.53 -19.14
C ALA B 23 11.90 -5.60 -18.15
N GLU B 24 10.60 -5.82 -18.02
CA GLU B 24 10.12 -6.75 -17.02
C GLU B 24 10.35 -8.19 -17.43
N VAL B 25 10.51 -8.45 -18.72
CA VAL B 25 11.05 -9.73 -19.16
C VAL B 25 12.46 -9.90 -18.63
N LEU B 26 13.28 -8.85 -18.77
CA LEU B 26 14.65 -8.90 -18.27
C LEU B 26 14.71 -8.84 -16.76
N LYS B 27 13.64 -8.35 -16.11
CA LYS B 27 13.63 -8.30 -14.65
C LYS B 27 13.57 -9.69 -14.05
N ALA B 28 12.60 -10.48 -14.46
CA ALA B 28 12.50 -11.83 -13.92
C ALA B 28 13.51 -12.77 -14.56
N LYS B 29 14.17 -12.32 -15.64
CA LYS B 29 15.23 -13.11 -16.26
C LYS B 29 16.40 -13.27 -15.29
N ALA B 30 16.74 -12.22 -14.56
CA ALA B 30 17.75 -12.34 -13.54
C ALA B 30 17.22 -13.06 -12.31
N GLU B 31 15.91 -13.08 -12.13
CA GLU B 31 15.36 -13.75 -10.96
C GLU B 31 15.43 -15.25 -11.10
N ILE B 32 15.44 -15.76 -12.32
CA ILE B 32 15.81 -17.14 -12.56
C ILE B 32 17.27 -17.34 -12.22
N LEU B 33 18.09 -16.34 -12.52
CA LEU B 33 19.54 -16.47 -12.39
C LEU B 33 20.01 -16.31 -10.95
N LYS B 34 19.09 -16.07 -10.02
CA LYS B 34 19.50 -15.99 -8.64
C LYS B 34 18.77 -17.02 -7.78
N ALA B 35 17.57 -17.42 -8.20
CA ALA B 35 16.86 -18.45 -7.46
C ALA B 35 17.48 -19.82 -7.66
N GLN B 36 18.34 -19.99 -8.66
CA GLN B 36 19.14 -21.20 -8.77
C GLN B 36 20.47 -20.99 -8.05
N THR C 1 -21.71 17.88 29.98
CA THR C 1 -20.53 18.45 29.36
C THR C 1 -19.86 17.42 28.48
N LEU C 2 -19.88 16.16 28.96
CA LEU C 2 -19.15 15.08 28.31
C LEU C 2 -19.72 14.79 26.93
N GLU C 3 -21.02 14.49 26.85
CA GLU C 3 -21.68 14.34 25.56
C GLU C 3 -21.75 15.66 24.82
N GLU C 4 -21.76 16.78 25.55
CA GLU C 4 -21.69 18.08 24.90
C GLU C 4 -20.35 18.29 24.22
N LEU C 5 -19.25 18.00 24.92
CA LEU C 5 -17.94 18.04 24.29
C LEU C 5 -17.81 16.99 23.21
N ARG C 6 -18.50 15.85 23.38
CA ARG C 6 -18.60 14.88 22.31
C ARG C 6 -19.33 15.45 21.12
N ALA C 7 -20.36 16.28 21.37
CA ALA C 7 -21.05 16.94 20.29
C ALA C 7 -20.23 18.08 19.71
N GLU C 8 -19.50 18.80 20.56
CA GLU C 8 -18.64 19.87 20.05
C GLU C 8 -17.47 19.31 19.27
N ALA C 9 -17.07 18.09 19.60
CA ALA C 9 -16.20 17.34 18.71
C ALA C 9 -16.90 17.02 17.41
N ARG C 10 -18.18 16.69 17.49
CA ARG C 10 -18.87 16.14 16.33
C ARG C 10 -19.15 17.20 15.29
N ILE C 11 -19.40 18.44 15.71
CA ILE C 11 -19.58 19.52 14.75
C ILE C 11 -18.24 19.92 14.13
N LEU C 12 -17.16 19.85 14.90
CA LEU C 12 -15.87 20.27 14.36
C LEU C 12 -15.28 19.19 13.48
N GLU C 13 -15.77 17.96 13.64
CA GLU C 13 -15.38 16.91 12.71
C GLU C 13 -15.95 17.17 11.32
N ALA C 14 -17.14 17.74 11.26
CA ALA C 14 -17.78 17.96 9.96
C ALA C 14 -17.10 19.08 9.19
N LYS C 15 -16.58 20.09 9.90
CA LYS C 15 -16.05 21.28 9.25
C LYS C 15 -14.76 20.97 8.50
N ALA C 16 -14.07 19.91 8.89
CA ALA C 16 -12.88 19.50 8.15
C ALA C 16 -13.27 18.91 6.80
N GLU C 17 -14.40 18.21 6.74
CA GLU C 17 -14.71 17.40 5.57
C GLU C 17 -15.12 18.24 4.38
N ILE C 18 -15.71 19.41 4.64
CA ILE C 18 -16.00 20.34 3.54
C ILE C 18 -14.71 20.83 2.92
N LEU C 19 -13.71 21.10 3.75
CA LEU C 19 -12.42 21.55 3.24
C LEU C 19 -11.68 20.43 2.54
N LYS C 20 -11.96 19.18 2.90
CA LYS C 20 -11.36 18.05 2.19
C LYS C 20 -11.86 17.96 0.76
N ALA C 21 -13.17 18.02 0.58
CA ALA C 21 -13.71 17.99 -0.77
C ALA C 21 -13.48 19.31 -1.49
N LYS C 22 -13.21 20.38 -0.73
CA LYS C 22 -12.83 21.63 -1.37
C LYS C 22 -11.49 21.51 -2.07
N ALA C 23 -10.57 20.75 -1.47
CA ALA C 23 -9.29 20.52 -2.10
C ALA C 23 -9.42 19.61 -3.31
N GLU C 24 -10.34 18.66 -3.25
CA GLU C 24 -10.44 17.69 -4.33
C GLU C 24 -11.11 18.28 -5.56
N VAL C 25 -11.86 19.36 -5.39
CA VAL C 25 -12.26 20.16 -6.55
C VAL C 25 -11.01 20.74 -7.21
N LEU C 26 -10.11 21.30 -6.40
CA LEU C 26 -8.88 21.87 -6.92
C LEU C 26 -7.91 20.79 -7.39
N LYS C 27 -8.09 19.55 -6.92
CA LYS C 27 -7.21 18.47 -7.34
C LYS C 27 -7.44 18.12 -8.80
N ALA C 28 -8.68 17.83 -9.17
CA ALA C 28 -8.95 17.50 -10.56
C ALA C 28 -9.01 18.74 -11.43
N LYS C 29 -9.01 19.93 -10.82
CA LYS C 29 -8.95 21.17 -11.59
C LYS C 29 -7.63 21.27 -12.33
N ALA C 30 -6.53 20.87 -11.69
CA ALA C 30 -5.25 20.82 -12.38
C ALA C 30 -5.19 19.63 -13.33
N GLU C 31 -6.00 18.61 -13.10
CA GLU C 31 -5.96 17.44 -13.96
C GLU C 31 -6.59 17.73 -15.31
N ILE C 32 -7.52 18.68 -15.36
CA ILE C 32 -7.94 19.23 -16.64
C ILE C 32 -6.80 19.99 -17.28
N LEU C 33 -5.99 20.67 -16.45
CA LEU C 33 -4.97 21.57 -16.95
C LEU C 33 -3.72 20.82 -17.39
N LYS C 34 -3.71 19.49 -17.27
CA LYS C 34 -2.57 18.75 -17.76
C LYS C 34 -2.99 17.72 -18.80
N ALA C 35 -4.23 17.26 -18.75
CA ALA C 35 -4.70 16.34 -19.77
C ALA C 35 -4.94 17.03 -21.11
N GLN C 36 -4.98 18.36 -21.13
CA GLN C 36 -4.98 19.09 -22.38
C GLN C 36 -3.54 19.43 -22.75
N THR D 1 -12.18 13.78 36.14
CA THR D 1 -11.09 14.53 35.52
C THR D 1 -10.47 13.72 34.39
N LEU D 2 -10.40 12.41 34.61
CA LEU D 2 -9.71 11.52 33.68
C LEU D 2 -10.40 11.49 32.33
N GLU D 3 -11.69 11.12 32.32
CA GLU D 3 -12.48 11.21 31.10
C GLU D 3 -12.68 12.63 30.65
N GLU D 4 -12.65 13.58 31.58
CA GLU D 4 -12.71 14.99 31.23
C GLU D 4 -11.45 15.41 30.47
N LEU D 5 -10.28 15.05 30.99
CA LEU D 5 -9.03 15.29 30.25
C LEU D 5 -8.98 14.48 28.97
N ARG D 6 -9.61 13.31 28.98
CA ARG D 6 -9.78 12.55 27.74
C ARG D 6 -10.67 13.31 26.77
N ALA D 7 -11.68 14.00 27.29
CA ALA D 7 -12.51 14.83 26.43
C ALA D 7 -11.80 16.11 26.03
N GLU D 8 -11.01 16.70 26.93
CA GLU D 8 -10.25 17.88 26.57
C GLU D 8 -9.15 17.55 25.58
N ALA D 9 -8.67 16.32 25.62
CA ALA D 9 -7.87 15.83 24.51
C ALA D 9 -8.69 15.72 23.24
N ARG D 10 -9.95 15.31 23.37
CA ARG D 10 -10.74 14.96 22.21
C ARG D 10 -11.16 16.20 21.42
N ILE D 11 -11.41 17.31 22.13
CA ILE D 11 -11.73 18.54 21.43
C ILE D 11 -10.49 19.13 20.77
N LEU D 12 -9.32 18.98 21.40
CA LEU D 12 -8.12 19.57 20.84
C LEU D 12 -7.59 18.72 19.70
N GLU D 13 -8.00 17.47 19.64
CA GLU D 13 -7.69 16.64 18.49
C GLU D 13 -8.40 17.14 17.25
N ALA D 14 -9.62 17.65 17.41
CA ALA D 14 -10.40 18.07 16.26
C ALA D 14 -9.84 19.36 15.67
N LYS D 15 -9.29 20.23 16.53
CA LYS D 15 -8.87 21.56 16.08
C LYS D 15 -7.67 21.49 15.16
N ALA D 16 -6.90 20.41 15.26
CA ALA D 16 -5.78 20.24 14.34
C ALA D 16 -6.28 19.90 12.94
N GLU D 17 -7.38 19.16 12.85
CA GLU D 17 -7.78 18.59 11.58
C GLU D 17 -8.34 19.62 10.63
N ILE D 18 -8.96 20.69 11.17
CA ILE D 18 -9.40 21.79 10.33
C ILE D 18 -8.20 22.48 9.70
N LEU D 19 -7.13 22.63 10.47
CA LEU D 19 -5.92 23.24 9.93
C LEU D 19 -5.22 22.33 8.95
N LYS D 20 -5.40 21.02 9.07
CA LYS D 20 -4.83 20.10 8.10
C LYS D 20 -5.48 20.26 6.74
N ALA D 21 -6.81 20.28 6.70
CA ALA D 21 -7.49 20.49 5.43
C ALA D 21 -7.39 21.94 4.97
N LYS D 22 -7.08 22.84 5.90
CA LYS D 22 -6.82 24.23 5.50
C LYS D 22 -5.55 24.31 4.66
N ALA D 23 -4.55 23.51 5.00
CA ALA D 23 -3.33 23.49 4.21
C ALA D 23 -3.55 22.84 2.86
N GLU D 24 -4.42 21.84 2.82
CA GLU D 24 -4.61 21.09 1.57
C GLU D 24 -5.42 21.88 0.56
N VAL D 25 -6.20 22.85 1.02
CA VAL D 25 -6.73 23.85 0.10
C VAL D 25 -5.60 24.62 -0.55
N LEU D 26 -4.64 25.05 0.27
CA LEU D 26 -3.48 25.79 -0.24
C LEU D 26 -2.54 24.88 -1.01
N LYS D 27 -2.61 23.58 -0.79
CA LYS D 27 -1.73 22.65 -1.51
C LYS D 27 -2.10 22.58 -2.98
N ALA D 28 -3.37 22.31 -3.27
CA ALA D 28 -3.78 22.24 -4.67
C ALA D 28 -3.97 23.62 -5.25
N LYS D 29 -3.95 24.66 -4.42
CA LYS D 29 -4.01 26.04 -4.92
C LYS D 29 -2.78 26.36 -5.75
N ALA D 30 -1.62 25.90 -5.32
CA ALA D 30 -0.42 26.06 -6.12
C ALA D 30 -0.41 25.09 -7.29
N GLU D 31 -1.16 23.99 -7.19
CA GLU D 31 -1.16 23.04 -8.28
C GLU D 31 -1.94 23.55 -9.48
N ILE D 32 -2.90 24.44 -9.24
CA ILE D 32 -3.48 25.20 -10.33
C ILE D 32 -2.44 26.14 -10.91
N LEU D 33 -1.58 26.68 -10.04
CA LEU D 33 -0.65 27.72 -10.45
C LEU D 33 0.57 27.16 -11.16
N LYS D 34 0.64 25.84 -11.30
CA LYS D 34 1.75 25.26 -12.04
C LYS D 34 1.27 24.45 -13.22
N ALA D 35 0.06 23.91 -13.15
CA ALA D 35 -0.48 23.18 -14.29
C ALA D 35 -0.88 24.12 -15.43
N GLN D 36 -0.99 25.41 -15.17
CA GLN D 36 -1.13 26.38 -16.24
C GLN D 36 0.24 26.88 -16.67
N THR E 1 -7.76 9.20 -40.12
CA THR E 1 -6.48 9.13 -39.42
C THR E 1 -6.70 8.99 -37.93
N LEU E 2 -7.74 9.67 -37.44
CA LEU E 2 -8.00 9.73 -36.01
C LEU E 2 -8.35 8.36 -35.44
N GLU E 3 -9.38 7.73 -35.99
CA GLU E 3 -9.70 6.36 -35.61
C GLU E 3 -8.63 5.39 -36.06
N GLU E 4 -7.89 5.74 -37.13
CA GLU E 4 -6.76 4.93 -37.55
C GLU E 4 -5.65 4.97 -36.52
N LEU E 5 -5.29 6.18 -36.06
CA LEU E 5 -4.33 6.29 -34.96
C LEU E 5 -4.88 5.71 -33.68
N ARG E 6 -6.20 5.77 -33.49
CA ARG E 6 -6.82 5.06 -32.39
C ARG E 6 -6.66 3.55 -32.55
N ALA E 7 -6.72 3.08 -33.80
CA ALA E 7 -6.47 1.66 -34.05
C ALA E 7 -4.99 1.33 -33.95
N GLU E 8 -4.12 2.23 -34.40
CA GLU E 8 -2.68 1.99 -34.27
C GLU E 8 -2.26 2.04 -32.82
N ALA E 9 -2.99 2.80 -32.01
CA ALA E 9 -2.85 2.67 -30.57
C ALA E 9 -3.33 1.31 -30.10
N ARG E 10 -4.40 0.82 -30.71
CA ARG E 10 -5.07 -0.36 -30.18
C ARG E 10 -4.25 -1.62 -30.44
N ILE E 11 -3.55 -1.68 -31.56
CA ILE E 11 -2.68 -2.83 -31.82
C ILE E 11 -1.44 -2.78 -30.94
N LEU E 12 -0.94 -1.57 -30.66
CA LEU E 12 0.29 -1.48 -29.86
C LEU E 12 -0.02 -1.67 -28.39
N GLU E 13 -1.28 -1.49 -28.01
CA GLU E 13 -1.70 -1.82 -26.66
C GLU E 13 -1.62 -3.33 -26.42
N ALA E 14 -1.93 -4.11 -27.45
CA ALA E 14 -1.95 -5.57 -27.27
C ALA E 14 -0.55 -6.13 -27.15
N LYS E 15 0.42 -5.51 -27.83
CA LYS E 15 1.78 -6.07 -27.88
C LYS E 15 2.47 -5.97 -26.54
N ALA E 16 2.04 -5.06 -25.68
CA ALA E 16 2.60 -5.00 -24.34
C ALA E 16 2.13 -6.17 -23.50
N GLU E 17 0.89 -6.62 -23.72
CA GLU E 17 0.27 -7.56 -22.80
C GLU E 17 0.84 -8.96 -22.93
N ILE E 18 1.33 -9.31 -24.12
CA ILE E 18 2.02 -10.59 -24.29
C ILE E 18 3.32 -10.58 -23.49
N LEU E 19 4.02 -9.44 -23.50
CA LEU E 19 5.25 -9.34 -22.74
C LEU E 19 4.97 -9.30 -21.24
N LYS E 20 3.79 -8.84 -20.84
CA LYS E 20 3.43 -8.86 -19.43
C LYS E 20 3.28 -10.28 -18.91
N ALA E 21 2.53 -11.11 -19.63
CA ALA E 21 2.38 -12.50 -19.23
C ALA E 21 3.64 -13.29 -19.52
N LYS E 22 4.51 -12.78 -20.40
CA LYS E 22 5.80 -13.41 -20.60
C LYS E 22 6.66 -13.29 -19.36
N ALA E 23 6.57 -12.16 -18.66
CA ALA E 23 7.32 -11.99 -17.42
C ALA E 23 6.74 -12.86 -16.32
N GLU E 24 5.42 -13.05 -16.32
CA GLU E 24 4.80 -13.76 -15.22
C GLU E 24 5.02 -15.27 -15.33
N VAL E 25 5.35 -15.76 -16.52
CA VAL E 25 5.89 -17.10 -16.64
C VAL E 25 7.22 -17.17 -15.90
N LEU E 26 8.08 -16.17 -16.12
CA LEU E 26 9.37 -16.12 -15.47
C LEU E 26 9.24 -15.79 -13.99
N LYS E 27 8.12 -15.19 -13.58
CA LYS E 27 7.92 -14.85 -12.18
C LYS E 27 7.74 -16.10 -11.34
N ALA E 28 6.81 -16.96 -11.71
CA ALA E 28 6.61 -18.18 -10.95
C ALA E 28 7.66 -19.22 -11.27
N LYS E 29 8.46 -18.99 -12.32
CA LYS E 29 9.57 -19.89 -12.62
C LYS E 29 10.60 -19.88 -11.51
N ALA E 30 10.87 -18.70 -10.95
CA ALA E 30 11.75 -18.62 -9.80
C ALA E 30 11.05 -19.10 -8.53
N GLU E 31 9.72 -19.08 -8.53
CA GLU E 31 9.00 -19.51 -7.34
C GLU E 31 9.05 -21.02 -7.17
N ILE E 32 9.19 -21.74 -8.28
CA ILE E 32 9.55 -23.15 -8.20
C ILE E 32 10.95 -23.29 -7.63
N LEU E 33 11.83 -22.36 -8.01
CA LEU E 33 13.25 -22.48 -7.68
C LEU E 33 13.54 -22.05 -6.25
N LYS E 34 12.52 -21.63 -5.50
CA LYS E 34 12.75 -21.29 -4.11
C LYS E 34 11.87 -22.13 -3.18
N ALA E 35 10.73 -22.59 -3.67
CA ALA E 35 9.90 -23.47 -2.86
C ALA E 35 10.50 -24.86 -2.70
N GLN E 36 11.48 -25.22 -3.53
CA GLN E 36 12.26 -26.43 -3.32
C GLN E 36 13.48 -26.09 -2.47
N THR F 1 22.41 -33.33 -5.72
CA THR F 1 23.13 -32.39 -4.86
C THR F 1 22.57 -30.99 -5.05
N LEU F 2 22.19 -30.69 -6.29
CA LEU F 2 21.75 -29.34 -6.65
C LEU F 2 20.47 -28.97 -5.93
N GLU F 3 19.42 -29.77 -6.10
CA GLU F 3 18.19 -29.57 -5.34
C GLU F 3 18.40 -29.85 -3.87
N GLU F 4 19.36 -30.70 -3.54
CA GLU F 4 19.70 -30.93 -2.14
C GLU F 4 20.31 -29.68 -1.53
N LEU F 5 21.29 -29.07 -2.20
CA LEU F 5 21.83 -27.79 -1.75
C LEU F 5 20.78 -26.70 -1.80
N ARG F 6 19.85 -26.79 -2.75
CA ARG F 6 18.70 -25.90 -2.76
C ARG F 6 17.83 -26.14 -1.52
N ALA F 7 17.72 -27.40 -1.10
CA ALA F 7 16.99 -27.69 0.13
C ALA F 7 17.79 -27.29 1.36
N GLU F 8 19.11 -27.48 1.33
CA GLU F 8 19.94 -27.07 2.45
C GLU F 8 19.99 -25.56 2.56
N ALA F 9 19.82 -24.87 1.44
CA ALA F 9 19.53 -23.45 1.49
C ALA F 9 18.18 -23.19 2.13
N ARG F 10 17.21 -24.05 1.83
CA ARG F 10 15.83 -23.76 2.20
C ARG F 10 15.61 -23.93 3.69
N ILE F 11 16.30 -24.88 4.32
CA ILE F 11 16.19 -25.03 5.77
C ILE F 11 16.93 -23.91 6.48
N LEU F 12 18.04 -23.43 5.91
CA LEU F 12 18.81 -22.38 6.58
C LEU F 12 18.16 -21.04 6.39
N GLU F 13 17.31 -20.91 5.37
CA GLU F 13 16.51 -19.71 5.22
C GLU F 13 15.51 -19.58 6.34
N ALA F 14 14.96 -20.70 6.82
CA ALA F 14 13.94 -20.64 7.85
C ALA F 14 14.53 -20.26 9.19
N LYS F 15 15.77 -20.67 9.45
CA LYS F 15 16.36 -20.48 10.77
C LYS F 15 16.65 -19.00 11.05
N ALA F 16 16.78 -18.20 10.01
CA ALA F 16 16.95 -16.77 10.22
C ALA F 16 15.65 -16.13 10.68
N GLU F 17 14.52 -16.65 10.20
CA GLU F 17 13.25 -15.94 10.39
C GLU F 17 12.75 -16.05 11.82
N ILE F 18 13.09 -17.14 12.51
CA ILE F 18 12.76 -17.24 13.93
C ILE F 18 13.51 -16.18 14.71
N LEU F 19 14.78 -15.97 14.36
CA LEU F 19 15.57 -14.94 15.04
C LEU F 19 15.11 -13.55 14.69
N LYS F 20 14.48 -13.38 13.52
CA LYS F 20 13.93 -12.08 13.15
C LYS F 20 12.76 -11.71 14.05
N ALA F 21 11.81 -12.64 14.21
CA ALA F 21 10.70 -12.37 15.11
C ALA F 21 11.11 -12.44 16.56
N LYS F 22 12.25 -13.07 16.85
CA LYS F 22 12.78 -13.04 18.21
C LYS F 22 13.21 -11.64 18.58
N ALA F 23 13.77 -10.90 17.62
CA ALA F 23 14.16 -9.53 17.88
C ALA F 23 12.94 -8.63 18.02
N GLU F 24 11.88 -8.92 17.27
CA GLU F 24 10.72 -8.04 17.29
C GLU F 24 9.89 -8.21 18.55
N VAL F 25 10.04 -9.34 19.24
CA VAL F 25 9.55 -9.42 20.60
C VAL F 25 10.28 -8.43 21.48
N LEU F 26 11.61 -8.40 21.35
CA LEU F 26 12.43 -7.47 22.12
C LEU F 26 12.26 -6.04 21.64
N LYS F 27 11.79 -5.84 20.41
CA LYS F 27 11.59 -4.49 19.90
C LYS F 27 10.45 -3.79 20.62
N ALA F 28 9.28 -4.42 20.66
CA ALA F 28 8.16 -3.81 21.35
C ALA F 28 8.26 -3.97 22.85
N LYS F 29 9.20 -4.80 23.32
CA LYS F 29 9.44 -4.93 24.75
C LYS F 29 9.95 -3.63 25.33
N ALA F 30 10.83 -2.94 24.60
CA ALA F 30 11.27 -1.62 25.02
C ALA F 30 10.19 -0.58 24.79
N GLU F 31 9.26 -0.85 23.88
CA GLU F 31 8.23 0.13 23.60
C GLU F 31 7.20 0.19 24.72
N ILE F 32 7.04 -0.91 25.45
CA ILE F 32 6.33 -0.85 26.71
C ILE F 32 7.11 -0.01 27.71
N LEU F 33 8.44 -0.12 27.66
CA LEU F 33 9.30 0.50 28.67
C LEU F 33 9.49 1.98 28.41
N LYS F 34 8.91 2.52 27.35
CA LYS F 34 9.01 3.94 27.12
C LYS F 34 7.64 4.60 27.07
N ALA F 35 6.62 3.85 26.68
CA ALA F 35 5.27 4.40 26.70
C ALA F 35 4.72 4.57 28.11
N GLN F 36 5.35 3.95 29.10
CA GLN F 36 5.04 4.25 30.49
C GLN F 36 5.96 5.34 30.99
N THR G 1 5.67 -40.10 10.70
CA THR G 1 6.33 -38.91 11.24
C THR G 1 5.96 -37.70 10.40
N LEU G 2 5.85 -37.92 9.09
CA LEU G 2 5.64 -36.83 8.14
C LEU G 2 4.30 -36.15 8.37
N GLU G 3 3.22 -36.93 8.31
CA GLU G 3 1.90 -36.41 8.65
C GLU G 3 1.80 -36.06 10.12
N GLU G 4 2.59 -36.72 10.96
CA GLU G 4 2.65 -36.36 12.37
C GLU G 4 3.27 -34.99 12.56
N LEU G 5 4.42 -34.74 11.90
CA LEU G 5 5.00 -33.40 11.92
C LEU G 5 4.10 -32.40 11.22
N ARG G 6 3.35 -32.85 10.21
CA ARG G 6 2.33 -32.01 9.61
C ARG G 6 1.24 -31.70 10.62
N ALA G 7 0.91 -32.66 11.48
CA ALA G 7 -0.05 -32.40 12.54
C ALA G 7 0.55 -31.57 13.65
N GLU G 8 1.82 -31.78 13.98
CA GLU G 8 2.48 -30.97 14.99
C GLU G 8 2.68 -29.55 14.50
N ALA G 9 2.78 -29.38 13.18
CA ALA G 9 2.65 -28.05 12.61
C ALA G 9 1.25 -27.52 12.80
N ARG G 10 0.26 -28.40 12.66
CA ARG G 10 -1.13 -27.94 12.59
C ARG G 10 -1.63 -27.47 13.95
N ILE G 11 -1.17 -28.10 15.03
CA ILE G 11 -1.55 -27.64 16.35
C ILE G 11 -0.83 -26.34 16.70
N LEU G 12 0.40 -26.17 16.24
CA LEU G 12 1.15 -24.97 16.58
C LEU G 12 0.69 -23.80 15.74
N GLU G 13 0.06 -24.09 14.60
CA GLU G 13 -0.55 -23.03 13.82
C GLU G 13 -1.73 -22.42 14.57
N ALA G 14 -2.47 -23.23 15.31
CA ALA G 14 -3.64 -22.73 16.00
C ALA G 14 -3.27 -21.84 17.17
N LYS G 15 -2.15 -22.14 17.83
CA LYS G 15 -1.78 -21.44 19.06
C LYS G 15 -1.40 -19.99 18.79
N ALA G 16 -0.99 -19.69 17.56
CA ALA G 16 -0.70 -18.30 17.21
C ALA G 16 -1.99 -17.50 17.10
N GLU G 17 -3.06 -18.14 16.64
CA GLU G 17 -4.25 -17.38 16.26
C GLU G 17 -5.02 -16.88 17.47
N ILE G 18 -4.93 -17.59 18.60
CA ILE G 18 -5.52 -17.09 19.84
C ILE G 18 -4.81 -15.83 20.28
N LEU G 19 -3.48 -15.81 20.13
CA LEU G 19 -2.72 -14.62 20.50
C LEU G 19 -2.96 -13.48 19.53
N LYS G 20 -3.33 -13.79 18.30
CA LYS G 20 -3.67 -12.74 17.33
C LYS G 20 -4.93 -12.01 17.75
N ALA G 21 -5.99 -12.76 18.06
CA ALA G 21 -7.21 -12.12 18.52
C ALA G 21 -7.08 -11.59 19.93
N LYS G 22 -6.08 -12.09 20.68
CA LYS G 22 -5.80 -11.51 21.99
C LYS G 22 -5.29 -10.09 21.86
N ALA G 23 -4.50 -9.83 20.83
CA ALA G 23 -4.01 -8.48 20.60
C ALA G 23 -5.13 -7.57 20.11
N GLU G 24 -6.06 -8.11 19.33
CA GLU G 24 -7.10 -7.27 18.75
C GLU G 24 -8.15 -6.88 19.77
N VAL G 25 -8.26 -7.64 20.87
CA VAL G 25 -9.00 -7.14 22.02
C VAL G 25 -8.32 -5.89 22.57
N LEU G 26 -7.00 -5.96 22.71
CA LEU G 26 -6.24 -4.82 23.21
C LEU G 26 -6.16 -3.70 22.18
N LYS G 27 -6.37 -4.02 20.90
CA LYS G 27 -6.32 -2.99 19.86
C LYS G 27 -7.49 -2.03 19.99
N ALA G 28 -8.71 -2.55 20.03
CA ALA G 28 -9.86 -1.67 20.16
C ALA G 28 -10.04 -1.21 21.60
N LYS G 29 -9.30 -1.80 22.54
CA LYS G 29 -9.34 -1.34 23.91
C LYS G 29 -8.80 0.08 24.03
N ALA G 30 -7.74 0.37 23.29
CA ALA G 30 -7.24 1.74 23.23
C ALA G 30 -8.14 2.63 22.38
N GLU G 31 -8.91 2.03 21.48
CA GLU G 31 -9.76 2.83 20.62
C GLU G 31 -10.95 3.37 21.39
N ILE G 32 -11.37 2.68 22.45
CA ILE G 32 -12.29 3.28 23.40
C ILE G 32 -11.60 4.42 24.13
N LEU G 33 -10.31 4.27 24.40
CA LEU G 33 -9.59 5.21 25.22
C LEU G 33 -9.19 6.46 24.45
N LYS G 34 -9.51 6.53 23.17
CA LYS G 34 -9.20 7.74 22.42
C LYS G 34 -10.47 8.35 21.83
N ALA G 35 -11.48 7.54 21.57
CA ALA G 35 -12.74 8.09 21.08
C ALA G 35 -13.51 8.84 22.16
N GLN G 36 -13.15 8.66 23.42
CA GLN G 36 -13.67 9.50 24.47
C GLN G 36 -12.73 10.69 24.69
N THR H 1 -3.35 29.86 -28.63
CA THR H 1 -1.94 29.67 -28.34
C THR H 1 -1.78 28.97 -27.00
N LEU H 2 -2.66 29.32 -26.06
CA LEU H 2 -2.55 28.84 -24.69
C LEU H 2 -2.74 27.33 -24.62
N GLU H 3 -3.88 26.85 -25.11
CA GLU H 3 -4.10 25.42 -25.21
C GLU H 3 -3.18 24.78 -26.23
N GLU H 4 -2.74 25.55 -27.22
CA GLU H 4 -1.75 25.06 -28.17
C GLU H 4 -0.41 24.84 -27.48
N LEU H 5 0.05 25.81 -26.71
CA LEU H 5 1.26 25.61 -25.90
C LEU H 5 1.05 24.55 -24.84
N ARG H 6 -0.17 24.42 -24.34
CA ARG H 6 -0.50 23.30 -23.48
C ARG H 6 -0.39 21.98 -24.23
N ALA H 7 -0.76 21.98 -25.51
CA ALA H 7 -0.60 20.79 -26.32
C ALA H 7 0.86 20.58 -26.69
N GLU H 8 1.59 21.66 -26.96
CA GLU H 8 3.01 21.51 -27.28
C GLU H 8 3.80 21.09 -26.05
N ALA H 9 3.30 21.43 -24.87
CA ALA H 9 3.80 20.80 -23.66
C ALA H 9 3.45 19.33 -23.64
N ARG H 10 2.26 18.98 -24.12
CA ARG H 10 1.74 17.64 -23.93
C ARG H 10 2.46 16.63 -24.82
N ILE H 11 2.86 17.06 -26.02
CA ILE H 11 3.63 16.17 -26.88
C ILE H 11 5.06 16.01 -26.37
N LEU H 12 5.61 17.07 -25.78
CA LEU H 12 6.99 16.98 -25.31
C LEU H 12 7.07 16.24 -24.00
N GLU H 13 5.95 16.16 -23.29
CA GLU H 13 5.88 15.31 -22.11
C GLU H 13 6.01 13.84 -22.48
N ALA H 14 5.46 13.46 -23.62
CA ALA H 14 5.47 12.05 -24.00
C ALA H 14 6.87 11.61 -24.43
N LYS H 15 7.63 12.52 -25.03
CA LYS H 15 8.93 12.15 -25.61
C LYS H 15 9.94 11.81 -24.54
N ALA H 16 9.73 12.31 -23.32
CA ALA H 16 10.62 11.92 -22.22
C ALA H 16 10.37 10.50 -21.80
N GLU H 17 9.12 10.05 -21.88
CA GLU H 17 8.75 8.78 -21.26
C GLU H 17 9.28 7.59 -22.03
N ILE H 18 9.44 7.73 -23.35
CA ILE H 18 10.06 6.68 -24.14
C ILE H 18 11.52 6.52 -23.72
N LEU H 19 12.20 7.63 -23.46
CA LEU H 19 13.58 7.56 -23.03
C LEU H 19 13.70 7.04 -21.61
N LYS H 20 12.65 7.21 -20.80
CA LYS H 20 12.66 6.64 -19.45
C LYS H 20 12.64 5.13 -19.50
N ALA H 21 11.73 4.55 -20.27
CA ALA H 21 11.69 3.10 -20.39
C ALA H 21 12.83 2.59 -21.25
N LYS H 22 13.45 3.47 -22.05
CA LYS H 22 14.65 3.07 -22.77
C LYS H 22 15.79 2.80 -21.81
N ALA H 23 15.88 3.60 -20.74
CA ALA H 23 16.91 3.37 -19.74
C ALA H 23 16.63 2.11 -18.93
N GLU H 24 15.36 1.82 -18.69
CA GLU H 24 15.03 0.69 -17.84
C GLU H 24 15.22 -0.64 -18.55
N VAL H 25 15.23 -0.63 -19.88
CA VAL H 25 15.73 -1.78 -20.61
C VAL H 25 17.20 -1.99 -20.30
N LEU H 26 17.97 -0.90 -20.33
CA LEU H 26 19.40 -0.98 -20.02
C LEU H 26 19.64 -1.21 -18.53
N LYS H 27 18.65 -0.91 -17.69
CA LYS H 27 18.81 -1.12 -16.25
C LYS H 27 18.86 -2.60 -15.93
N ALA H 28 17.85 -3.35 -16.36
CA ALA H 28 17.85 -4.78 -16.09
C ALA H 28 18.78 -5.53 -17.01
N LYS H 29 19.30 -4.86 -18.05
CA LYS H 29 20.29 -5.48 -18.92
C LYS H 29 21.58 -5.78 -18.16
N ALA H 30 21.98 -4.86 -17.28
CA ALA H 30 23.12 -5.14 -16.42
C ALA H 30 22.75 -6.10 -15.31
N GLU H 31 21.46 -6.20 -14.98
CA GLU H 31 21.08 -7.10 -13.90
C GLU H 31 21.16 -8.55 -14.33
N ILE H 32 21.01 -8.81 -15.62
CA ILE H 32 21.38 -10.11 -16.16
C ILE H 32 22.88 -10.32 -16.05
N LEU H 33 23.64 -9.24 -16.23
CA LEU H 33 25.09 -9.33 -16.31
C LEU H 33 25.74 -9.43 -14.94
N LYS H 34 24.93 -9.41 -13.88
CA LYS H 34 25.51 -9.58 -12.55
C LYS H 34 24.89 -10.77 -11.84
N ALA H 35 23.67 -11.13 -12.17
CA ALA H 35 23.07 -12.32 -11.58
C ALA H 35 23.69 -13.61 -12.11
N GLN H 36 24.42 -13.55 -13.22
CA GLN H 36 25.22 -14.67 -13.65
C GLN H 36 26.62 -14.56 -13.06
N THR I 1 -30.44 20.94 22.09
CA THR I 1 -29.17 21.34 21.49
C THR I 1 -28.46 20.12 20.93
N LEU I 2 -28.59 19.01 21.65
CA LEU I 2 -27.86 17.79 21.32
C LEU I 2 -28.29 17.24 19.97
N GLU I 3 -29.58 16.96 19.82
CA GLU I 3 -30.12 16.56 18.53
C GLU I 3 -30.06 17.69 17.52
N GLU I 4 -30.07 18.93 18.00
CA GLU I 4 -29.89 20.07 17.11
C GLU I 4 -28.48 20.10 16.55
N LEU I 5 -27.47 19.94 17.41
CA LEU I 5 -26.11 19.81 16.93
C LEU I 5 -25.91 18.55 16.11
N ARG I 6 -26.67 17.50 16.44
CA ARG I 6 -26.70 16.32 15.59
C ARG I 6 -27.29 16.65 14.22
N ALA I 7 -28.29 17.53 14.20
CA ALA I 7 -28.84 17.97 12.93
C ALA I 7 -27.91 18.94 12.23
N GLU I 8 -27.24 19.81 12.98
CA GLU I 8 -26.29 20.74 12.36
C GLU I 8 -25.07 19.99 11.84
N ALA I 9 -24.76 18.85 12.45
CA ALA I 9 -23.84 17.91 11.84
C ALA I 9 -24.41 17.34 10.57
N ARG I 10 -25.72 17.07 10.57
CA ARG I 10 -26.32 16.30 9.48
C ARG I 10 -26.42 17.13 8.22
N ILE I 11 -26.66 18.43 8.35
CA ILE I 11 -26.70 19.29 7.17
C ILE I 11 -25.29 19.52 6.63
N LEU I 12 -24.29 19.59 7.52
CA LEU I 12 -22.94 19.84 7.04
C LEU I 12 -22.32 18.59 6.47
N GLU I 13 -22.86 17.43 6.82
CA GLU I 13 -22.44 16.20 6.18
C GLU I 13 -22.85 16.18 4.72
N ALA I 14 -24.00 16.76 4.41
CA ALA I 14 -24.49 16.71 3.03
C ALA I 14 -23.69 17.63 2.12
N LYS I 15 -23.20 18.75 2.67
CA LYS I 15 -22.55 19.76 1.84
C LYS I 15 -21.21 19.27 1.31
N ALA I 16 -20.61 18.30 1.99
CA ALA I 16 -19.38 17.72 1.48
C ALA I 16 -19.64 16.87 0.25
N GLU I 17 -20.79 16.19 0.22
CA GLU I 17 -21.02 15.16 -0.78
C GLU I 17 -21.27 15.75 -2.16
N ILE I 18 -21.82 16.96 -2.22
CA ILE I 18 -21.97 17.64 -3.50
C ILE I 18 -20.60 17.97 -4.08
N LEU I 19 -19.67 18.38 -3.22
CA LEU I 19 -18.33 18.68 -3.66
C LEU I 19 -17.57 17.42 -4.04
N LYS I 20 -17.94 16.28 -3.46
CA LYS I 20 -17.32 15.02 -3.84
C LYS I 20 -17.68 14.64 -5.27
N ALA I 21 -18.96 14.69 -5.60
CA ALA I 21 -19.36 14.39 -6.96
C ALA I 21 -19.01 15.52 -7.91
N LYS I 22 -18.76 16.71 -7.37
CA LYS I 22 -18.26 17.80 -8.21
C LYS I 22 -16.86 17.50 -8.71
N ALA I 23 -16.05 16.86 -7.88
CA ALA I 23 -14.70 16.48 -8.31
C ALA I 23 -14.76 15.34 -9.30
N GLU I 24 -15.73 14.44 -9.15
CA GLU I 24 -15.76 13.26 -10.01
C GLU I 24 -16.27 13.60 -11.40
N VAL I 25 -16.99 14.71 -11.55
CA VAL I 25 -17.23 15.25 -12.87
C VAL I 25 -15.90 15.66 -13.50
N LEU I 26 -15.07 16.34 -12.73
CA LEU I 26 -13.76 16.76 -13.23
C LEU I 26 -12.80 15.59 -13.36
N LYS I 27 -13.08 14.48 -12.66
CA LYS I 27 -12.21 13.32 -12.75
C LYS I 27 -12.30 12.67 -14.12
N ALA I 28 -13.52 12.34 -14.55
CA ALA I 28 -13.67 11.73 -15.86
C ALA I 28 -13.57 12.76 -16.98
N LYS I 29 -13.58 14.06 -16.63
CA LYS I 29 -13.38 15.10 -17.63
C LYS I 29 -11.98 15.01 -18.23
N ALA I 30 -10.98 14.73 -17.39
CA ALA I 30 -9.65 14.50 -17.92
C ALA I 30 -9.54 13.14 -18.58
N GLU I 31 -10.42 12.21 -18.24
CA GLU I 31 -10.34 10.89 -18.83
C GLU I 31 -10.81 10.90 -20.27
N ILE I 32 -11.70 11.84 -20.61
CA ILE I 32 -11.97 12.11 -22.02
C ILE I 32 -10.72 12.70 -22.67
N LEU I 33 -9.99 13.52 -21.93
CA LEU I 33 -8.86 14.26 -22.49
C LEU I 33 -7.62 13.41 -22.63
N LYS I 34 -7.68 12.14 -22.23
CA LYS I 34 -6.53 11.28 -22.43
C LYS I 34 -6.89 10.07 -23.27
N ALA I 35 -8.15 9.66 -23.26
CA ALA I 35 -8.55 8.55 -24.12
C ALA I 35 -8.62 8.95 -25.58
N GLN I 36 -8.61 10.25 -25.88
CA GLN I 36 -8.43 10.70 -27.25
C GLN I 36 -6.95 10.93 -27.53
N THR J 1 -1.92 9.00 40.19
CA THR J 1 -0.97 9.96 39.66
C THR J 1 -0.39 9.46 38.37
N LEU J 2 -0.16 8.15 38.31
CA LEU J 2 0.51 7.53 37.18
C LEU J 2 -0.29 7.68 35.90
N GLU J 3 -1.53 7.19 35.91
CA GLU J 3 -2.43 7.40 34.78
C GLU J 3 -2.81 8.86 34.64
N GLU J 4 -2.78 9.61 35.73
CA GLU J 4 -3.01 11.04 35.66
C GLU J 4 -1.87 11.74 34.92
N LEU J 5 -0.62 11.42 35.28
CA LEU J 5 0.52 11.93 34.52
C LEU J 5 0.53 11.39 33.11
N ARG J 6 0.03 10.17 32.92
CA ARG J 6 -0.17 9.64 31.58
C ARG J 6 -1.22 10.47 30.83
N ALA J 7 -2.24 10.93 31.55
CA ALA J 7 -3.23 11.81 30.93
C ALA J 7 -2.68 13.22 30.73
N GLU J 8 -1.86 13.70 31.68
CA GLU J 8 -1.26 15.02 31.51
C GLU J 8 -0.23 15.01 30.41
N ALA J 9 0.37 13.84 30.16
CA ALA J 9 1.11 13.66 28.93
C ALA J 9 0.20 13.72 27.73
N ARG J 10 -1.00 13.14 27.86
CA ARG J 10 -1.85 12.94 26.70
C ARG J 10 -2.46 14.23 26.21
N ILE J 11 -2.76 15.16 27.13
CA ILE J 11 -3.26 16.47 26.71
C ILE J 11 -2.13 17.30 26.10
N LEU J 12 -0.91 17.16 26.61
CA LEU J 12 0.18 17.97 26.09
C LEU J 12 0.68 17.43 24.77
N GLU J 13 0.39 16.15 24.50
CA GLU J 13 0.69 15.60 23.19
C GLU J 13 -0.19 16.25 22.12
N ALA J 14 -1.43 16.58 22.47
CA ALA J 14 -2.35 17.13 21.48
C ALA J 14 -1.98 18.56 21.12
N LYS J 15 -1.44 19.31 22.09
CA LYS J 15 -1.19 20.73 21.88
C LYS J 15 -0.07 20.97 20.88
N ALA J 16 0.81 19.99 20.71
CA ALA J 16 1.85 20.11 19.70
C ALA J 16 1.27 19.99 18.30
N GLU J 17 0.23 19.16 18.15
CA GLU J 17 -0.23 18.79 16.82
C GLU J 17 -0.97 19.93 16.13
N ILE J 18 -1.62 20.78 16.90
CA ILE J 18 -2.24 21.97 16.33
C ILE J 18 -1.17 22.90 15.77
N LEU J 19 -0.05 23.03 16.47
CA LEU J 19 1.03 23.86 16.00
C LEU J 19 1.73 23.24 14.79
N LYS J 20 1.67 21.91 14.68
CA LYS J 20 2.24 21.25 13.51
C LYS J 20 1.47 21.60 12.25
N ALA J 21 0.15 21.47 12.30
CA ALA J 21 -0.66 21.84 11.15
C ALA J 21 -0.74 23.35 10.99
N LYS J 22 -0.44 24.10 12.04
CA LYS J 22 -0.35 25.55 11.92
C LYS J 22 0.82 25.94 11.03
N ALA J 23 1.93 25.19 11.13
CA ALA J 23 3.07 25.47 10.26
C ALA J 23 2.79 25.04 8.84
N GLU J 24 2.02 23.98 8.65
CA GLU J 24 1.80 23.47 7.30
C GLU J 24 0.82 24.34 6.53
N VAL J 25 0.00 25.13 7.21
CA VAL J 25 -0.71 26.21 6.54
C VAL J 25 0.28 27.21 5.99
N LEU J 26 1.26 27.58 6.81
CA LEU J 26 2.29 28.52 6.37
C LEU J 26 3.25 27.90 5.37
N LYS J 27 3.32 26.56 5.33
CA LYS J 27 4.22 25.89 4.40
C LYS J 27 3.72 26.06 2.97
N ALA J 28 2.46 25.71 2.72
CA ALA J 28 1.94 25.86 1.37
C ALA J 28 1.57 27.31 1.08
N LYS J 29 1.57 28.17 2.10
CA LYS J 29 1.33 29.59 1.87
C LYS J 29 2.43 30.20 1.04
N ALA J 30 3.68 29.80 1.30
CA ALA J 30 4.78 30.24 0.46
C ALA J 30 4.78 29.52 -0.87
N GLU J 31 4.15 28.34 -0.94
CA GLU J 31 4.14 27.61 -2.20
C GLU J 31 3.22 28.25 -3.21
N ILE J 32 2.19 28.96 -2.74
CA ILE J 32 1.45 29.84 -3.61
C ILE J 32 2.34 31.00 -4.07
N LEU J 33 3.22 31.45 -3.17
CA LEU J 33 4.01 32.65 -3.43
C LEU J 33 5.21 32.36 -4.31
N LYS J 34 5.39 31.11 -4.72
CA LYS J 34 6.49 30.82 -5.64
C LYS J 34 5.98 30.19 -6.93
N ALA J 35 4.83 29.51 -6.87
CA ALA J 35 4.27 28.96 -8.09
C ALA J 35 3.67 30.04 -9.00
N GLN J 36 3.47 31.25 -8.48
CA GLN J 36 3.14 32.38 -9.32
C GLN J 36 4.41 33.09 -9.74
N THR K 1 -9.82 -2.49 -42.91
CA THR K 1 -8.61 -2.48 -42.10
C THR K 1 -8.94 -2.28 -40.64
N LEU K 2 -9.97 -1.45 -40.42
CA LEU K 2 -10.34 -1.05 -39.05
C LEU K 2 -10.82 -2.24 -38.24
N GLU K 3 -11.86 -2.92 -38.74
CA GLU K 3 -12.30 -4.16 -38.10
C GLU K 3 -11.28 -5.26 -38.24
N GLU K 4 -10.45 -5.20 -39.27
CA GLU K 4 -9.35 -6.15 -39.40
C GLU K 4 -8.31 -5.93 -38.31
N LEU K 5 -7.90 -4.68 -38.09
CA LEU K 5 -7.02 -4.37 -36.97
C LEU K 5 -7.70 -4.63 -35.64
N ARG K 6 -9.02 -4.45 -35.59
CA ARG K 6 -9.79 -4.87 -34.42
C ARG K 6 -9.73 -6.37 -34.24
N ALA K 7 -9.73 -7.12 -35.35
CA ALA K 7 -9.57 -8.56 -35.26
C ALA K 7 -8.13 -8.94 -34.96
N GLU K 8 -7.16 -8.22 -35.51
CA GLU K 8 -5.77 -8.51 -35.21
C GLU K 8 -5.44 -8.14 -33.77
N ALA K 9 -6.18 -7.19 -33.21
CA ALA K 9 -6.16 -7.00 -31.77
C ALA K 9 -6.77 -8.20 -31.07
N ARG K 10 -7.83 -8.75 -31.65
CA ARG K 10 -8.63 -9.75 -30.94
C ARG K 10 -7.89 -11.08 -30.84
N ILE K 11 -7.11 -11.42 -31.86
CA ILE K 11 -6.31 -12.65 -31.78
C ILE K 11 -5.13 -12.47 -30.82
N LEU K 12 -4.57 -11.27 -30.76
CA LEU K 12 -3.41 -11.06 -29.89
C LEU K 12 -3.85 -10.91 -28.45
N GLU K 13 -5.11 -10.58 -28.24
CA GLU K 13 -5.65 -10.58 -26.89
C GLU K 13 -5.71 -11.99 -26.33
N ALA K 14 -5.99 -12.98 -27.19
CA ALA K 14 -6.14 -14.34 -26.71
C ALA K 14 -4.79 -14.94 -26.33
N LYS K 15 -3.73 -14.54 -27.03
CA LYS K 15 -2.42 -15.17 -26.85
C LYS K 15 -1.82 -14.83 -25.49
N ALA K 16 -2.26 -13.72 -24.90
CA ALA K 16 -1.80 -13.39 -23.56
C ALA K 16 -2.42 -14.32 -22.53
N GLU K 17 -3.66 -14.74 -22.76
CA GLU K 17 -4.41 -15.41 -21.72
C GLU K 17 -3.94 -16.83 -21.49
N ILE K 18 -3.40 -17.48 -22.52
CA ILE K 18 -2.79 -18.78 -22.34
C ILE K 18 -1.57 -18.67 -21.46
N LEU K 19 -0.78 -17.61 -21.64
CA LEU K 19 0.39 -17.41 -20.80
C LEU K 19 0.01 -17.02 -19.39
N LYS K 20 -1.16 -16.42 -19.21
CA LYS K 20 -1.63 -16.10 -17.86
C LYS K 20 -1.93 -17.36 -17.08
N ALA K 21 -2.68 -18.29 -17.67
CA ALA K 21 -2.96 -19.54 -16.98
C ALA K 21 -1.75 -20.45 -16.98
N LYS K 22 -0.78 -20.19 -17.86
CA LYS K 22 0.48 -20.93 -17.80
C LYS K 22 1.24 -20.58 -16.54
N ALA K 23 1.18 -19.32 -16.12
CA ALA K 23 1.84 -18.93 -14.88
C ALA K 23 1.11 -19.48 -13.67
N GLU K 24 -0.21 -19.60 -13.76
CA GLU K 24 -0.96 -20.01 -12.58
C GLU K 24 -0.85 -21.51 -12.35
N VAL K 25 -0.47 -22.27 -13.37
CA VAL K 25 -0.02 -23.64 -13.14
C VAL K 25 1.24 -23.61 -12.29
N LEU K 26 2.19 -22.74 -12.65
CA LEU K 26 3.42 -22.63 -11.90
C LEU K 26 3.21 -21.96 -10.55
N LYS K 27 2.10 -21.23 -10.39
CA LYS K 27 1.83 -20.57 -9.12
C LYS K 27 1.50 -21.59 -8.05
N ALA K 28 0.53 -22.46 -8.31
CA ALA K 28 0.17 -23.46 -7.32
C ALA K 28 1.17 -24.61 -7.30
N LYS K 29 2.07 -24.66 -8.29
CA LYS K 29 3.12 -25.67 -8.30
C LYS K 29 4.06 -25.47 -7.13
N ALA K 30 4.38 -24.21 -6.82
CA ALA K 30 5.17 -23.94 -5.62
C ALA K 30 4.34 -24.08 -4.36
N GLU K 31 3.02 -23.97 -4.49
CA GLU K 31 2.18 -24.08 -3.30
C GLU K 31 2.10 -25.52 -2.81
N ILE K 32 2.27 -26.48 -3.71
CA ILE K 32 2.51 -27.86 -3.29
C ILE K 32 3.86 -27.95 -2.59
N LEU K 33 4.83 -27.17 -3.07
CA LEU K 33 6.21 -27.29 -2.59
C LEU K 33 6.42 -26.57 -1.27
N LYS K 34 5.38 -25.95 -0.74
CA LYS K 34 5.53 -25.32 0.57
C LYS K 34 4.53 -25.87 1.57
N ALA K 35 3.39 -26.38 1.10
CA ALA K 35 2.44 -26.99 2.00
C ALA K 35 2.91 -28.36 2.50
N GLN K 36 3.93 -28.94 1.86
CA GLN K 36 4.58 -30.11 2.40
C GLN K 36 5.77 -29.67 3.27
N THR L 1 29.01 -27.23 -13.58
CA THR L 1 29.80 -26.47 -12.62
C THR L 1 29.23 -25.08 -12.46
N LEU L 2 28.75 -24.53 -13.58
CA LEU L 2 28.28 -23.15 -13.61
C LEU L 2 27.07 -22.95 -12.71
N GLU L 3 26.01 -23.72 -12.96
CA GLU L 3 24.85 -23.70 -12.07
C GLU L 3 25.18 -24.28 -10.72
N GLU L 4 26.17 -25.16 -10.65
CA GLU L 4 26.63 -25.68 -9.36
C GLU L 4 27.30 -24.57 -8.56
N LEU L 5 28.21 -23.82 -9.18
CA LEU L 5 28.79 -22.65 -8.51
C LEU L 5 27.74 -21.59 -8.25
N ARG L 6 26.73 -21.50 -9.11
CA ARG L 6 25.58 -20.65 -8.83
C ARG L 6 24.84 -21.15 -7.60
N ALA L 7 24.75 -22.47 -7.45
CA ALA L 7 24.13 -23.02 -6.25
C ALA L 7 25.04 -22.88 -5.03
N GLU L 8 26.35 -23.03 -5.22
CA GLU L 8 27.28 -22.85 -4.10
C GLU L 8 27.34 -21.40 -3.69
N ALA L 9 27.07 -20.50 -4.62
CA ALA L 9 26.79 -19.12 -4.25
C ALA L 9 25.51 -19.03 -3.46
N ARG L 10 24.51 -19.81 -3.84
CA ARG L 10 23.17 -19.64 -3.31
C ARG L 10 23.08 -20.11 -1.86
N ILE L 11 23.83 -21.16 -1.52
CA ILE L 11 23.84 -21.61 -0.13
C ILE L 11 24.65 -20.64 0.73
N LEU L 12 25.70 -20.05 0.19
CA LEU L 12 26.52 -19.15 0.99
C LEU L 12 25.86 -17.80 1.14
N GLU L 13 24.93 -17.49 0.25
CA GLU L 13 24.12 -16.29 0.41
C GLU L 13 23.22 -16.42 1.63
N ALA L 14 22.72 -17.61 1.91
CA ALA L 14 21.79 -17.79 3.01
C ALA L 14 22.49 -17.69 4.35
N LYS L 15 23.75 -18.12 4.41
CA LYS L 15 24.46 -18.20 5.68
C LYS L 15 24.76 -16.82 6.24
N ALA L 16 24.81 -15.80 5.38
CA ALA L 16 24.99 -14.45 5.87
C ALA L 16 23.74 -13.94 6.57
N GLU L 17 22.58 -14.37 6.08
CA GLU L 17 21.34 -13.74 6.52
C GLU L 17 20.96 -14.15 7.93
N ILE L 18 21.36 -15.35 8.36
CA ILE L 18 21.15 -15.75 9.74
C ILE L 18 21.97 -14.88 10.66
N LEU L 19 23.20 -14.56 10.25
CA LEU L 19 24.05 -13.70 11.06
C LEU L 19 23.56 -12.26 11.04
N LYS L 20 22.84 -11.86 10.00
CA LYS L 20 22.26 -10.52 9.96
C LYS L 20 21.17 -10.37 11.02
N ALA L 21 20.24 -11.33 11.07
CA ALA L 21 19.21 -11.26 12.09
C ALA L 21 19.74 -11.64 13.45
N LYS L 22 20.90 -12.29 13.50
CA LYS L 22 21.56 -12.53 14.78
C LYS L 22 22.02 -11.24 15.40
N ALA L 23 22.49 -10.31 14.58
CA ALA L 23 22.91 -9.00 15.08
C ALA L 23 21.71 -8.18 15.51
N GLU L 24 20.58 -8.34 14.82
CA GLU L 24 19.43 -7.49 15.11
C GLU L 24 18.73 -7.92 16.37
N VAL L 25 18.92 -9.17 16.80
CA VAL L 25 18.55 -9.55 18.16
C VAL L 25 19.36 -8.75 19.16
N LEU L 26 20.68 -8.67 18.91
CA LEU L 26 21.56 -7.90 19.79
C LEU L 26 21.35 -6.41 19.64
N LYS L 27 20.77 -5.98 18.52
CA LYS L 27 20.53 -4.56 18.32
C LYS L 27 19.46 -4.04 19.27
N ALA L 28 18.30 -4.68 19.28
CA ALA L 28 17.24 -4.24 20.17
C ALA L 28 17.48 -4.71 21.60
N LYS L 29 18.46 -5.60 21.79
CA LYS L 29 18.82 -6.02 23.14
C LYS L 29 19.39 -4.86 23.94
N ALA L 30 20.20 -4.02 23.29
CA ALA L 30 20.66 -2.81 23.94
C ALA L 30 19.57 -1.76 24.02
N GLU L 31 18.57 -1.86 23.15
CA GLU L 31 17.51 -0.86 23.18
C GLU L 31 16.60 -1.05 24.38
N ILE L 32 16.49 -2.28 24.87
CA ILE L 32 15.90 -2.49 26.18
C ILE L 32 16.77 -1.88 27.26
N LEU L 33 18.09 -1.94 27.07
CA LEU L 33 19.03 -1.53 28.10
C LEU L 33 19.21 -0.03 28.15
N LYS L 34 18.52 0.71 27.28
CA LYS L 34 18.62 2.16 27.35
C LYS L 34 17.25 2.78 27.55
N ALA L 35 16.19 2.12 27.11
CA ALA L 35 14.85 2.63 27.35
C ALA L 35 14.43 2.50 28.81
N GLN L 36 15.13 1.69 29.59
CA GLN L 36 14.95 1.68 31.03
C GLN L 36 15.91 2.67 31.67
N THR M 1 -3.75 -40.68 18.02
CA THR M 1 -3.11 -39.44 18.40
C THR M 1 -3.31 -38.40 17.30
N LEU M 2 -3.28 -38.87 16.05
CA LEU M 2 -3.32 -38.00 14.89
C LEU M 2 -4.66 -37.26 14.81
N GLU M 3 -5.76 -38.01 14.77
CA GLU M 3 -7.08 -37.40 14.83
C GLU M 3 -7.34 -36.75 16.18
N GLU M 4 -6.69 -37.26 17.23
CA GLU M 4 -6.77 -36.63 18.54
C GLU M 4 -6.11 -35.26 18.53
N LEU M 5 -4.89 -35.18 17.99
CA LEU M 5 -4.26 -33.87 17.81
C LEU M 5 -5.02 -33.01 16.82
N ARG M 6 -5.66 -33.64 15.83
CA ARG M 6 -6.57 -32.91 14.97
C ARG M 6 -7.75 -32.38 15.75
N ALA M 7 -8.23 -33.15 16.73
CA ALA M 7 -9.30 -32.66 17.59
C ALA M 7 -8.79 -31.62 18.59
N GLU M 8 -7.58 -31.81 19.09
CA GLU M 8 -7.02 -30.82 20.01
C GLU M 8 -6.69 -29.53 19.28
N ALA M 9 -6.42 -29.63 17.98
CA ALA M 9 -6.42 -28.44 17.15
C ALA M 9 -7.82 -27.85 17.05
N ARG M 10 -8.83 -28.71 16.97
CA ARG M 10 -10.16 -28.26 16.63
C ARG M 10 -10.81 -27.52 17.79
N ILE M 11 -10.51 -27.93 19.03
CA ILE M 11 -11.02 -27.21 20.18
C ILE M 11 -10.29 -25.88 20.35
N LEU M 12 -9.00 -25.84 20.03
CA LEU M 12 -8.25 -24.60 20.22
C LEU M 12 -8.55 -23.61 19.11
N GLU M 13 -9.05 -24.11 17.99
CA GLU M 13 -9.52 -23.22 16.93
C GLU M 13 -10.74 -22.44 17.40
N ALA M 14 -11.60 -23.07 18.19
CA ALA M 14 -12.83 -22.42 18.61
C ALA M 14 -12.57 -21.32 19.63
N LYS M 15 -11.54 -21.51 20.46
CA LYS M 15 -11.29 -20.59 21.56
C LYS M 15 -10.81 -19.23 21.06
N ALA M 16 -10.25 -19.19 19.87
CA ALA M 16 -9.86 -17.91 19.29
C ALA M 16 -11.08 -17.12 18.86
N GLU M 17 -12.13 -17.80 18.40
CA GLU M 17 -13.23 -17.12 17.74
C GLU M 17 -14.10 -16.37 18.72
N ILE M 18 -14.19 -16.84 19.97
CA ILE M 18 -14.90 -16.10 21.00
C ILE M 18 -14.18 -14.79 21.28
N LEU M 19 -12.84 -14.82 21.29
CA LEU M 19 -12.09 -13.60 21.52
C LEU M 19 -12.16 -12.67 20.33
N LYS M 20 -12.39 -13.21 19.13
CA LYS M 20 -12.56 -12.36 17.95
C LYS M 20 -13.83 -11.54 18.05
N ALA M 21 -14.95 -12.19 18.37
CA ALA M 21 -16.19 -11.44 18.53
C ALA M 21 -16.20 -10.65 19.84
N LYS M 22 -15.33 -11.01 20.78
CA LYS M 22 -15.17 -10.19 21.98
C LYS M 22 -14.59 -8.83 21.63
N ALA M 23 -13.67 -8.80 20.67
CA ALA M 23 -13.09 -7.52 20.24
C ALA M 23 -14.10 -6.72 19.46
N GLU M 24 -14.97 -7.39 18.69
CA GLU M 24 -15.89 -6.66 17.83
C GLU M 24 -17.03 -6.05 18.61
N VAL M 25 -17.31 -6.56 19.81
CA VAL M 25 -18.15 -5.83 20.75
C VAL M 25 -17.49 -4.52 21.12
N LEU M 26 -16.19 -4.57 21.43
CA LEU M 26 -15.45 -3.38 21.79
C LEU M 26 -15.19 -2.49 20.58
N LYS M 27 -15.28 -3.06 19.37
CA LYS M 27 -15.05 -2.26 18.17
C LYS M 27 -16.19 -1.26 17.96
N ALA M 28 -17.42 -1.74 17.94
CA ALA M 28 -18.54 -0.84 17.76
C ALA M 28 -18.88 -0.09 19.04
N LYS M 29 -18.27 -0.49 20.17
CA LYS M 29 -18.46 0.23 21.41
C LYS M 29 -17.88 1.64 21.31
N ALA M 30 -16.71 1.76 20.66
CA ALA M 30 -16.16 3.07 20.40
C ALA M 30 -16.90 3.78 19.29
N GLU M 31 -17.59 3.03 18.43
CA GLU M 31 -18.30 3.67 17.34
C GLU M 31 -19.54 4.38 17.83
N ILE M 32 -20.11 3.93 18.93
CA ILE M 32 -21.12 4.71 19.64
C ILE M 32 -20.47 5.97 20.20
N LEU M 33 -19.22 5.84 20.65
CA LEU M 33 -18.56 6.92 21.37
C LEU M 33 -18.02 7.98 20.43
N LYS M 34 -18.18 7.80 19.12
CA LYS M 34 -17.73 8.82 18.20
C LYS M 34 -18.88 9.33 17.34
N ALA M 35 -19.91 8.50 17.12
CA ALA M 35 -21.06 8.96 16.38
C ALA M 35 -21.92 9.94 17.18
N GLN M 36 -21.72 10.01 18.50
CA GLN M 36 -22.33 11.06 19.30
C GLN M 36 -21.37 12.24 19.38
N THR N 1 -0.57 38.16 -20.15
CA THR N 1 0.88 37.98 -20.05
C THR N 1 1.21 37.03 -18.91
N LEU N 2 0.42 37.14 -17.83
CA LEU N 2 0.69 36.38 -16.62
C LEU N 2 0.55 34.89 -16.85
N GLU N 3 -0.62 34.46 -17.30
CA GLU N 3 -0.81 33.07 -17.70
C GLU N 3 0.01 32.71 -18.91
N GLU N 4 0.32 33.69 -19.76
CA GLU N 4 1.21 33.45 -20.89
C GLU N 4 2.62 33.15 -20.40
N LEU N 5 3.15 33.99 -19.48
CA LEU N 5 4.44 33.68 -18.87
C LEU N 5 4.38 32.41 -18.05
N ARG N 6 3.21 32.11 -17.47
CA ARG N 6 3.01 30.83 -16.82
C ARG N 6 3.08 29.71 -17.85
N ALA N 7 2.57 29.95 -19.05
CA ALA N 7 2.69 28.96 -20.10
C ALA N 7 4.10 28.91 -20.67
N GLU N 8 4.77 30.05 -20.78
CA GLU N 8 6.14 30.05 -21.25
C GLU N 8 7.06 29.42 -20.24
N ALA N 9 6.69 29.48 -18.96
CA ALA N 9 7.33 28.64 -17.97
C ALA N 9 7.04 27.18 -18.23
N ARG N 10 5.80 26.89 -18.65
CA ARG N 10 5.35 25.50 -18.69
C ARG N 10 5.99 24.74 -19.85
N ILE N 11 6.25 25.42 -20.97
CA ILE N 11 6.95 24.77 -22.07
C ILE N 11 8.42 24.59 -21.75
N LEU N 12 9.02 25.52 -21.02
CA LEU N 12 10.44 25.41 -20.72
C LEU N 12 10.68 24.41 -19.61
N GLU N 13 9.65 24.13 -18.82
CA GLU N 13 9.74 23.06 -17.85
C GLU N 13 9.86 21.71 -18.54
N ALA N 14 9.19 21.53 -19.67
CA ALA N 14 9.21 20.25 -20.33
C ALA N 14 10.56 19.97 -20.99
N LYS N 15 11.23 21.03 -21.45
CA LYS N 15 12.45 20.85 -22.23
C LYS N 15 13.60 20.34 -21.36
N ALA N 16 13.51 20.57 -20.05
CA ALA N 16 14.52 20.02 -19.16
C ALA N 16 14.36 18.52 -19.02
N GLU N 17 13.13 18.03 -19.06
CA GLU N 17 12.86 16.65 -18.70
C GLU N 17 13.33 15.67 -19.75
N ILE N 18 13.34 16.09 -21.02
CA ILE N 18 13.90 15.26 -22.07
C ILE N 18 15.40 15.09 -21.85
N LEU N 19 16.07 16.16 -21.44
CA LEU N 19 17.49 16.07 -21.17
C LEU N 19 17.78 15.27 -19.92
N LYS N 20 16.83 15.21 -18.99
CA LYS N 20 17.00 14.38 -17.79
C LYS N 20 17.02 12.91 -18.16
N ALA N 21 16.04 12.46 -18.94
CA ALA N 21 16.04 11.07 -19.36
C ALA N 21 17.09 10.80 -20.42
N LYS N 22 17.58 11.85 -21.07
CA LYS N 22 18.71 11.68 -21.98
C LYS N 22 19.97 11.28 -21.23
N ALA N 23 20.14 11.84 -20.03
CA ALA N 23 21.29 11.46 -19.21
C ALA N 23 21.13 10.06 -18.66
N GLU N 24 19.90 9.65 -18.36
CA GLU N 24 19.70 8.35 -17.73
C GLU N 24 19.84 7.22 -18.72
N VAL N 25 19.71 7.50 -20.02
CA VAL N 25 20.16 6.55 -21.03
C VAL N 25 21.66 6.36 -20.91
N LEU N 26 22.39 7.46 -20.79
CA LEU N 26 23.85 7.39 -20.65
C LEU N 26 24.25 6.88 -19.28
N LYS N 27 23.36 6.94 -18.29
CA LYS N 27 23.69 6.45 -16.97
C LYS N 27 23.80 4.93 -16.96
N ALA N 28 22.78 4.24 -17.44
CA ALA N 28 22.85 2.79 -17.48
C ALA N 28 23.69 2.29 -18.63
N LYS N 29 24.07 3.19 -19.55
CA LYS N 29 24.98 2.81 -20.63
C LYS N 29 26.34 2.43 -20.09
N ALA N 30 26.82 3.16 -19.09
CA ALA N 30 28.05 2.78 -18.42
C ALA N 30 27.84 1.58 -17.50
N GLU N 31 26.61 1.35 -17.08
CA GLU N 31 26.36 0.23 -16.17
C GLU N 31 26.44 -1.09 -16.91
N ILE N 32 26.15 -1.08 -18.21
CA ILE N 32 26.50 -2.23 -19.04
C ILE N 32 28.00 -2.38 -19.13
N LEU N 33 28.71 -1.24 -19.16
CA LEU N 33 30.15 -1.25 -19.40
C LEU N 33 30.94 -1.60 -18.16
N LYS N 34 30.26 -1.84 -17.03
CA LYS N 34 30.99 -2.25 -15.85
C LYS N 34 30.49 -3.60 -15.34
N ALA N 35 29.24 -3.94 -15.62
CA ALA N 35 28.75 -5.25 -15.23
C ALA N 35 29.33 -6.36 -16.08
N GLN N 36 29.94 -6.04 -17.21
CA GLN N 36 30.72 -7.01 -17.96
C GLN N 36 32.17 -6.95 -17.50
N THR O 1 -38.14 22.44 12.86
CA THR O 1 -36.81 22.66 12.32
C THR O 1 -36.10 21.35 12.11
N LEU O 2 -36.36 20.41 13.02
CA LEU O 2 -35.65 19.13 13.03
C LEU O 2 -35.97 18.32 11.77
N GLU O 3 -37.26 18.05 11.54
CA GLU O 3 -37.68 17.40 10.31
C GLU O 3 -37.46 18.30 9.10
N GLU O 4 -37.47 19.61 9.31
CA GLU O 4 -37.15 20.55 8.25
C GLU O 4 -35.69 20.42 7.84
N LEU O 5 -34.78 20.42 8.82
CA LEU O 5 -33.37 20.16 8.53
C LEU O 5 -33.16 18.75 8.01
N ARG O 6 -33.99 17.81 8.46
CA ARG O 6 -34.00 16.48 7.86
C ARG O 6 -34.42 16.54 6.41
N ALA O 7 -35.38 17.42 6.10
CA ALA O 7 -35.78 17.60 4.71
C ALA O 7 -34.74 18.38 3.93
N GLU O 8 -34.10 19.38 4.57
CA GLU O 8 -33.05 20.12 3.88
C GLU O 8 -31.82 19.25 3.66
N ALA O 9 -31.63 18.25 4.52
CA ALA O 9 -30.70 17.19 4.21
C ALA O 9 -31.17 16.39 3.02
N ARG O 10 -32.48 16.14 2.94
CA ARG O 10 -33.00 15.19 1.97
C ARG O 10 -32.94 15.75 0.56
N ILE O 11 -33.13 17.06 0.40
CA ILE O 11 -33.00 17.65 -0.93
C ILE O 11 -31.54 17.72 -1.35
N LEU O 12 -30.63 17.94 -0.39
CA LEU O 12 -29.23 18.07 -0.75
C LEU O 12 -28.61 16.71 -1.00
N GLU O 13 -29.24 15.67 -0.47
CA GLU O 13 -28.81 14.31 -0.80
C GLU O 13 -29.07 14.01 -2.27
N ALA O 14 -30.17 14.53 -2.82
CA ALA O 14 -30.52 14.21 -4.20
C ALA O 14 -29.58 14.91 -5.18
N LYS O 15 -29.09 16.10 -4.81
CA LYS O 15 -28.32 16.91 -5.75
C LYS O 15 -26.95 16.29 -6.03
N ALA O 16 -26.48 15.46 -5.11
CA ALA O 16 -25.23 14.75 -5.36
C ALA O 16 -25.41 13.67 -6.41
N GLU O 17 -26.58 13.04 -6.43
CA GLU O 17 -26.76 11.84 -7.21
C GLU O 17 -26.83 12.13 -8.70
N ILE O 18 -27.32 13.31 -9.07
CA ILE O 18 -27.30 13.72 -10.47
C ILE O 18 -25.86 13.88 -10.94
N LEU O 19 -25.02 14.45 -10.09
CA LEU O 19 -23.62 14.61 -10.44
C LEU O 19 -22.88 13.28 -10.46
N LYS O 20 -23.37 12.29 -9.71
CA LYS O 20 -22.77 10.96 -9.76
C LYS O 20 -23.00 10.31 -11.11
N ALA O 21 -24.24 10.32 -11.59
CA ALA O 21 -24.52 9.76 -12.89
C ALA O 21 -24.02 10.66 -14.01
N LYS O 22 -23.76 11.94 -13.70
CA LYS O 22 -23.13 12.81 -14.67
C LYS O 22 -21.71 12.37 -14.95
N ALA O 23 -21.01 11.89 -13.92
CA ALA O 23 -19.65 11.40 -14.12
C ALA O 23 -19.66 10.08 -14.87
N GLU O 24 -20.68 9.25 -14.64
CA GLU O 24 -20.69 7.94 -15.24
C GLU O 24 -21.03 7.98 -16.72
N VAL O 25 -21.68 9.06 -17.17
CA VAL O 25 -21.75 9.33 -18.59
C VAL O 25 -20.35 9.56 -19.14
N LEU O 26 -19.57 10.37 -18.43
CA LEU O 26 -18.21 10.64 -18.86
C LEU O 26 -17.30 9.44 -18.64
N LYS O 27 -17.70 8.52 -17.78
CA LYS O 27 -16.88 7.33 -17.53
C LYS O 27 -16.86 6.42 -18.75
N ALA O 28 -18.03 6.04 -19.24
CA ALA O 28 -18.09 5.18 -20.41
C ALA O 28 -17.82 5.96 -21.68
N LYS O 29 -17.80 7.29 -21.60
CA LYS O 29 -17.47 8.10 -22.76
C LYS O 29 -16.02 7.85 -23.18
N ALA O 30 -15.12 7.72 -22.21
CA ALA O 30 -13.75 7.36 -22.53
C ALA O 30 -13.65 5.89 -22.89
N GLU O 31 -14.60 5.08 -22.46
CA GLU O 31 -14.52 3.66 -22.76
C GLU O 31 -14.84 3.38 -24.22
N ILE O 32 -15.64 4.25 -24.84
CA ILE O 32 -15.76 4.24 -26.29
C ILE O 32 -14.42 4.65 -26.90
N LEU O 33 -13.73 5.58 -26.26
CA LEU O 33 -12.52 6.17 -26.84
C LEU O 33 -11.31 5.27 -26.67
N LYS O 34 -11.47 4.11 -26.04
CA LYS O 34 -10.35 3.20 -25.92
C LYS O 34 -10.67 1.85 -26.55
N ALA O 35 -11.95 1.48 -26.58
CA ALA O 35 -12.32 0.23 -27.24
C ALA O 35 -12.22 0.33 -28.76
N GLN O 36 -12.12 1.52 -29.31
CA GLN O 36 -11.77 1.69 -30.71
C GLN O 36 -10.27 1.81 -30.86
N THR P 1 8.80 4.03 42.35
CA THR P 1 9.63 5.15 41.98
C THR P 1 10.15 4.98 40.57
N LEU P 2 10.45 3.72 40.23
CA LEU P 2 11.07 3.38 38.95
C LEU P 2 10.16 3.72 37.79
N GLU P 3 8.96 3.13 37.78
CA GLU P 3 7.95 3.49 36.79
C GLU P 3 7.47 4.92 36.96
N GLU P 4 7.54 5.43 38.19
CA GLU P 4 7.22 6.84 38.42
C GLU P 4 8.24 7.75 37.76
N LEU P 5 9.53 7.47 37.97
CA LEU P 5 10.56 8.21 37.26
C LEU P 5 10.50 7.96 35.76
N ARG P 6 10.07 6.76 35.36
CA ARG P 6 9.78 6.51 33.96
C ARG P 6 8.63 7.37 33.47
N ALA P 7 7.64 7.60 34.34
CA ALA P 7 6.55 8.50 33.98
C ALA P 7 6.99 9.95 34.03
N GLU P 8 7.84 10.31 35.00
CA GLU P 8 8.34 11.68 35.06
C GLU P 8 9.27 11.97 33.90
N ALA P 9 9.92 10.93 33.39
CA ALA P 9 10.58 11.05 32.10
C ALA P 9 9.56 11.26 31.00
N ARG P 10 8.42 10.59 31.09
CA ARG P 10 7.49 10.54 29.98
C ARG P 10 6.76 11.87 29.81
N ILE P 11 6.48 12.56 30.91
CA ILE P 11 5.87 13.88 30.79
C ILE P 11 6.87 14.90 30.30
N LEU P 12 8.14 14.77 30.67
CA LEU P 12 9.13 15.76 30.27
C LEU P 12 9.55 15.52 28.83
N GLU P 13 9.33 14.31 28.32
CA GLU P 13 9.55 14.05 26.92
C GLU P 13 8.55 14.82 26.06
N ALA P 14 7.32 14.97 26.55
CA ALA P 14 6.29 15.63 25.75
C ALA P 14 6.54 17.13 25.67
N LYS P 15 7.11 17.71 26.73
CA LYS P 15 7.25 19.16 26.81
C LYS P 15 8.27 19.68 25.81
N ALA P 16 9.19 18.83 25.37
CA ALA P 16 10.13 19.23 24.34
C ALA P 16 9.44 19.35 22.99
N GLU P 17 8.45 18.48 22.74
CA GLU P 17 7.91 18.35 21.39
C GLU P 17 7.04 19.52 21.01
N ILE P 18 6.40 20.16 21.99
CA ILE P 18 5.65 21.39 21.72
C ILE P 18 6.61 22.49 21.27
N LEU P 19 7.77 22.56 21.91
CA LEU P 19 8.76 23.56 21.53
C LEU P 19 9.39 23.25 20.19
N LYS P 20 9.41 21.97 19.81
CA LYS P 20 9.92 21.60 18.50
C LYS P 20 9.03 22.13 17.39
N ALA P 21 7.73 21.89 17.50
CA ALA P 21 6.80 22.41 16.52
C ALA P 21 6.60 23.91 16.66
N LYS P 22 6.94 24.46 17.83
CA LYS P 22 6.93 25.90 17.99
C LYS P 22 8.00 26.55 17.12
N ALA P 23 9.15 25.90 16.99
CA ALA P 23 10.20 26.42 16.13
C ALA P 23 9.84 26.28 14.67
N GLU P 24 9.11 25.22 14.32
CA GLU P 24 8.83 24.97 12.92
C GLU P 24 7.74 25.88 12.39
N VAL P 25 6.92 26.45 13.29
CA VAL P 25 6.09 27.58 12.91
C VAL P 25 6.96 28.74 12.50
N LEU P 26 7.98 29.03 13.30
CA LEU P 26 8.91 30.11 13.00
C LEU P 26 9.82 29.77 11.84
N LYS P 27 9.97 28.48 11.52
CA LYS P 27 10.83 28.09 10.41
C LYS P 27 10.21 28.50 9.08
N ALA P 28 8.96 28.10 8.85
CA ALA P 28 8.32 28.47 7.60
C ALA P 28 7.83 29.91 7.62
N LYS P 29 7.85 30.55 8.80
CA LYS P 29 7.50 31.96 8.89
C LYS P 29 8.50 32.82 8.12
N ALA P 30 9.78 32.47 8.21
CA ALA P 30 10.78 33.16 7.41
C ALA P 30 10.72 32.72 5.96
N GLU P 31 10.16 31.53 5.69
CA GLU P 31 10.10 31.07 4.32
C GLU P 31 9.05 31.82 3.53
N ILE P 32 8.03 32.33 4.19
CA ILE P 32 7.16 33.31 3.58
C ILE P 32 7.93 34.58 3.30
N LEU P 33 8.84 34.93 4.21
CA LEU P 33 9.53 36.22 4.15
C LEU P 33 10.67 36.21 3.14
N LYS P 34 10.90 35.08 2.47
CA LYS P 34 11.93 35.07 1.45
C LYS P 34 11.36 34.67 0.10
N ALA P 35 10.27 33.90 0.09
CA ALA P 35 9.65 33.56 -1.17
C ALA P 35 8.91 34.74 -1.81
N GLN P 36 8.67 35.80 -1.04
CA GLN P 36 8.20 37.05 -1.62
C GLN P 36 9.39 37.94 -1.95
N THR Q 1 -12.19 -14.54 -43.31
CA THR Q 1 -11.03 -14.46 -42.44
C THR Q 1 -11.43 -13.90 -41.09
N LEU Q 2 -12.37 -12.95 -41.12
CA LEU Q 2 -12.77 -12.23 -39.93
C LEU Q 2 -13.42 -13.15 -38.91
N GLU Q 3 -14.50 -13.82 -39.32
CA GLU Q 3 -15.11 -14.84 -38.48
C GLU Q 3 -14.20 -16.03 -38.27
N GLU Q 4 -13.31 -16.28 -39.24
CA GLU Q 4 -12.32 -17.33 -39.07
C GLU Q 4 -11.33 -16.98 -37.97
N LEU Q 5 -10.80 -15.75 -38.00
CA LEU Q 5 -9.96 -15.29 -36.90
C LEU Q 5 -10.75 -15.18 -35.61
N ARG Q 6 -12.04 -14.87 -35.70
CA ARG Q 6 -12.90 -14.94 -34.54
C ARG Q 6 -13.02 -16.36 -34.03
N ALA Q 7 -13.04 -17.33 -34.95
CA ALA Q 7 -13.04 -18.72 -34.53
C ALA Q 7 -11.68 -19.17 -34.04
N GLU Q 8 -10.60 -18.67 -34.66
CA GLU Q 8 -9.27 -19.01 -34.19
C GLU Q 8 -8.99 -18.37 -32.84
N ALA Q 9 -9.65 -17.25 -32.57
CA ALA Q 9 -9.69 -16.74 -31.20
C ALA Q 9 -10.47 -17.69 -30.31
N ARG Q 10 -11.54 -18.26 -30.84
CA ARG Q 10 -12.48 -18.99 -30.00
C ARG Q 10 -11.91 -20.33 -29.55
N ILE Q 11 -11.10 -20.97 -30.40
CA ILE Q 11 -10.45 -22.21 -29.99
C ILE Q 11 -9.33 -21.93 -29.01
N LEU Q 12 -8.64 -20.80 -29.16
CA LEU Q 12 -7.51 -20.52 -28.27
C LEU Q 12 -8.01 -20.01 -26.94
N GLU Q 13 -9.25 -19.52 -26.90
CA GLU Q 13 -9.86 -19.16 -25.63
C GLU Q 13 -10.10 -20.41 -24.79
N ALA Q 14 -10.44 -21.52 -25.42
CA ALA Q 14 -10.75 -22.73 -24.67
C ALA Q 14 -9.51 -23.35 -24.07
N LYS Q 15 -8.38 -23.23 -24.75
CA LYS Q 15 -7.16 -23.91 -24.34
C LYS Q 15 -6.60 -23.33 -23.04
N ALA Q 16 -6.95 -22.09 -22.75
CA ALA Q 16 -6.54 -21.51 -21.47
C ALA Q 16 -7.31 -22.12 -20.32
N GLU Q 17 -8.58 -22.45 -20.55
CA GLU Q 17 -9.46 -22.80 -19.46
C GLU Q 17 -9.15 -24.18 -18.88
N ILE Q 18 -8.63 -25.09 -19.71
CA ILE Q 18 -8.18 -26.37 -19.21
C ILE Q 18 -7.01 -26.18 -18.26
N LEU Q 19 -6.10 -25.26 -18.61
CA LEU Q 19 -4.95 -24.99 -17.75
C LEU Q 19 -5.37 -24.26 -16.49
N LYS Q 20 -6.49 -23.53 -16.54
CA LYS Q 20 -6.99 -22.87 -15.33
C LYS Q 20 -7.46 -23.89 -14.31
N ALA Q 21 -8.29 -24.85 -14.74
CA ALA Q 21 -8.74 -25.88 -13.84
C ALA Q 21 -7.63 -26.88 -13.54
N LYS Q 22 -6.60 -26.92 -14.37
CA LYS Q 22 -5.43 -27.73 -14.06
C LYS Q 22 -4.71 -27.19 -12.84
N ALA Q 23 -4.65 -25.86 -12.71
CA ALA Q 23 -4.03 -25.26 -11.54
C ALA Q 23 -4.88 -25.47 -10.30
N GLU Q 24 -6.19 -25.47 -10.46
CA GLU Q 24 -7.06 -25.55 -9.29
C GLU Q 24 -7.12 -26.96 -8.72
N VAL Q 25 -6.78 -27.96 -9.52
CA VAL Q 25 -6.48 -29.27 -8.97
C VAL Q 25 -5.28 -29.18 -8.04
N LEU Q 26 -4.23 -28.50 -8.51
CA LEU Q 26 -3.03 -28.33 -7.70
C LEU Q 26 -3.26 -27.36 -6.56
N LYS Q 27 -4.28 -26.51 -6.65
CA LYS Q 27 -4.56 -25.57 -5.57
C LYS Q 27 -5.06 -26.28 -4.33
N ALA Q 28 -6.09 -27.09 -4.48
CA ALA Q 28 -6.62 -27.81 -3.32
C ALA Q 28 -5.75 -29.01 -2.98
N LYS Q 29 -4.82 -29.37 -3.86
CA LYS Q 29 -3.87 -30.44 -3.57
C LYS Q 29 -2.99 -30.08 -2.38
N ALA Q 30 -2.54 -28.82 -2.34
CA ALA Q 30 -1.80 -28.36 -1.17
C ALA Q 30 -2.72 -28.13 0.02
N GLU Q 31 -4.01 -27.94 -0.23
CA GLU Q 31 -4.93 -27.70 0.88
C GLU Q 31 -5.19 -28.97 1.67
N ILE Q 32 -5.07 -30.13 1.01
CA ILE Q 32 -5.01 -31.38 1.73
C ILE Q 32 -3.72 -31.44 2.54
N LEU Q 33 -2.64 -30.89 1.99
CA LEU Q 33 -1.32 -31.02 2.59
C LEU Q 33 -1.11 -30.05 3.74
N LYS Q 34 -2.10 -29.22 4.04
CA LYS Q 34 -1.97 -28.33 5.18
C LYS Q 34 -3.07 -28.56 6.19
N ALA Q 35 -4.22 -29.05 5.75
CA ALA Q 35 -5.29 -29.36 6.69
C ALA Q 35 -5.00 -30.61 7.51
N GLN Q 36 -4.02 -31.41 7.09
CA GLN Q 36 -3.52 -32.48 7.94
C GLN Q 36 -2.35 -31.97 8.77
N THR R 1 34.68 -19.20 -20.66
CA THR R 1 35.55 -18.64 -19.63
C THR R 1 34.99 -17.33 -19.14
N LEU R 2 34.40 -16.58 -20.06
CA LEU R 2 33.93 -15.22 -19.77
C LEU R 2 32.82 -15.24 -18.73
N GLU R 3 31.73 -15.96 -19.04
CA GLU R 3 30.67 -16.16 -18.07
C GLU R 3 31.12 -16.99 -16.89
N GLU R 4 32.12 -17.85 -17.11
CA GLU R 4 32.70 -18.60 -16.01
C GLU R 4 33.44 -17.69 -15.05
N LEU R 5 34.29 -16.79 -15.59
CA LEU R 5 34.92 -15.78 -14.74
C LEU R 5 33.90 -14.82 -14.17
N ARG R 6 32.82 -14.57 -14.90
CA ARG R 6 31.69 -13.82 -14.34
C ARG R 6 31.07 -14.58 -13.19
N ALA R 7 31.00 -15.91 -13.29
CA ALA R 7 30.50 -16.72 -12.19
C ALA R 7 31.52 -16.81 -11.06
N GLU R 8 32.81 -16.89 -11.40
CA GLU R 8 33.83 -16.93 -10.36
C GLU R 8 33.93 -15.59 -9.65
N ALA R 9 33.58 -14.52 -10.36
CA ALA R 9 33.33 -13.25 -9.68
C ALA R 9 32.13 -13.36 -8.76
N ARG R 10 31.10 -14.07 -9.21
CA ARG R 10 29.81 -14.04 -8.54
C ARG R 10 29.86 -14.80 -7.22
N ILE R 11 30.63 -15.89 -7.16
CA ILE R 11 30.79 -16.61 -5.91
C ILE R 11 31.66 -15.83 -4.94
N LEU R 12 32.66 -15.11 -5.44
CA LEU R 12 33.56 -14.39 -4.56
C LEU R 12 32.91 -13.10 -4.07
N GLU R 13 31.90 -12.64 -4.78
CA GLU R 13 31.11 -11.52 -4.30
C GLU R 13 30.32 -11.91 -3.05
N ALA R 14 29.85 -13.16 -2.99
CA ALA R 14 29.02 -13.57 -1.87
C ALA R 14 29.85 -13.73 -0.61
N LYS R 15 31.11 -14.14 -0.75
CA LYS R 15 31.95 -14.47 0.40
C LYS R 15 32.29 -13.23 1.21
N ALA R 16 32.26 -12.06 0.57
CA ALA R 16 32.48 -10.83 1.32
C ALA R 16 31.31 -10.51 2.21
N GLU R 17 30.10 -10.84 1.77
CA GLU R 17 28.90 -10.35 2.44
C GLU R 17 28.66 -11.05 3.76
N ILE R 18 29.09 -12.30 3.89
CA ILE R 18 29.03 -12.99 5.17
C ILE R 18 29.94 -12.31 6.17
N LEU R 19 31.12 -11.88 5.74
CA LEU R 19 32.04 -11.19 6.62
C LEU R 19 31.54 -9.79 6.95
N LYS R 20 30.72 -9.20 6.08
CA LYS R 20 30.14 -7.90 6.38
C LYS R 20 29.16 -7.99 7.54
N ALA R 21 28.24 -8.95 7.47
CA ALA R 21 27.30 -9.13 8.57
C ALA R 21 27.97 -9.76 9.77
N LYS R 22 29.13 -10.40 9.58
CA LYS R 22 29.90 -10.89 10.71
C LYS R 22 30.42 -9.73 11.55
N ALA R 23 30.80 -8.64 10.90
CA ALA R 23 31.27 -7.47 11.63
C ALA R 23 30.11 -6.77 12.32
N GLU R 24 28.93 -6.80 11.71
CA GLU R 24 27.81 -6.06 12.28
C GLU R 24 27.22 -6.76 13.49
N VAL R 25 27.46 -8.07 13.62
CA VAL R 25 27.22 -8.74 14.90
C VAL R 25 28.13 -8.14 15.96
N LEU R 26 29.41 -7.97 15.63
CA LEU R 26 30.36 -7.40 16.56
C LEU R 26 30.15 -5.90 16.74
N LYS R 27 29.46 -5.26 15.80
CA LYS R 27 29.20 -3.83 15.92
C LYS R 27 28.22 -3.56 17.05
N ALA R 28 27.06 -4.20 17.04
CA ALA R 28 26.10 -3.98 18.09
C ALA R 28 26.48 -4.73 19.36
N LYS R 29 27.47 -5.62 19.27
CA LYS R 29 27.95 -6.31 20.46
C LYS R 29 28.59 -5.32 21.43
N ALA R 30 29.33 -4.35 20.90
CA ALA R 30 29.86 -3.29 21.74
C ALA R 30 28.77 -2.31 22.15
N GLU R 31 27.70 -2.24 21.38
CA GLU R 31 26.64 -1.29 21.70
C GLU R 31 25.85 -1.75 22.91
N ILE R 32 25.79 -3.05 23.14
CA ILE R 32 25.32 -3.56 24.43
C ILE R 32 26.30 -3.16 25.52
N LEU R 33 27.59 -3.15 25.20
CA LEU R 33 28.62 -2.95 26.20
C LEU R 33 28.80 -1.48 26.56
N LYS R 34 28.04 -0.60 25.92
CA LYS R 34 28.12 0.81 26.29
C LYS R 34 26.78 1.36 26.74
N ALA R 35 25.69 0.76 26.27
CA ALA R 35 24.38 1.20 26.73
C ALA R 35 24.10 0.75 28.16
N GLN R 36 24.88 -0.19 28.69
CA GLN R 36 24.83 -0.50 30.11
C GLN R 36 25.85 0.36 30.86
N THR S 1 -14.03 -39.38 24.19
CA THR S 1 -13.39 -38.09 24.40
C THR S 1 -13.41 -37.29 23.11
N LEU S 2 -13.25 -38.01 22.00
CA LEU S 2 -13.11 -37.37 20.69
C LEU S 2 -14.39 -36.64 20.30
N GLU S 3 -15.51 -37.36 20.26
CA GLU S 3 -16.79 -36.72 20.03
C GLU S 3 -17.19 -35.83 21.19
N GLU S 4 -16.70 -36.12 22.38
CA GLU S 4 -16.92 -35.25 23.53
C GLU S 4 -16.20 -33.92 23.33
N LEU S 5 -14.92 -33.96 22.95
CA LEU S 5 -14.21 -32.73 22.61
C LEU S 5 -14.80 -32.07 21.39
N ARG S 6 -15.34 -32.87 20.46
CA ARG S 6 -16.11 -32.31 19.35
C ARG S 6 -17.36 -31.61 19.86
N ALA S 7 -17.98 -32.16 20.91
CA ALA S 7 -19.13 -31.50 21.51
C ALA S 7 -18.70 -30.30 22.34
N GLU S 8 -17.56 -30.40 23.03
CA GLU S 8 -17.07 -29.26 23.80
C GLU S 8 -16.61 -28.14 22.88
N ALA S 9 -16.18 -28.50 21.68
CA ALA S 9 -16.04 -27.51 20.64
C ALA S 9 -17.38 -26.91 20.24
N ARG S 10 -18.41 -27.76 20.20
CA ARG S 10 -19.68 -27.35 19.62
C ARG S 10 -20.42 -26.39 20.53
N ILE S 11 -20.29 -26.55 21.84
CA ILE S 11 -20.91 -25.60 22.76
C ILE S 11 -20.15 -24.28 22.75
N LEU S 12 -18.82 -24.32 22.60
CA LEU S 12 -18.05 -23.09 22.64
C LEU S 12 -18.17 -22.34 21.33
N GLU S 13 -18.54 -23.04 20.27
CA GLU S 13 -18.85 -22.37 19.03
C GLU S 13 -20.08 -21.49 19.16
N ALA S 14 -21.06 -21.93 19.94
CA ALA S 14 -22.30 -21.19 20.07
C ALA S 14 -22.11 -19.92 20.88
N LYS S 15 -21.21 -19.95 21.86
CA LYS S 15 -21.05 -18.84 22.78
C LYS S 15 -20.46 -17.61 22.10
N ALA S 16 -19.75 -17.82 20.99
CA ALA S 16 -19.24 -16.69 20.24
C ALA S 16 -20.37 -15.97 19.51
N GLU S 17 -21.37 -16.72 19.07
CA GLU S 17 -22.36 -16.16 18.15
C GLU S 17 -23.31 -15.20 18.84
N ILE S 18 -23.56 -15.42 20.14
CA ILE S 18 -24.36 -14.47 20.91
C ILE S 18 -23.63 -13.15 21.01
N LEU S 19 -22.31 -13.20 21.20
CA LEU S 19 -21.52 -11.98 21.29
C LEU S 19 -21.41 -11.30 19.94
N LYS S 20 -21.51 -12.07 18.84
CA LYS S 20 -21.51 -11.47 17.52
C LYS S 20 -22.74 -10.61 17.29
N ALA S 21 -23.92 -11.16 17.59
CA ALA S 21 -25.14 -10.38 17.44
C ALA S 21 -25.27 -9.35 18.55
N LYS S 22 -24.53 -9.52 19.64
CA LYS S 22 -24.49 -8.49 20.67
C LYS S 22 -23.81 -7.24 20.16
N ALA S 23 -22.78 -7.41 19.33
CA ALA S 23 -22.10 -6.27 18.74
C ALA S 23 -22.97 -5.61 17.69
N GLU S 24 -23.76 -6.40 16.96
CA GLU S 24 -24.53 -5.84 15.87
C GLU S 24 -25.74 -5.06 16.36
N VAL S 25 -26.18 -5.33 17.59
CA VAL S 25 -27.10 -4.40 18.25
C VAL S 25 -26.43 -3.06 18.44
N LEU S 26 -25.18 -3.08 18.93
CA LEU S 26 -24.44 -1.84 19.14
C LEU S 26 -24.00 -1.22 17.82
N LYS S 27 -23.97 -2.01 16.74
CA LYS S 27 -23.56 -1.47 15.45
C LYS S 27 -24.61 -0.52 14.91
N ALA S 28 -25.86 -0.96 14.83
CA ALA S 28 -26.91 -0.09 14.33
C ALA S 28 -27.35 0.90 15.40
N LYS S 29 -26.92 0.71 16.64
CA LYS S 29 -27.21 1.68 17.69
C LYS S 29 -26.56 3.02 17.39
N ALA S 30 -25.33 2.99 16.89
CA ALA S 30 -24.69 4.22 16.45
C ALA S 30 -25.27 4.71 15.14
N GLU S 31 -25.88 3.81 14.36
CA GLU S 31 -26.42 4.24 13.08
C GLU S 31 -27.68 5.06 13.26
N ILE S 32 -28.40 4.84 14.36
CA ILE S 32 -29.44 5.77 14.76
C ILE S 32 -28.82 7.10 15.14
N LEU S 33 -27.64 7.04 15.77
CA LEU S 33 -27.02 8.23 16.35
C LEU S 33 -26.32 9.07 15.29
N LYS S 34 -26.33 8.63 14.04
CA LYS S 34 -25.74 9.45 12.99
C LYS S 34 -26.74 9.80 11.91
N ALA S 35 -27.76 8.96 11.73
CA ALA S 35 -28.80 9.29 10.77
C ALA S 35 -29.70 10.42 11.26
N GLN S 36 -29.67 10.75 12.54
CA GLN S 36 -30.32 11.95 13.03
C GLN S 36 -29.32 13.10 13.01
N THR T 1 3.15 44.65 -10.80
CA THR T 1 4.59 44.52 -10.93
C THR T 1 5.10 43.42 -10.04
N LEU T 2 4.47 43.29 -8.87
CA LEU T 2 4.93 42.34 -7.85
C LEU T 2 4.80 40.91 -8.32
N GLU T 3 3.58 40.52 -8.70
CA GLU T 3 3.38 39.20 -9.30
C GLU T 3 4.05 39.09 -10.66
N GLU T 4 4.20 40.22 -11.34
CA GLU T 4 4.92 40.24 -12.61
C GLU T 4 6.39 39.94 -12.38
N LEU T 5 7.03 40.61 -11.40
CA LEU T 5 8.39 40.27 -11.03
C LEU T 5 8.49 38.87 -10.45
N ARG T 6 7.43 38.42 -9.77
CA ARG T 6 7.34 37.04 -9.36
C ARG T 6 7.30 36.11 -10.57
N ALA T 7 6.62 36.53 -11.63
CA ALA T 7 6.61 35.76 -12.85
C ALA T 7 7.93 35.87 -13.59
N GLU T 8 8.55 37.06 -13.58
CA GLU T 8 9.85 37.21 -14.23
C GLU T 8 10.92 36.44 -13.47
N ALA T 9 10.72 36.27 -12.17
CA ALA T 9 11.52 35.30 -11.44
C ALA T 9 11.22 33.90 -11.92
N ARG T 10 9.96 33.62 -12.22
CA ARG T 10 9.54 32.25 -12.45
C ARG T 10 10.03 31.73 -13.80
N ILE T 11 10.11 32.61 -14.80
CA ILE T 11 10.67 32.19 -16.09
C ILE T 11 12.17 32.03 -16.00
N LEU T 12 12.84 32.86 -15.18
CA LEU T 12 14.29 32.76 -15.11
C LEU T 12 14.71 31.61 -14.24
N GLU T 13 13.81 31.13 -13.39
CA GLU T 13 14.06 29.92 -12.64
C GLU T 13 14.12 28.71 -13.56
N ALA T 14 13.31 28.70 -14.61
CA ALA T 14 13.27 27.56 -15.50
C ALA T 14 14.51 27.47 -16.37
N LYS T 15 15.08 28.62 -16.72
CA LYS T 15 16.21 28.64 -17.67
C LYS T 15 17.46 28.05 -17.06
N ALA T 16 17.56 28.04 -15.73
CA ALA T 16 18.69 27.40 -15.10
C ALA T 16 18.59 25.88 -15.22
N GLU T 17 17.37 25.35 -15.18
CA GLU T 17 17.20 23.91 -15.03
C GLU T 17 17.54 23.16 -16.30
N ILE T 18 17.37 23.80 -17.47
CA ILE T 18 17.81 23.19 -18.71
C ILE T 18 19.31 23.06 -18.73
N LEU T 19 20.01 24.07 -18.22
CA LEU T 19 21.46 24.01 -18.16
C LEU T 19 21.94 23.02 -17.11
N LYS T 20 21.12 22.75 -16.09
CA LYS T 20 21.48 21.74 -15.11
C LYS T 20 21.49 20.34 -15.73
N ALA T 21 20.43 20.00 -16.45
CA ALA T 21 20.39 18.70 -17.11
C ALA T 21 21.30 18.68 -18.32
N LYS T 22 21.67 19.85 -18.84
CA LYS T 22 22.66 19.90 -19.90
C LYS T 22 24.02 19.43 -19.40
N ALA T 23 24.35 19.78 -18.16
CA ALA T 23 25.61 19.33 -17.58
C ALA T 23 25.56 17.84 -17.28
N GLU T 24 24.39 17.32 -16.90
CA GLU T 24 24.32 15.93 -16.49
C GLU T 24 24.36 14.99 -17.68
N VAL T 25 24.03 15.49 -18.87
CA VAL T 25 24.36 14.76 -20.09
C VAL T 25 25.87 14.62 -20.21
N LEU T 26 26.58 15.72 -19.98
CA LEU T 26 28.04 15.70 -20.05
C LEU T 26 28.65 14.98 -18.86
N LYS T 27 27.90 14.82 -17.77
CA LYS T 27 28.42 14.12 -16.61
C LYS T 27 28.58 12.63 -16.90
N ALA T 28 27.51 11.99 -17.35
CA ALA T 28 27.61 10.58 -17.65
C ALA T 28 28.30 10.33 -18.99
N LYS T 29 28.53 11.39 -19.76
CA LYS T 29 29.28 11.26 -21.01
C LYS T 29 30.72 10.85 -20.73
N ALA T 30 31.31 11.42 -19.68
CA ALA T 30 32.64 10.99 -19.26
C ALA T 30 32.58 9.64 -18.56
N GLU T 31 31.42 9.27 -18.01
CA GLU T 31 31.34 8.01 -17.31
C GLU T 31 31.34 6.83 -18.28
N ILE T 32 30.88 7.06 -19.51
CA ILE T 32 31.14 6.09 -20.57
C ILE T 32 32.63 6.04 -20.87
N LEU T 33 33.29 7.20 -20.80
CA LEU T 33 34.68 7.31 -21.22
C LEU T 33 35.64 6.78 -20.17
N LYS T 34 35.14 6.32 -19.04
CA LYS T 34 36.02 5.75 -18.05
C LYS T 34 35.64 4.30 -17.73
N ALA T 35 34.37 3.95 -17.90
CA ALA T 35 33.97 2.58 -17.68
C ALA T 35 34.47 1.65 -18.80
N GLN T 36 34.90 2.20 -19.92
CA GLN T 36 35.60 1.42 -20.93
C GLN T 36 37.09 1.48 -20.67
N THR U 1 -44.86 22.14 2.72
CA THR U 1 -43.48 22.23 2.29
C THR U 1 -42.80 20.88 2.43
N LEU U 2 -43.19 20.16 3.48
CA LEU U 2 -42.54 18.89 3.82
C LEU U 2 -42.76 17.86 2.74
N GLU U 3 -44.02 17.56 2.44
CA GLU U 3 -44.34 16.68 1.32
C GLU U 3 -43.97 17.30 -0.01
N GLU U 4 -43.95 18.63 -0.08
CA GLU U 4 -43.49 19.30 -1.28
C GLU U 4 -42.00 19.07 -1.49
N LEU U 5 -41.19 19.26 -0.43
CA LEU U 5 -39.78 18.92 -0.53
C LEU U 5 -39.57 17.43 -0.71
N ARG U 6 -40.47 16.62 -0.17
CA ARG U 6 -40.47 15.20 -0.47
C ARG U 6 -40.75 14.96 -1.95
N ALA U 7 -41.63 15.77 -2.54
CA ALA U 7 -41.89 15.66 -3.96
C ALA U 7 -40.74 16.25 -4.77
N GLU U 8 -40.13 17.33 -4.30
CA GLU U 8 -38.99 17.91 -5.01
C GLU U 8 -37.78 16.99 -4.91
N ALA U 9 -37.72 16.19 -3.85
CA ALA U 9 -36.79 15.08 -3.83
C ALA U 9 -37.18 14.05 -4.87
N ARG U 10 -38.48 13.82 -5.04
CA ARG U 10 -38.94 12.70 -5.84
C ARG U 10 -38.72 12.94 -7.32
N ILE U 11 -38.85 14.19 -7.76
CA ILE U 11 -38.56 14.49 -9.16
C ILE U 11 -37.06 14.45 -9.43
N LEU U 12 -36.24 14.85 -8.46
CA LEU U 12 -34.81 14.87 -8.69
C LEU U 12 -34.23 13.48 -8.57
N GLU U 13 -34.95 12.58 -7.92
CA GLU U 13 -34.54 11.18 -7.91
C GLU U 13 -34.66 10.58 -9.30
N ALA U 14 -35.68 10.99 -10.06
CA ALA U 14 -35.90 10.41 -11.38
C ALA U 14 -34.84 10.87 -12.37
N LYS U 15 -34.36 12.10 -12.22
CA LYS U 15 -33.45 12.67 -13.21
C LYS U 15 -32.09 11.99 -13.20
N ALA U 16 -31.74 11.35 -12.09
CA ALA U 16 -30.50 10.60 -12.05
C ALA U 16 -30.62 9.32 -12.86
N GLU U 17 -31.80 8.72 -12.88
CA GLU U 17 -31.94 7.37 -13.43
C GLU U 17 -31.86 7.36 -14.94
N ILE U 18 -32.27 8.45 -15.59
CA ILE U 18 -32.10 8.55 -17.03
C ILE U 18 -30.62 8.59 -17.37
N LEU U 19 -29.83 9.30 -16.56
CA LEU U 19 -28.40 9.36 -16.80
C LEU U 19 -27.71 8.04 -16.48
N LYS U 20 -28.31 7.24 -15.58
CA LYS U 20 -27.77 5.93 -15.30
C LYS U 20 -27.88 5.00 -16.50
N ALA U 21 -29.07 4.94 -17.09
CA ALA U 21 -29.23 4.12 -18.28
C ALA U 21 -28.59 4.76 -19.50
N LYS U 22 -28.32 6.07 -19.43
CA LYS U 22 -27.56 6.71 -20.50
C LYS U 22 -26.13 6.20 -20.53
N ALA U 23 -25.57 5.94 -19.35
CA ALA U 23 -24.22 5.38 -19.30
C ALA U 23 -24.20 3.94 -19.75
N GLU U 24 -25.27 3.20 -19.47
CA GLU U 24 -25.27 1.78 -19.79
C GLU U 24 -25.46 1.53 -21.27
N VAL U 25 -26.01 2.50 -21.99
CA VAL U 25 -25.94 2.46 -23.45
C VAL U 25 -24.48 2.55 -23.88
N LEU U 26 -23.74 3.48 -23.28
CA LEU U 26 -22.32 3.64 -23.60
C LEU U 26 -21.49 2.49 -23.04
N LYS U 27 -22.01 1.77 -22.05
CA LYS U 27 -21.26 0.65 -21.48
C LYS U 27 -21.17 -0.49 -22.48
N ALA U 28 -22.31 -0.95 -23.00
CA ALA U 28 -22.27 -2.04 -23.96
C ALA U 28 -21.85 -1.55 -25.34
N LYS U 29 -21.79 -0.23 -25.53
CA LYS U 29 -21.30 0.32 -26.79
C LYS U 29 -19.83 -0.04 -27.00
N ALA U 30 -19.04 0.03 -25.93
CA ALA U 30 -17.66 -0.42 -26.02
C ALA U 30 -17.57 -1.94 -26.05
N GLU U 31 -18.60 -2.63 -25.57
CA GLU U 31 -18.55 -4.08 -25.57
C GLU U 31 -18.73 -4.65 -26.96
N ILE U 32 -19.43 -3.91 -27.83
CA ILE U 32 -19.39 -4.23 -29.25
C ILE U 32 -18.00 -3.98 -29.80
N LEU U 33 -17.33 -2.94 -29.28
CA LEU U 33 -16.06 -2.51 -29.83
C LEU U 33 -14.91 -3.37 -29.36
N LYS U 34 -15.17 -4.36 -28.52
CA LYS U 34 -14.10 -5.26 -28.11
C LYS U 34 -14.42 -6.70 -28.46
N ALA U 35 -15.70 -7.05 -28.56
CA ALA U 35 -16.04 -8.40 -28.98
C ALA U 35 -15.79 -8.63 -30.47
N GLN U 36 -15.59 -7.57 -31.24
CA GLN U 36 -15.11 -7.71 -32.60
C GLN U 36 -13.58 -7.64 -32.61
N THR V 1 19.77 -0.76 42.43
CA THR V 1 20.52 0.46 42.21
C THR V 1 20.91 0.58 40.75
N LEU V 2 21.21 -0.57 40.14
CA LEU V 2 21.72 -0.61 38.77
C LEU V 2 20.69 -0.10 37.78
N GLU V 3 19.51 -0.73 37.76
CA GLU V 3 18.41 -0.24 36.96
C GLU V 3 17.89 1.10 37.46
N GLU V 4 18.06 1.37 38.75
CA GLU V 4 17.71 2.68 39.30
C GLU V 4 18.64 3.75 38.74
N LEU V 5 19.96 3.52 38.77
CA LEU V 5 20.89 4.42 38.12
C LEU V 5 20.69 4.47 36.63
N ARG V 6 20.25 3.36 36.03
CA ARG V 6 19.84 3.37 34.64
C ARG V 6 18.62 4.25 34.44
N ALA V 7 17.71 4.25 35.42
CA ALA V 7 16.57 5.14 35.35
C ALA V 7 16.96 6.59 35.66
N GLU V 8 17.89 6.79 36.59
CA GLU V 8 18.35 8.14 36.89
C GLU V 8 19.16 8.70 35.74
N ALA V 9 19.79 7.81 34.96
CA ALA V 9 20.31 8.22 33.66
C ALA V 9 19.18 8.60 32.73
N ARG V 10 18.07 7.85 32.78
CA ARG V 10 17.04 7.98 31.77
C ARG V 10 16.26 9.28 31.94
N ILE V 11 16.07 9.73 33.18
CA ILE V 11 15.40 11.01 33.39
C ILE V 11 16.32 12.16 33.02
N LEU V 12 17.62 12.02 33.25
CA LEU V 12 18.53 13.11 32.95
C LEU V 12 18.83 13.19 31.47
N GLU V 13 18.59 12.09 30.75
CA GLU V 13 18.67 12.13 29.31
C GLU V 13 17.57 13.00 28.72
N ALA V 14 16.39 12.98 29.33
CA ALA V 14 15.27 13.74 28.79
C ALA V 14 15.46 15.24 28.98
N LYS V 15 16.11 15.62 30.09
CA LYS V 15 16.21 17.04 30.44
C LYS V 15 17.10 17.80 29.48
N ALA V 16 18.01 17.09 28.80
CA ALA V 16 18.82 17.74 27.79
C ALA V 16 18.00 18.08 26.55
N GLU V 17 17.03 17.23 26.23
CA GLU V 17 16.36 17.35 24.94
C GLU V 17 15.42 18.53 24.87
N ILE V 18 14.85 18.93 26.02
CA ILE V 18 14.05 20.14 26.06
C ILE V 18 14.92 21.35 25.77
N LEU V 19 16.13 21.36 26.31
CA LEU V 19 17.05 22.46 26.05
C LEU V 19 17.56 22.45 24.62
N LYS V 20 17.58 21.28 23.99
CA LYS V 20 17.97 21.19 22.58
C LYS V 20 16.96 21.89 21.70
N ALA V 21 15.69 21.56 21.88
CA ALA V 21 14.65 22.23 21.09
C ALA V 21 14.42 23.65 21.56
N LYS V 22 14.86 23.98 22.77
CA LYS V 22 14.81 25.36 23.22
C LYS V 22 15.77 26.22 22.40
N ALA V 23 16.92 25.67 22.05
CA ALA V 23 17.87 26.40 21.22
C ALA V 23 17.35 26.53 19.80
N GLU V 24 16.64 25.52 19.31
CA GLU V 24 16.22 25.53 17.92
C GLU V 24 15.06 26.48 17.69
N VAL V 25 14.32 26.81 18.75
CA VAL V 25 13.41 27.95 18.67
C VAL V 25 14.21 29.22 18.43
N LEU V 26 15.30 29.40 19.18
CA LEU V 26 16.14 30.57 19.02
C LEU V 26 16.95 30.51 17.73
N LYS V 27 17.11 29.32 17.16
CA LYS V 27 17.87 29.20 15.91
C LYS V 27 17.11 29.83 14.76
N ALA V 28 15.86 29.42 14.55
CA ALA V 28 15.08 29.99 13.47
C ALA V 28 14.56 31.38 13.84
N LYS V 29 14.67 31.77 15.11
CA LYS V 29 14.29 33.12 15.51
C LYS V 29 15.17 34.15 14.85
N ALA V 30 16.47 33.86 14.75
CA ALA V 30 17.36 34.75 14.02
C ALA V 30 17.17 34.60 12.51
N GLU V 31 16.63 33.46 12.06
CA GLU V 31 16.45 33.27 10.64
C GLU V 31 15.30 34.11 10.10
N ILE V 32 14.34 34.42 10.96
CA ILE V 32 13.37 35.47 10.63
C ILE V 32 14.08 36.81 10.55
N LEU V 33 15.06 37.02 11.42
CA LEU V 33 15.70 38.32 11.56
C LEU V 33 16.73 38.57 10.47
N LYS V 34 16.93 37.61 9.57
CA LYS V 34 17.86 37.84 8.48
C LYS V 34 17.17 37.69 7.14
N ALA V 35 16.11 36.89 7.07
CA ALA V 35 15.37 36.76 5.82
C ALA V 35 14.55 38.01 5.52
N GLN V 36 14.35 38.89 6.49
CA GLN V 36 13.77 40.20 6.23
C GLN V 36 14.90 41.19 5.97
N THR W 1 -15.13 -26.13 -41.82
CA THR W 1 -14.04 -25.95 -40.86
C THR W 1 -14.51 -25.09 -39.71
N LEU W 2 -15.35 -24.11 -40.03
CA LEU W 2 -15.78 -23.11 -39.05
C LEU W 2 -16.61 -23.74 -37.95
N GLU W 3 -17.70 -24.41 -38.31
CA GLU W 3 -18.48 -25.18 -37.35
C GLU W 3 -17.69 -26.36 -36.82
N GLU W 4 -16.76 -26.88 -37.60
CA GLU W 4 -15.88 -27.93 -37.12
C GLU W 4 -14.97 -27.43 -36.02
N LEU W 5 -14.32 -26.28 -36.25
CA LEU W 5 -13.54 -25.65 -35.19
C LEU W 5 -14.41 -25.21 -34.04
N ARG W 6 -15.66 -24.83 -34.32
CA ARG W 6 -16.62 -24.59 -33.27
C ARG W 6 -16.92 -25.86 -32.49
N ALA W 7 -16.95 -27.00 -33.18
CA ALA W 7 -17.12 -28.27 -32.50
C ALA W 7 -15.84 -28.69 -31.78
N GLU W 8 -14.68 -28.43 -32.38
CA GLU W 8 -13.43 -28.76 -31.71
C GLU W 8 -13.20 -27.86 -30.50
N ALA W 9 -13.77 -26.66 -30.54
CA ALA W 9 -13.89 -25.88 -29.32
C ALA W 9 -14.82 -26.55 -28.33
N ARG W 10 -15.90 -27.14 -28.83
CA ARG W 10 -16.97 -27.60 -27.97
C ARG W 10 -16.56 -28.85 -27.20
N ILE W 11 -15.76 -29.71 -27.81
CA ILE W 11 -15.26 -30.88 -27.09
C ILE W 11 -14.19 -30.48 -26.08
N LEU W 12 -13.39 -29.47 -26.39
CA LEU W 12 -12.32 -29.08 -25.47
C LEU W 12 -12.88 -28.27 -24.32
N GLU W 13 -14.06 -27.69 -24.51
CA GLU W 13 -14.75 -27.03 -23.42
C GLU W 13 -15.18 -28.04 -22.36
N ALA W 14 -15.57 -29.24 -22.79
CA ALA W 14 -16.06 -30.23 -21.84
C ALA W 14 -14.93 -30.79 -21.00
N LYS W 15 -13.73 -30.91 -21.58
CA LYS W 15 -12.63 -31.58 -20.89
C LYS W 15 -12.13 -30.77 -19.70
N ALA W 16 -12.38 -29.46 -19.70
CA ALA W 16 -12.02 -28.66 -18.55
C ALA W 16 -12.95 -28.95 -17.38
N GLU W 17 -14.22 -29.25 -17.66
CA GLU W 17 -15.21 -29.28 -16.61
C GLU W 17 -15.09 -30.52 -15.74
N ILE W 18 -14.58 -31.62 -16.31
CA ILE W 18 -14.30 -32.80 -15.50
C ILE W 18 -13.19 -32.49 -14.50
N LEU W 19 -12.18 -31.74 -14.94
CA LEU W 19 -11.10 -31.37 -14.04
C LEU W 19 -11.55 -30.36 -13.01
N LYS W 20 -12.58 -29.58 -13.32
CA LYS W 20 -13.13 -28.65 -12.34
C LYS W 20 -13.78 -29.39 -11.18
N ALA W 21 -14.64 -30.35 -11.49
CA ALA W 21 -15.27 -31.13 -10.43
C ALA W 21 -14.29 -32.11 -9.82
N LYS W 22 -13.19 -32.42 -10.52
CA LYS W 22 -12.13 -33.22 -9.92
C LYS W 22 -11.47 -32.48 -8.78
N ALA W 23 -11.31 -31.17 -8.92
CA ALA W 23 -10.73 -30.38 -7.84
C ALA W 23 -11.69 -30.25 -6.69
N GLU W 24 -13.00 -30.19 -6.97
CA GLU W 24 -13.95 -29.95 -5.91
C GLU W 24 -14.19 -31.20 -5.07
N VAL W 25 -13.87 -32.38 -5.61
CA VAL W 25 -13.76 -33.55 -4.77
C VAL W 25 -12.64 -33.36 -3.77
N LEU W 26 -11.48 -32.87 -4.24
CA LEU W 26 -10.35 -32.63 -3.37
C LEU W 26 -10.57 -31.42 -2.48
N LYS W 27 -11.51 -30.53 -2.85
CA LYS W 27 -11.78 -29.37 -2.03
C LYS W 27 -12.45 -29.76 -0.73
N ALA W 28 -13.55 -30.50 -0.81
CA ALA W 28 -14.22 -30.91 0.41
C ALA W 28 -13.51 -32.07 1.07
N LYS W 29 -12.54 -32.69 0.39
CA LYS W 29 -11.74 -33.73 0.99
C LYS W 29 -10.91 -33.18 2.16
N ALA W 30 -10.37 -31.98 1.99
CA ALA W 30 -9.69 -31.33 3.11
C ALA W 30 -10.68 -30.80 4.12
N GLU W 31 -11.92 -30.57 3.72
CA GLU W 31 -12.89 -30.03 4.66
C GLU W 31 -13.34 -31.09 5.65
N ILE W 32 -13.28 -32.35 5.26
CA ILE W 32 -13.39 -33.43 6.23
C ILE W 32 -12.18 -33.41 7.17
N LEU W 33 -11.01 -33.06 6.62
CA LEU W 33 -9.77 -33.16 7.37
C LEU W 33 -9.57 -31.99 8.30
N LYS W 34 -10.51 -31.05 8.32
CA LYS W 34 -10.38 -29.95 9.26
C LYS W 34 -11.59 -29.87 10.19
N ALA W 35 -12.75 -30.35 9.74
CA ALA W 35 -13.91 -30.38 10.61
C ALA W 35 -13.80 -31.44 11.69
N GLN W 36 -12.87 -32.38 11.55
CA GLN W 36 -12.55 -33.28 12.64
C GLN W 36 -11.41 -32.70 13.47
N THR X 1 39.42 -9.60 -26.48
CA THR X 1 40.38 -9.20 -25.46
C THR X 1 39.83 -8.05 -24.64
N LEU X 2 39.10 -7.17 -25.33
CA LEU X 2 38.62 -5.93 -24.71
C LEU X 2 37.62 -6.23 -23.61
N GLU X 3 36.54 -6.94 -23.94
CA GLU X 3 35.60 -7.39 -22.93
C GLU X 3 36.22 -8.42 -22.00
N GLU X 4 37.23 -9.15 -22.49
CA GLU X 4 37.96 -10.06 -21.63
C GLU X 4 38.76 -9.31 -20.58
N LEU X 5 39.50 -8.28 -21.00
CA LEU X 5 40.17 -7.41 -20.04
C LEU X 5 39.19 -6.65 -19.19
N ARG X 6 38.02 -6.34 -19.73
CA ARG X 6 36.94 -5.79 -18.92
C ARG X 6 36.48 -6.81 -17.89
N ALA X 7 36.46 -8.08 -18.26
CA ALA X 7 36.12 -9.12 -17.30
C ALA X 7 37.26 -9.37 -16.33
N GLU X 8 38.51 -9.30 -16.80
CA GLU X 8 39.64 -9.48 -15.90
C GLU X 8 39.76 -8.31 -14.95
N ALA X 9 39.28 -7.14 -15.37
CA ALA X 9 39.06 -6.06 -14.42
C ALA X 9 37.96 -6.42 -13.44
N ARG X 10 36.92 -7.09 -13.93
CA ARG X 10 35.73 -7.28 -13.12
C ARG X 10 35.95 -8.29 -12.00
N ILE X 11 36.77 -9.31 -12.25
CA ILE X 11 37.10 -10.25 -11.19
C ILE X 11 38.05 -9.63 -10.18
N LEU X 12 38.95 -8.75 -10.63
CA LEU X 12 39.90 -8.17 -9.69
C LEU X 12 39.26 -7.06 -8.90
N GLU X 13 38.15 -6.52 -9.40
CA GLU X 13 37.38 -5.57 -8.61
C GLU X 13 36.75 -6.26 -7.41
N ALA X 14 36.34 -7.52 -7.56
CA ALA X 14 35.67 -8.20 -6.46
C ALA X 14 36.64 -8.56 -5.35
N LYS X 15 37.90 -8.84 -5.70
CA LYS X 15 38.86 -9.34 -4.73
C LYS X 15 39.25 -8.27 -3.72
N ALA X 16 39.09 -7.00 -4.10
CA ALA X 16 39.34 -5.93 -3.15
C ALA X 16 38.26 -5.87 -2.09
N GLU X 17 37.02 -6.19 -2.46
CA GLU X 17 35.89 -5.92 -1.59
C GLU X 17 35.83 -6.89 -0.42
N ILE X 18 36.33 -8.10 -0.60
CA ILE X 18 36.43 -9.04 0.52
C ILE X 18 37.42 -8.51 1.54
N LEU X 19 38.52 -7.93 1.08
CA LEU X 19 39.50 -7.36 1.99
C LEU X 19 38.98 -6.10 2.65
N LYS X 20 38.05 -5.40 2.00
CA LYS X 20 37.44 -4.23 2.62
C LYS X 20 36.60 -4.62 3.83
N ALA X 21 35.73 -5.60 3.65
CA ALA X 21 34.93 -6.05 4.78
C ALA X 21 35.75 -6.87 5.77
N LYS X 22 36.91 -7.38 5.32
CA LYS X 22 37.83 -8.03 6.26
C LYS X 22 38.39 -7.02 7.25
N ALA X 23 38.65 -5.80 6.80
CA ALA X 23 39.14 -4.77 7.70
C ALA X 23 38.03 -4.31 8.65
N GLU X 24 36.79 -4.29 8.17
CA GLU X 24 35.71 -3.75 8.98
C GLU X 24 35.29 -4.73 10.07
N VAL X 25 35.60 -6.01 9.90
CA VAL X 25 35.54 -6.93 11.04
C VAL X 25 36.53 -6.50 12.10
N LEU X 26 37.76 -6.19 11.68
CA LEU X 26 38.79 -5.75 12.61
C LEU X 26 38.53 -4.34 13.12
N LYS X 27 37.71 -3.56 12.39
CA LYS X 27 37.41 -2.21 12.84
C LYS X 27 36.55 -2.23 14.09
N ALA X 28 35.43 -2.94 14.05
CA ALA X 28 34.58 -2.99 15.23
C ALA X 28 35.13 -3.96 16.27
N LYS X 29 36.13 -4.75 15.91
CA LYS X 29 36.79 -5.62 16.88
C LYS X 29 37.48 -4.81 17.96
N ALA X 30 38.12 -3.71 17.57
CA ALA X 30 38.69 -2.81 18.56
C ALA X 30 37.61 -1.99 19.25
N GLU X 31 36.45 -1.84 18.62
CA GLU X 31 35.40 -1.05 19.25
C GLU X 31 34.76 -1.79 20.41
N ILE X 32 34.80 -3.12 20.38
CA ILE X 32 34.50 -3.89 21.56
C ILE X 32 35.57 -3.65 22.62
N LEU X 33 36.81 -3.51 22.17
CA LEU X 33 37.95 -3.43 23.09
C LEU X 33 38.09 -2.05 23.71
N LYS X 34 37.23 -1.12 23.36
CA LYS X 34 37.30 0.19 23.99
C LYS X 34 35.99 0.54 24.68
N ALA X 35 34.88 -0.01 24.21
CA ALA X 35 33.61 0.23 24.88
C ALA X 35 33.51 -0.51 26.21
N GLN X 36 34.39 -1.48 26.46
CA GLN X 36 34.51 -2.07 27.78
C GLN X 36 35.57 -1.31 28.57
N THR Y 1 -24.96 -36.61 28.84
CA THR Y 1 -24.29 -35.32 28.88
C THR Y 1 -24.12 -34.79 27.47
N LEU Y 2 -23.84 -35.72 26.55
CA LEU Y 2 -23.50 -35.35 25.16
C LEU Y 2 -24.69 -34.68 24.48
N GLU Y 3 -25.83 -35.39 24.42
CA GLU Y 3 -27.04 -34.78 23.90
C GLU Y 3 -27.54 -33.67 24.80
N GLU Y 4 -27.23 -33.73 26.09
CA GLU Y 4 -27.55 -32.65 27.00
C GLU Y 4 -26.77 -31.39 26.66
N LEU Y 5 -25.45 -31.53 26.46
CA LEU Y 5 -24.65 -30.40 26.00
C LEU Y 5 -25.05 -29.99 24.59
N ARG Y 6 -25.50 -30.94 23.78
CA ARG Y 6 -26.09 -30.60 22.50
C ARG Y 6 -27.36 -29.80 22.68
N ALA Y 7 -28.13 -30.12 23.71
CA ALA Y 7 -29.32 -29.33 24.01
C ALA Y 7 -28.96 -28.00 24.65
N GLU Y 8 -27.92 -27.97 25.49
CA GLU Y 8 -27.49 -26.71 26.10
C GLU Y 8 -26.86 -25.81 25.05
N ALA Y 9 -26.30 -26.41 24.00
CA ALA Y 9 -25.97 -25.63 22.82
C ALA Y 9 -27.23 -25.12 22.14
N ARG Y 10 -28.28 -25.94 22.12
CA ARG Y 10 -29.43 -25.63 21.30
C ARG Y 10 -30.25 -24.49 21.89
N ILE Y 11 -30.31 -24.40 23.22
CA ILE Y 11 -31.01 -23.27 23.84
C ILE Y 11 -30.19 -22.00 23.69
N LEU Y 12 -28.86 -22.10 23.73
CA LEU Y 12 -28.05 -20.88 23.64
C LEU Y 12 -27.96 -20.41 22.21
N GLU Y 13 -28.23 -21.29 21.26
CA GLU Y 13 -28.33 -20.87 19.88
C GLU Y 13 -29.54 -19.97 19.67
N ALA Y 14 -30.63 -20.23 20.38
CA ALA Y 14 -31.84 -19.46 20.19
C ALA Y 14 -31.70 -18.06 20.76
N LYS Y 15 -30.94 -17.91 21.85
CA LYS Y 15 -30.86 -16.63 22.55
C LYS Y 15 -30.12 -15.58 21.73
N ALA Y 16 -29.29 -16.01 20.79
CA ALA Y 16 -28.64 -15.06 19.92
C ALA Y 16 -29.63 -14.49 18.91
N GLU Y 17 -30.60 -15.29 18.49
CA GLU Y 17 -31.42 -14.90 17.35
C GLU Y 17 -32.42 -13.81 17.72
N ILE Y 18 -32.85 -13.78 18.97
CA ILE Y 18 -33.70 -12.68 19.43
C ILE Y 18 -32.94 -11.37 19.38
N LEU Y 19 -31.65 -11.41 19.76
CA LEU Y 19 -30.84 -10.21 19.71
C LEU Y 19 -30.51 -9.81 18.28
N LYS Y 20 -30.52 -10.77 17.36
CA LYS Y 20 -30.30 -10.44 15.96
C LYS Y 20 -31.46 -9.63 15.40
N ALA Y 21 -32.69 -10.09 15.63
CA ALA Y 21 -33.84 -9.33 15.17
C ALA Y 21 -34.08 -8.10 16.03
N LYS Y 22 -33.50 -8.06 17.23
CA LYS Y 22 -33.55 -6.86 18.03
C LYS Y 22 -32.75 -5.74 17.38
N ALA Y 23 -31.63 -6.09 16.76
CA ALA Y 23 -30.83 -5.09 16.06
C ALA Y 23 -31.53 -4.63 14.79
N GLU Y 24 -32.26 -5.54 14.13
CA GLU Y 24 -32.85 -5.19 12.86
C GLU Y 24 -34.07 -4.31 13.02
N VAL Y 25 -34.69 -4.32 14.20
CA VAL Y 25 -35.64 -3.29 14.53
C VAL Y 25 -34.94 -1.94 14.55
N LEU Y 26 -33.78 -1.88 15.20
CA LEU Y 26 -33.02 -0.64 15.27
C LEU Y 26 -32.38 -0.30 13.93
N LYS Y 27 -32.23 -1.29 13.04
CA LYS Y 27 -31.65 -1.01 11.74
C LYS Y 27 -32.57 -0.17 10.88
N ALA Y 28 -33.81 -0.60 10.72
CA ALA Y 28 -34.75 0.17 9.93
C ALA Y 28 -35.29 1.36 10.70
N LYS Y 29 -35.03 1.41 12.00
CA LYS Y 29 -35.42 2.58 12.80
C LYS Y 29 -34.68 3.81 12.35
N ALA Y 30 -33.39 3.67 12.03
CA ALA Y 30 -32.65 4.78 11.46
C ALA Y 30 -33.02 5.01 10.01
N GLU Y 31 -33.57 3.99 9.34
CA GLU Y 31 -33.91 4.17 7.94
C GLU Y 31 -35.16 5.02 7.78
N ILE Y 32 -36.02 5.03 8.79
CA ILE Y 32 -37.07 6.04 8.86
C ILE Y 32 -36.45 7.40 9.07
N LEU Y 33 -35.37 7.46 9.85
CA LEU Y 33 -34.77 8.72 10.26
C LEU Y 33 -33.91 9.34 9.17
N LYS Y 34 -33.77 8.66 8.04
CA LYS Y 34 -33.00 9.24 6.95
C LYS Y 34 -33.85 9.39 5.70
N ALA Y 35 -34.87 8.56 5.53
CA ALA Y 35 -35.77 8.70 4.39
C ALA Y 35 -36.67 9.91 4.53
N GLN Y 36 -36.79 10.48 5.72
CA GLN Y 36 -37.45 11.77 5.89
C GLN Y 36 -36.41 12.89 5.77
N THR Z 1 7.33 49.52 -0.43
CA THR Z 1 8.75 49.50 -0.75
C THR Z 1 9.40 48.27 -0.16
N LEU Z 2 8.93 47.90 1.04
CA LEU Z 2 9.53 46.81 1.80
C LEU Z 2 9.38 45.48 1.07
N GLU Z 3 8.14 45.09 0.78
CA GLU Z 3 7.91 43.90 -0.03
C GLU Z 3 8.39 44.09 -1.45
N GLU Z 4 8.43 45.33 -1.93
CA GLU Z 4 8.99 45.62 -3.23
C GLU Z 4 10.49 45.36 -3.25
N LEU Z 5 11.21 45.87 -2.25
CA LEU Z 5 12.63 45.55 -2.11
C LEU Z 5 12.83 44.07 -1.82
N ARG Z 6 11.87 43.45 -1.12
CA ARG Z 6 11.89 42.01 -0.98
C ARG Z 6 11.72 41.31 -2.32
N ALA Z 7 10.90 41.89 -3.19
CA ALA Z 7 10.76 41.36 -4.53
C ALA Z 7 11.97 41.68 -5.39
N GLU Z 8 12.55 42.87 -5.23
CA GLU Z 8 13.75 43.21 -5.99
C GLU Z 8 14.94 42.38 -5.52
N ALA Z 9 14.90 41.96 -4.27
CA ALA Z 9 15.82 40.91 -3.84
C ALA Z 9 15.51 39.60 -4.54
N ARG Z 10 14.22 39.32 -4.72
CA ARG Z 10 13.82 37.99 -5.17
C ARG Z 10 14.15 37.77 -6.64
N ILE Z 11 14.07 38.82 -7.45
CA ILE Z 11 14.47 38.68 -8.85
C ILE Z 11 15.99 38.59 -8.97
N LEU Z 12 16.73 39.27 -8.10
CA LEU Z 12 18.18 39.25 -8.22
C LEU Z 12 18.74 37.97 -7.64
N GLU Z 13 17.96 37.30 -6.80
CA GLU Z 13 18.35 35.99 -6.33
C GLU Z 13 18.33 34.98 -7.47
N ALA Z 14 17.39 35.13 -8.40
CA ALA Z 14 17.26 34.16 -9.48
C ALA Z 14 18.40 34.30 -10.48
N LYS Z 15 18.89 35.53 -10.68
CA LYS Z 15 19.86 35.79 -11.73
C LYS Z 15 21.21 35.16 -11.41
N ALA Z 16 21.47 34.91 -10.12
CA ALA Z 16 22.70 34.22 -9.77
C ALA Z 16 22.63 32.75 -10.15
N GLU Z 17 21.44 32.16 -10.08
CA GLU Z 17 21.33 30.71 -10.19
C GLU Z 17 21.53 30.22 -11.61
N ILE Z 18 21.19 31.05 -12.60
CA ILE Z 18 21.48 30.72 -13.99
C ILE Z 18 22.99 30.67 -14.21
N LEU Z 19 23.71 31.60 -13.59
CA LEU Z 19 25.16 31.61 -13.72
C LEU Z 19 25.79 30.47 -12.95
N LYS Z 20 25.12 29.97 -11.91
CA LYS Z 20 25.63 28.81 -11.19
C LYS Z 20 25.60 27.57 -12.07
N ALA Z 21 24.46 27.30 -12.70
CA ALA Z 21 24.38 26.15 -13.58
C ALA Z 21 25.13 26.40 -14.88
N LYS Z 22 25.40 27.67 -15.20
CA LYS Z 22 26.25 27.96 -16.36
C LYS Z 22 27.67 27.49 -16.11
N ALA Z 23 28.15 27.61 -14.87
CA ALA Z 23 29.48 27.13 -14.54
C ALA Z 23 29.52 25.61 -14.54
N GLU Z 24 28.42 24.97 -14.12
CA GLU Z 24 28.43 23.53 -13.98
C GLU Z 24 28.35 22.83 -15.33
N VAL Z 25 27.86 23.52 -16.35
CA VAL Z 25 28.06 23.05 -17.72
C VAL Z 25 29.54 23.01 -18.04
N LEU Z 26 30.25 24.09 -17.70
CA LEU Z 26 31.68 24.16 -17.94
C LEU Z 26 32.46 23.26 -17.00
N LYS Z 27 31.85 22.87 -15.88
CA LYS Z 27 32.54 21.99 -14.93
C LYS Z 27 32.70 20.59 -15.51
N ALA Z 28 31.61 19.99 -15.96
CA ALA Z 28 31.72 18.66 -16.54
C ALA Z 28 32.24 18.70 -17.96
N LYS Z 29 32.33 19.90 -18.55
CA LYS Z 29 32.93 20.04 -19.87
C LYS Z 29 34.40 19.66 -19.85
N ALA Z 30 35.10 20.06 -18.79
CA ALA Z 30 36.48 19.63 -18.63
C ALA Z 30 36.56 18.18 -18.18
N GLU Z 31 35.49 17.65 -17.60
CA GLU Z 31 35.53 16.27 -17.14
C GLU Z 31 35.44 15.31 -18.30
N ILE Z 32 34.83 15.73 -19.40
CA ILE Z 32 34.97 14.99 -20.65
C ILE Z 32 36.41 15.08 -21.14
N LEU Z 33 37.04 16.23 -20.92
CA LEU Z 33 38.36 16.49 -21.48
C LEU Z 33 39.47 15.84 -20.68
N LYS Z 34 39.13 15.14 -19.60
CA LYS Z 34 40.15 14.44 -18.84
C LYS Z 34 39.85 12.95 -18.77
N ALA Z 35 38.57 12.56 -18.85
CA ALA Z 35 38.25 11.15 -18.86
C ALA Z 35 38.62 10.48 -20.18
N GLN Z 36 38.89 11.25 -21.22
CA GLN Z 36 39.48 10.71 -22.44
C GLN Z 36 40.99 10.79 -22.34
N THR AA 1 -50.33 19.95 -7.68
CA THR AA 1 -48.93 19.95 -8.04
C THR AA 1 -48.26 18.69 -7.55
N LEU AA 2 -48.70 18.23 -6.38
CA LEU AA 2 -48.08 17.10 -5.70
C LEU AA 2 -48.24 15.81 -6.51
N GLU AA 3 -49.49 15.44 -6.81
CA GLU AA 3 -49.75 14.32 -7.69
C GLU AA 3 -49.29 14.60 -9.11
N GLU AA 4 -49.28 15.87 -9.50
CA GLU AA 4 -48.74 16.25 -10.80
C GLU AA 4 -47.25 15.99 -10.86
N LEU AA 5 -46.50 16.44 -9.85
CA LEU AA 5 -45.08 16.10 -9.77
C LEU AA 5 -44.86 14.61 -9.58
N ARG AA 6 -45.81 13.94 -8.91
CA ARG AA 6 -45.78 12.48 -8.86
C ARG AA 6 -45.99 11.90 -10.24
N ALA AA 7 -46.84 12.54 -11.05
CA ALA AA 7 -47.00 12.09 -12.43
C ALA AA 7 -45.82 12.47 -13.29
N GLU AA 8 -45.24 13.64 -13.07
CA GLU AA 8 -44.06 14.04 -13.82
C GLU AA 8 -42.86 13.18 -13.45
N ALA AA 9 -42.86 12.68 -12.22
CA ALA AA 9 -41.93 11.61 -11.89
C ALA AA 9 -42.26 10.35 -12.66
N ARG AA 10 -43.55 10.07 -12.84
CA ARG AA 10 -43.97 8.79 -13.36
C ARG AA 10 -43.67 8.66 -14.85
N ILE AA 11 -43.77 9.76 -15.59
CA ILE AA 11 -43.40 9.73 -17.00
C ILE AA 11 -41.89 9.64 -17.17
N LEU AA 12 -41.13 10.27 -16.28
CA LEU AA 12 -39.69 10.25 -16.43
C LEU AA 12 -39.11 8.94 -15.96
N GLU AA 13 -39.87 8.21 -15.13
CA GLU AA 13 -39.46 6.87 -14.78
C GLU AA 13 -39.52 5.94 -15.98
N ALA AA 14 -40.48 6.15 -16.88
CA ALA AA 14 -40.63 5.26 -18.02
C ALA AA 14 -39.52 5.48 -19.03
N LYS AA 15 -39.04 6.72 -19.16
CA LYS AA 15 -38.08 7.04 -20.21
C LYS AA 15 -36.73 6.40 -19.97
N ALA AA 16 -36.43 6.06 -18.71
CA ALA AA 16 -35.20 5.34 -18.43
C ALA AA 16 -35.28 3.90 -18.92
N GLU AA 17 -36.47 3.30 -18.86
CA GLU AA 17 -36.58 1.87 -19.06
C GLU AA 17 -36.41 1.49 -20.51
N ILE AA 18 -36.78 2.38 -21.43
CA ILE AA 18 -36.53 2.14 -22.84
C ILE AA 18 -35.03 2.11 -23.11
N LEU AA 19 -34.30 3.00 -22.45
CA LEU AA 19 -32.84 3.02 -22.61
C LEU AA 19 -32.19 1.83 -21.94
N LYS AA 20 -32.83 1.26 -20.93
CA LYS AA 20 -32.31 0.06 -20.29
C LYS AA 20 -32.36 -1.12 -21.25
N ALA AA 21 -33.51 -1.35 -21.87
CA ALA AA 21 -33.61 -2.44 -22.84
C ALA AA 21 -32.91 -2.09 -24.12
N LYS AA 22 -32.64 -0.81 -24.37
CA LYS AA 22 -31.81 -0.44 -25.51
C LYS AA 22 -30.39 -0.93 -25.34
N ALA AA 23 -29.88 -0.88 -24.11
CA ALA AA 23 -28.54 -1.39 -23.85
C ALA AA 23 -28.51 -2.91 -23.94
N GLU AA 24 -29.59 -3.57 -23.54
CA GLU AA 24 -29.57 -5.02 -23.51
C GLU AA 24 -29.69 -5.62 -24.89
N VAL AA 25 -30.20 -4.87 -25.86
CA VAL AA 25 -30.04 -5.25 -27.25
C VAL AA 25 -28.57 -5.26 -27.62
N LEU AA 26 -27.85 -4.20 -27.22
CA LEU AA 26 -26.42 -4.11 -27.50
C LEU AA 26 -25.62 -5.07 -26.63
N LYS AA 27 -26.20 -5.54 -25.53
CA LYS AA 27 -25.49 -6.48 -24.67
C LYS AA 27 -25.34 -7.84 -25.35
N ALA AA 28 -26.44 -8.41 -25.80
CA ALA AA 28 -26.36 -9.69 -26.47
C ALA AA 28 -25.86 -9.55 -27.90
N LYS AA 29 -25.79 -8.32 -28.40
CA LYS AA 29 -25.23 -8.09 -29.74
C LYS AA 29 -23.76 -8.46 -29.77
N ALA AA 30 -23.03 -8.14 -28.70
CA ALA AA 30 -21.64 -8.58 -28.61
C ALA AA 30 -21.55 -10.05 -28.27
N GLU AA 31 -22.61 -10.62 -27.69
CA GLU AA 31 -22.57 -12.03 -27.33
C GLU AA 31 -22.67 -12.91 -28.55
N ILE AA 32 -23.31 -12.42 -29.61
CA ILE AA 32 -23.21 -13.06 -30.91
C ILE AA 32 -21.78 -12.94 -31.43
N LEU AA 33 -21.14 -11.81 -31.14
CA LEU AA 33 -19.84 -11.50 -31.72
C LEU AA 33 -18.71 -12.22 -30.99
N LYS AA 34 -19.03 -12.98 -29.95
CA LYS AA 34 -17.99 -13.73 -29.27
C LYS AA 34 -18.28 -15.23 -29.28
N ALA AA 35 -19.55 -15.61 -29.37
CA ALA AA 35 -19.88 -17.02 -29.46
C ALA AA 35 -19.54 -17.60 -30.83
N GLN AA 36 -19.30 -16.75 -31.82
CA GLN AA 36 -18.74 -17.21 -33.09
C GLN AA 36 -17.22 -17.13 -33.04
N THR BA 1 30.92 -5.08 40.08
CA THR BA 1 31.61 -3.80 40.07
C THR BA 1 31.84 -3.36 38.64
N LEU BA 2 32.13 -4.33 37.78
CA LEU BA 2 32.52 -4.05 36.40
C LEU BA 2 31.38 -3.40 35.63
N GLU BA 3 30.23 -4.08 35.58
CA GLU BA 3 29.03 -3.49 34.99
C GLU BA 3 28.53 -2.33 35.80
N GLU BA 4 28.81 -2.32 37.11
CA GLU BA 4 28.46 -1.19 37.95
C GLU BA 4 29.28 0.04 37.56
N LEU BA 5 30.61 -0.13 37.43
CA LEU BA 5 31.44 0.96 36.92
C LEU BA 5 31.09 1.31 35.48
N ARG BA 6 30.66 0.31 34.71
CA ARG BA 6 30.12 0.59 33.38
C ARG BA 6 28.85 1.43 33.48
N ALA BA 7 28.04 1.18 34.51
CA ALA BA 7 26.86 2.00 34.73
C ALA BA 7 27.22 3.35 35.30
N GLU BA 8 28.22 3.41 36.18
CA GLU BA 8 28.66 4.69 36.72
C GLU BA 8 29.33 5.53 35.65
N ALA BA 9 29.92 4.87 34.66
CA ALA BA 9 30.30 5.57 33.45
C ALA BA 9 29.07 6.06 32.70
N ARG BA 10 28.02 5.26 32.69
CA ARG BA 10 26.89 5.54 31.82
C ARG BA 10 26.08 6.72 32.32
N ILE BA 11 25.98 6.89 33.64
CA ILE BA 11 25.28 8.06 34.17
C ILE BA 11 26.12 9.32 33.99
N LEU BA 12 27.44 9.20 34.07
CA LEU BA 12 28.28 10.39 33.95
C LEU BA 12 28.43 10.79 32.50
N GLU BA 13 28.17 9.85 31.59
CA GLU BA 13 28.13 10.20 30.18
C GLU BA 13 26.94 11.12 29.88
N ALA BA 14 25.83 10.90 30.57
CA ALA BA 14 24.63 11.69 30.30
C ALA BA 14 24.78 13.12 30.79
N LYS BA 15 25.50 13.31 31.89
CA LYS BA 15 25.58 14.61 32.53
C LYS BA 15 26.36 15.61 31.68
N ALA BA 16 27.22 15.11 30.80
CA ALA BA 16 27.91 16.01 29.89
C ALA BA 16 26.97 16.55 28.84
N GLU BA 17 26.00 15.74 28.42
CA GLU BA 17 25.22 16.07 27.23
C GLU BA 17 24.23 17.20 27.50
N ILE BA 18 23.76 17.31 28.75
CA ILE BA 18 22.91 18.44 29.12
C ILE BA 18 23.70 19.73 29.02
N LEU BA 19 24.97 19.69 29.45
CA LEU BA 19 25.80 20.88 29.36
C LEU BA 19 26.19 21.20 27.92
N LYS BA 20 26.19 20.18 27.06
CA LYS BA 20 26.46 20.43 25.64
C LYS BA 20 25.33 21.23 25.01
N ALA BA 21 24.10 20.80 25.22
CA ALA BA 21 22.97 21.55 24.67
C ALA BA 21 22.73 22.83 25.46
N LYS BA 22 23.27 22.92 26.68
CA LYS BA 22 23.21 24.18 27.41
C LYS BA 22 24.04 25.24 26.73
N ALA BA 23 25.18 24.84 26.17
CA ALA BA 23 26.01 25.79 25.44
C ALA BA 23 25.38 26.18 24.12
N GLU BA 24 24.66 25.26 23.49
CA GLU BA 24 24.11 25.55 22.18
C GLU BA 24 22.89 26.45 22.26
N VAL BA 25 22.25 26.51 23.41
CA VAL BA 25 21.30 27.58 23.66
C VAL BA 25 22.01 28.92 23.63
N LEU BA 26 23.15 28.99 24.32
CA LEU BA 26 23.94 30.22 24.34
C LEU BA 26 24.62 30.49 23.01
N LYS BA 27 24.78 29.45 22.18
CA LYS BA 27 25.42 29.64 20.88
C LYS BA 27 24.54 30.46 19.95
N ALA BA 28 23.29 30.02 19.77
CA ALA BA 28 22.39 30.77 18.90
C ALA BA 28 21.85 32.00 19.59
N LYS BA 29 22.07 32.13 20.91
CA LYS BA 29 21.67 33.34 21.63
C LYS BA 29 22.45 34.54 21.12
N ALA BA 30 23.74 34.35 20.87
CA ALA BA 30 24.53 35.42 20.26
C ALA BA 30 24.20 35.58 18.79
N GLU BA 31 23.66 34.54 18.15
CA GLU BA 31 23.36 34.63 16.74
C GLU BA 31 22.14 35.51 16.49
N ILE BA 32 21.25 35.58 17.47
CA ILE BA 32 20.22 36.61 17.45
C ILE BA 32 20.85 37.98 17.60
N LEU BA 33 21.91 38.05 18.42
CA LEU BA 33 22.51 39.34 18.78
C LEU BA 33 23.43 39.86 17.69
N LYS BA 34 23.58 39.13 16.60
CA LYS BA 34 24.39 39.64 15.51
C LYS BA 34 23.59 39.73 14.22
N ALA BA 35 22.56 38.90 14.07
CA ALA BA 35 21.71 39.01 12.89
C ALA BA 35 20.81 40.24 12.93
N GLN BA 36 20.67 40.88 14.09
CA GLN BA 36 20.04 42.18 14.16
C GLN BA 36 21.08 43.26 14.02
N THR CA 1 -18.65 -37.04 -38.19
CA THR CA 1 -17.66 -36.71 -37.19
C THR CA 1 -18.21 -35.62 -36.28
N LEU CA 2 -18.97 -34.70 -36.88
CA LEU CA 2 -19.45 -33.52 -36.17
C LEU CA 2 -20.41 -33.90 -35.06
N GLU CA 3 -21.48 -34.61 -35.40
CA GLU CA 3 -22.39 -35.14 -34.39
C GLU CA 3 -21.73 -36.21 -33.56
N GLU CA 4 -20.73 -36.89 -34.11
CA GLU CA 4 -19.96 -37.85 -33.35
C GLU CA 4 -19.13 -37.16 -32.27
N LEU CA 5 -18.42 -36.09 -32.66
CA LEU CA 5 -17.72 -35.28 -31.66
C LEU CA 5 -18.70 -34.59 -30.72
N ARG CA 6 -19.89 -34.26 -31.21
CA ARG CA 6 -20.95 -33.79 -30.33
C ARG CA 6 -21.37 -34.87 -29.36
N ALA CA 7 -21.37 -36.12 -29.82
CA ALA CA 7 -21.66 -37.22 -28.91
C ALA CA 7 -20.49 -37.51 -27.99
N GLU CA 8 -19.26 -37.40 -28.50
CA GLU CA 8 -18.10 -37.62 -27.64
C GLU CA 8 -17.97 -36.50 -26.62
N ALA CA 9 -18.48 -35.32 -26.95
CA ALA CA 9 -18.68 -34.30 -25.93
C ALA CA 9 -19.74 -34.75 -24.94
N ARG CA 10 -20.78 -35.41 -25.44
CA ARG CA 10 -21.95 -35.65 -24.61
C ARG CA 10 -21.67 -36.73 -23.57
N ILE CA 11 -20.85 -37.73 -23.91
CA ILE CA 11 -20.48 -38.74 -22.92
C ILE CA 11 -19.51 -38.15 -21.90
N LEU CA 12 -18.64 -37.24 -22.31
CA LEU CA 12 -17.66 -36.71 -21.38
C LEU CA 12 -18.29 -35.67 -20.48
N GLU CA 13 -19.42 -35.11 -20.91
CA GLU CA 13 -20.19 -34.23 -20.05
C GLU CA 13 -20.76 -35.00 -18.87
N ALA CA 14 -21.16 -36.25 -19.09
CA ALA CA 14 -21.79 -37.02 -18.03
C ALA CA 14 -20.77 -37.43 -16.97
N LYS CA 15 -19.53 -37.67 -17.38
CA LYS CA 15 -18.53 -38.21 -16.47
C LYS CA 15 -18.12 -37.20 -15.41
N ALA CA 16 -18.31 -35.92 -15.70
CA ALA CA 16 -18.04 -34.91 -14.68
C ALA CA 16 -19.10 -34.94 -13.59
N GLU CA 17 -20.34 -35.25 -13.95
CA GLU CA 17 -21.45 -35.05 -13.03
C GLU CA 17 -21.46 -36.09 -11.91
N ILE CA 18 -20.95 -37.29 -12.20
CA ILE CA 18 -20.80 -38.29 -11.14
C ILE CA 18 -19.78 -37.82 -10.12
N LEU CA 19 -18.71 -37.19 -10.58
CA LEU CA 19 -17.70 -36.67 -9.66
C LEU CA 19 -18.21 -35.46 -8.90
N LYS CA 20 -19.18 -34.74 -9.47
CA LYS CA 20 -19.78 -33.62 -8.76
C LYS CA 20 -20.57 -34.09 -7.56
N ALA CA 21 -21.44 -35.08 -7.77
CA ALA CA 21 -22.20 -35.62 -6.64
C ALA CA 21 -21.33 -36.48 -5.75
N LYS CA 22 -20.18 -36.94 -6.26
CA LYS CA 22 -19.23 -37.64 -5.40
C LYS CA 22 -18.65 -36.69 -4.36
N ALA CA 23 -18.42 -35.44 -4.74
CA ALA CA 23 -17.92 -34.47 -3.78
C ALA CA 23 -19.00 -34.08 -2.78
N GLU CA 24 -20.25 -34.05 -3.21
CA GLU CA 24 -21.31 -33.58 -2.34
C GLU CA 24 -21.68 -34.63 -1.30
N VAL CA 25 -21.36 -35.89 -1.55
CA VAL CA 25 -21.38 -36.88 -0.49
C VAL CA 25 -20.35 -36.51 0.57
N LEU CA 26 -19.15 -36.16 0.13
CA LEU CA 26 -18.09 -35.76 1.06
C LEU CA 26 -18.36 -34.40 1.66
N LYS CA 27 -19.21 -33.59 1.02
CA LYS CA 27 -19.52 -32.27 1.57
C LYS CA 27 -20.34 -32.37 2.84
N ALA CA 28 -21.45 -33.10 2.79
CA ALA CA 28 -22.26 -33.25 3.98
C ALA CA 28 -21.66 -34.26 4.94
N LYS CA 29 -20.65 -35.01 4.50
CA LYS CA 29 -19.96 -35.94 5.39
C LYS CA 29 -19.25 -35.19 6.49
N ALA CA 30 -18.63 -34.06 6.16
CA ALA CA 30 -18.04 -33.21 7.18
C ALA CA 30 -19.10 -32.46 7.96
N GLU CA 31 -20.30 -32.29 7.38
CA GLU CA 31 -21.34 -31.55 8.09
C GLU CA 31 -21.92 -32.37 9.22
N ILE CA 32 -21.87 -33.70 9.09
CA ILE CA 32 -22.13 -34.55 10.25
C ILE CA 32 -21.03 -34.37 11.28
N LEU CA 33 -19.80 -34.17 10.81
CA LEU CA 33 -18.64 -34.15 11.69
C LEU CA 33 -18.49 -32.81 12.40
N LYS CA 34 -19.38 -31.86 12.13
CA LYS CA 34 -19.30 -30.60 12.84
C LYS CA 34 -20.59 -30.31 13.59
N ALA CA 35 -21.71 -30.84 13.12
CA ALA CA 35 -22.96 -30.67 13.85
C ALA CA 35 -23.00 -31.50 15.13
N GLN CA 36 -22.11 -32.46 15.28
CA GLN CA 36 -21.94 -33.14 16.56
C GLN CA 36 -20.87 -32.42 17.37
N THR DA 1 43.19 1.25 -30.65
CA THR DA 1 44.25 1.46 -29.67
C THR DA 1 43.77 2.41 -28.58
N LEU DA 2 42.95 3.38 -28.99
CA LEU DA 2 42.51 4.43 -28.09
C LEU DA 2 41.64 3.87 -26.97
N GLU DA 3 40.55 3.19 -27.34
CA GLU DA 3 39.73 2.50 -26.35
C GLU DA 3 40.47 1.33 -25.72
N GLU DA 4 41.43 0.76 -26.45
CA GLU DA 4 42.28 -0.27 -25.88
C GLU DA 4 43.16 0.29 -24.79
N LEU DA 5 43.84 1.41 -25.06
CA LEU DA 5 44.59 2.09 -24.01
C LEU DA 5 43.68 2.61 -22.92
N ARG DA 6 42.45 2.99 -23.27
CA ARG DA 6 41.46 3.31 -22.26
C ARG DA 6 41.12 2.08 -21.42
N ALA DA 7 41.10 0.91 -22.05
CA ALA DA 7 40.90 -0.32 -21.29
C ALA DA 7 42.14 -0.71 -20.51
N GLU DA 8 43.33 -0.49 -21.08
CA GLU DA 8 44.55 -0.80 -20.36
C GLU DA 8 44.75 0.16 -19.19
N ALA DA 9 44.19 1.36 -19.32
CA ALA DA 9 44.05 2.21 -18.16
C ALA DA 9 43.08 1.62 -17.16
N ARG DA 10 42.01 1.01 -17.66
CA ARG DA 10 40.92 0.62 -16.80
C ARG DA 10 41.28 -0.59 -15.95
N ILE DA 11 42.09 -1.50 -16.48
CA ILE DA 11 42.55 -2.64 -15.68
C ILE DA 11 43.58 -2.19 -14.66
N LEU DA 12 44.41 -1.20 -15.00
CA LEU DA 12 45.45 -0.77 -14.07
C LEU DA 12 44.87 0.11 -13.00
N GLU DA 13 43.71 0.70 -13.26
CA GLU DA 13 43.00 1.42 -12.22
C GLU DA 13 42.52 0.48 -11.13
N ALA DA 14 42.13 -0.74 -11.49
CA ALA DA 14 41.59 -1.66 -10.50
C ALA DA 14 42.68 -2.20 -9.59
N LYS DA 15 43.90 -2.35 -10.13
CA LYS DA 15 44.98 -2.98 -9.38
C LYS DA 15 45.45 -2.12 -8.22
N ALA DA 16 45.22 -0.82 -8.30
CA ALA DA 16 45.55 0.04 -7.18
C ALA DA 16 44.59 -0.16 -6.03
N GLU DA 17 43.32 -0.45 -6.34
CA GLU DA 17 42.28 -0.42 -5.32
C GLU DA 17 42.36 -1.60 -4.38
N ILE DA 18 42.88 -2.74 -4.85
CA ILE DA 18 43.11 -3.87 -3.97
C ILE DA 18 44.19 -3.52 -2.96
N LEU DA 19 45.24 -2.81 -3.41
CA LEU DA 19 46.29 -2.41 -2.50
C LEU DA 19 45.82 -1.33 -1.54
N LYS DA 20 44.81 -0.55 -1.93
CA LYS DA 20 44.25 0.44 -1.02
C LYS DA 20 43.56 -0.22 0.15
N ALA DA 21 42.68 -1.19 -0.12
CA ALA DA 21 42.02 -1.90 0.95
C ALA DA 21 42.97 -2.86 1.65
N LYS DA 22 44.08 -3.21 1.01
CA LYS DA 22 45.10 -4.00 1.68
C LYS DA 22 45.74 -3.20 2.81
N ALA DA 23 45.93 -1.90 2.59
CA ALA DA 23 46.48 -1.05 3.63
C ALA DA 23 45.48 -0.84 4.76
N GLU DA 24 44.20 -0.78 4.42
CA GLU DA 24 43.20 -0.47 5.43
C GLU DA 24 42.93 -1.67 6.34
N VAL DA 25 43.25 -2.87 5.88
CA VAL DA 25 43.32 -4.00 6.80
C VAL DA 25 44.42 -3.76 7.82
N LEU DA 26 45.58 -3.32 7.34
CA LEU DA 26 46.70 -3.03 8.24
C LEU DA 26 46.45 -1.77 9.05
N LYS DA 27 45.55 -0.91 8.60
CA LYS DA 27 45.26 0.32 9.34
C LYS DA 27 44.55 0.01 10.65
N ALA DA 28 43.45 -0.72 10.57
CA ALA DA 28 42.73 -1.06 11.80
C ALA DA 28 43.40 -2.19 12.55
N LYS DA 29 44.39 -2.85 11.93
CA LYS DA 29 45.16 -3.86 12.62
C LYS DA 29 45.95 -3.27 13.78
N ALA DA 30 46.52 -2.08 13.56
CA ALA DA 30 47.17 -1.37 14.65
C ALA DA 30 46.16 -0.77 15.60
N GLU DA 31 44.93 -0.55 15.15
CA GLU DA 31 43.94 0.05 16.02
C GLU DA 31 43.45 -0.93 17.06
N ILE DA 32 43.51 -2.22 16.75
CA ILE DA 32 43.35 -3.24 17.77
C ILE DA 32 44.52 -3.17 18.75
N LEU DA 33 45.71 -2.88 18.22
CA LEU DA 33 46.93 -2.95 19.00
C LEU DA 33 47.11 -1.73 19.89
N LYS DA 34 46.20 -0.77 19.82
CA LYS DA 34 46.30 0.38 20.70
C LYS DA 34 45.07 0.53 21.57
N ALA DA 35 43.93 0.04 21.12
CA ALA DA 35 42.74 0.07 21.95
C ALA DA 35 42.79 -0.93 23.10
N GLN DA 36 43.72 -1.88 23.04
CA GLN DA 36 44.00 -2.73 24.19
C GLN DA 36 45.11 -2.10 25.02
N THR EA 1 -36.28 -32.73 31.57
CA THR EA 1 -35.56 -31.47 31.43
C THR EA 1 -35.20 -31.25 29.98
N LEU EA 2 -34.88 -32.35 29.29
CA LEU EA 2 -34.38 -32.28 27.92
C LEU EA 2 -35.45 -31.74 26.97
N GLU EA 3 -36.61 -32.39 26.93
CA GLU EA 3 -37.73 -31.87 26.17
C GLU EA 3 -38.26 -30.58 26.77
N GLU EA 4 -38.09 -30.39 28.07
CA GLU EA 4 -38.45 -29.14 28.71
C GLU EA 4 -37.57 -28.00 28.21
N LEU EA 5 -36.25 -28.21 28.21
CA LEU EA 5 -35.34 -27.24 27.61
C LEU EA 5 -35.57 -27.10 26.13
N ARG EA 6 -35.98 -28.18 25.47
CA ARG EA 6 -36.41 -28.09 24.08
C ARG EA 6 -37.65 -27.23 23.96
N ALA EA 7 -38.55 -27.32 24.94
CA ALA EA 7 -39.71 -26.44 24.94
C ALA EA 7 -39.35 -25.02 25.33
N GLU EA 8 -38.42 -24.86 26.28
CA GLU EA 8 -37.99 -23.52 26.65
C GLU EA 8 -37.21 -22.86 25.53
N ALA EA 9 -36.56 -23.67 24.69
CA ALA EA 9 -36.07 -23.17 23.43
C ALA EA 9 -37.21 -22.76 22.52
N ARG EA 10 -38.30 -23.54 22.55
CA ARG EA 10 -39.35 -23.37 21.56
C ARG EA 10 -40.16 -22.10 21.82
N ILE EA 11 -40.36 -21.74 23.08
CA ILE EA 11 -41.05 -20.50 23.39
C ILE EA 11 -40.16 -19.30 23.07
N LEU EA 12 -38.85 -19.43 23.29
CA LEU EA 12 -37.96 -18.29 23.05
C LEU EA 12 -37.70 -18.11 21.57
N GLU EA 13 -37.92 -19.16 20.79
CA GLU EA 13 -37.85 -19.03 19.35
C GLU EA 13 -38.98 -18.15 18.83
N ALA EA 14 -40.15 -18.23 19.46
CA ALA EA 14 -41.30 -17.47 18.98
C ALA EA 14 -41.14 -15.99 19.27
N LYS EA 15 -40.49 -15.66 20.39
CA LYS EA 15 -40.42 -14.26 20.82
C LYS EA 15 -39.55 -13.43 19.90
N ALA EA 16 -38.64 -14.07 19.17
CA ALA EA 16 -37.86 -13.33 18.20
C ALA EA 16 -38.70 -12.93 17.00
N GLU EA 17 -39.65 -13.78 16.63
CA GLU EA 17 -40.34 -13.60 15.36
C GLU EA 17 -41.31 -12.44 15.39
N ILE EA 18 -41.87 -12.13 16.56
CA ILE EA 18 -42.70 -10.94 16.69
C ILE EA 18 -41.86 -9.69 16.46
N LEU EA 19 -40.65 -9.69 16.99
CA LEU EA 19 -39.77 -8.55 16.79
C LEU EA 19 -39.27 -8.45 15.36
N LYS EA 20 -39.22 -9.59 14.65
CA LYS EA 20 -38.85 -9.56 13.24
C LYS EA 20 -39.90 -8.84 12.41
N ALA EA 21 -41.16 -9.21 12.58
CA ALA EA 21 -42.22 -8.52 11.85
C ALA EA 21 -42.48 -7.14 12.42
N LYS EA 22 -42.03 -6.88 13.65
CA LYS EA 22 -42.10 -5.52 14.18
C LYS EA 22 -41.19 -4.60 13.42
N ALA EA 23 -40.02 -5.09 13.02
CA ALA EA 23 -39.10 -4.28 12.22
C ALA EA 23 -39.63 -4.08 10.81
N GLU EA 24 -40.33 -5.07 10.28
CA GLU EA 24 -40.77 -4.97 8.89
C GLU EA 24 -41.95 -4.05 8.74
N VAL EA 25 -42.69 -3.80 9.83
CA VAL EA 25 -43.62 -2.68 9.84
C VAL EA 25 -42.86 -1.37 9.67
N LEU EA 26 -41.77 -1.23 10.43
CA LEU EA 26 -40.94 -0.03 10.32
C LEU EA 26 -40.15 0.02 9.02
N LYS EA 27 -39.97 -1.12 8.37
CA LYS EA 27 -39.24 -1.14 7.11
C LYS EA 27 -40.02 -0.46 6.02
N ALA EA 28 -41.26 -0.89 5.80
CA ALA EA 28 -42.06 -0.26 4.76
C ALA EA 28 -42.63 1.08 5.22
N LYS EA 29 -42.50 1.38 6.51
CA LYS EA 29 -42.91 2.70 7.01
C LYS EA 29 -42.05 3.80 6.40
N ALA EA 30 -40.76 3.55 6.28
CA ALA EA 30 -39.90 4.50 5.59
C ALA EA 30 -40.10 4.44 4.08
N GLU EA 31 -40.63 3.33 3.57
CA GLU EA 31 -40.82 3.22 2.14
C GLU EA 31 -41.99 4.07 1.67
N ILE EA 32 -42.95 4.30 2.55
CA ILE EA 32 -43.95 5.34 2.30
C ILE EA 32 -43.27 6.70 2.31
N LEU EA 33 -42.27 6.88 3.17
CA LEU EA 33 -41.68 8.18 3.40
C LEU EA 33 -40.66 8.53 2.31
N LYS EA 34 -40.45 7.64 1.36
CA LYS EA 34 -39.55 7.96 0.27
C LYS EA 34 -40.24 7.88 -1.08
N ALA EA 35 -41.29 7.06 -1.19
CA ALA EA 35 -42.04 7.01 -2.43
C ALA EA 35 -42.90 8.24 -2.65
N GLN EA 36 -43.10 9.05 -1.61
CA GLN EA 36 -43.71 10.35 -1.78
C GLN EA 36 -42.61 11.39 -1.99
N THR FA 1 12.70 52.30 9.97
CA THR FA 1 14.09 52.37 9.57
C THR FA 1 14.77 51.04 9.82
N LEU FA 2 14.37 50.39 10.91
CA LEU FA 2 15.01 49.16 11.36
C LEU FA 2 14.81 48.04 10.35
N GLU FA 3 13.55 47.71 10.04
CA GLU FA 3 13.26 46.76 8.99
C GLU FA 3 13.65 47.28 7.62
N GLU FA 4 13.67 48.60 7.46
CA GLU FA 4 14.15 49.20 6.22
C GLU FA 4 15.64 48.96 6.06
N LEU FA 5 16.43 49.23 7.10
CA LEU FA 5 17.85 48.89 7.07
C LEU FA 5 18.06 47.39 6.98
N ARG FA 6 17.15 46.62 7.57
CA ARG FA 6 17.17 45.17 7.37
C ARG FA 6 16.91 44.82 5.91
N ALA FA 7 16.04 45.59 5.25
CA ALA FA 7 15.81 45.38 3.84
C ALA FA 7 16.97 45.91 3.00
N GLU FA 8 17.57 47.03 3.42
CA GLU FA 8 18.71 47.56 2.69
C GLU FA 8 19.92 46.65 2.87
N ALA FA 9 19.97 45.94 3.98
CA ALA FA 9 20.90 44.83 4.10
C ALA FA 9 20.54 43.73 3.13
N ARG FA 10 19.24 43.48 2.96
CA ARG FA 10 18.80 42.29 2.24
C ARG FA 10 19.04 42.43 0.74
N ILE FA 11 18.93 43.64 0.20
CA ILE FA 11 19.23 43.85 -1.21
C ILE FA 11 20.73 43.79 -1.45
N LEU FA 12 21.53 44.27 -0.48
CA LEU FA 12 22.98 44.29 -0.70
C LEU FA 12 23.56 42.91 -0.47
N GLU FA 13 22.83 42.05 0.23
CA GLU FA 13 23.23 40.66 0.35
C GLU FA 13 23.13 39.96 -1.00
N ALA FA 14 22.15 40.31 -1.81
CA ALA FA 14 21.95 39.63 -3.08
C ALA FA 14 23.02 40.01 -4.08
N LYS FA 15 23.50 41.26 -4.01
CA LYS FA 15 24.41 41.77 -5.03
C LYS FA 15 25.78 41.10 -4.94
N ALA FA 16 26.11 40.54 -3.78
CA ALA FA 16 27.35 39.80 -3.68
C ALA FA 16 27.25 38.47 -4.39
N GLU FA 17 26.06 37.86 -4.39
CA GLU FA 17 25.94 36.48 -4.83
C GLU FA 17 26.05 36.34 -6.34
N ILE FA 18 25.65 37.39 -7.07
CA ILE FA 18 25.85 37.39 -8.52
C ILE FA 18 27.34 37.41 -8.84
N LEU FA 19 28.10 38.18 -8.07
CA LEU FA 19 29.55 38.23 -8.28
C LEU FA 19 30.22 36.94 -7.85
N LYS FA 20 29.61 36.21 -6.92
CA LYS FA 20 30.16 34.92 -6.52
C LYS FA 20 30.06 33.92 -7.66
N ALA FA 21 28.89 33.79 -8.27
CA ALA FA 21 28.74 32.89 -9.40
C ALA FA 21 29.41 33.45 -10.65
N LYS FA 22 29.67 34.76 -10.67
CA LYS FA 22 30.45 35.33 -11.77
C LYS FA 22 31.88 34.82 -11.74
N ALA FA 23 32.43 34.64 -10.54
CA ALA FA 23 33.78 34.11 -10.42
C ALA FA 23 33.81 32.63 -10.76
N GLU FA 24 32.74 31.91 -10.45
CA GLU FA 24 32.75 30.47 -10.67
C GLU FA 24 32.58 30.12 -12.13
N VAL FA 25 32.03 31.03 -12.92
CA VAL FA 25 32.14 30.88 -14.37
C VAL FA 25 33.59 30.95 -14.79
N LEU FA 26 34.33 31.92 -14.25
CA LEU FA 26 35.75 32.05 -14.55
C LEU FA 26 36.57 30.96 -13.90
N LYS FA 27 36.04 30.32 -12.86
CA LYS FA 27 36.78 29.24 -12.21
C LYS FA 27 36.90 28.03 -13.11
N ALA FA 28 35.78 27.54 -13.62
CA ALA FA 28 35.84 26.38 -14.50
C ALA FA 28 36.27 26.77 -15.91
N LYS FA 29 36.33 28.07 -16.19
CA LYS FA 29 36.84 28.52 -17.48
C LYS FA 29 38.31 28.17 -17.63
N ALA FA 30 39.08 28.31 -16.56
CA ALA FA 30 40.47 27.86 -16.59
C ALA FA 30 40.56 26.34 -16.51
N GLU FA 31 39.53 25.69 -16.00
CA GLU FA 31 39.58 24.24 -15.89
C GLU FA 31 39.43 23.58 -17.25
N ILE FA 32 38.74 24.25 -18.17
CA ILE FA 32 38.80 23.83 -19.57
C ILE FA 32 40.21 24.04 -20.11
N LEU FA 33 40.86 25.11 -19.66
CA LEU FA 33 42.15 25.51 -20.22
C LEU FA 33 43.29 24.69 -19.67
N LYS FA 34 43.01 23.76 -18.76
CA LYS FA 34 44.07 22.91 -18.26
C LYS FA 34 43.77 21.44 -18.53
N ALA FA 35 42.50 21.07 -18.62
CA ALA FA 35 42.16 19.69 -18.95
C ALA FA 35 42.45 19.36 -20.41
N GLN FA 36 42.66 20.37 -21.25
CA GLN FA 36 43.16 20.13 -22.59
C GLN FA 36 44.68 20.20 -22.58
N THR GA 1 -55.19 15.67 -18.40
CA THR GA 1 -53.75 15.59 -18.59
C THR GA 1 -53.19 14.45 -17.77
N LEU GA 2 -53.77 14.27 -16.58
CA LEU GA 2 -53.25 13.30 -15.61
C LEU GA 2 -53.38 11.88 -16.13
N GLU GA 3 -54.60 11.47 -16.47
CA GLU GA 3 -54.80 10.18 -17.12
C GLU GA 3 -54.20 10.14 -18.51
N GLU GA 4 -54.09 11.30 -19.15
CA GLU GA 4 -53.41 11.37 -20.44
C GLU GA 4 -51.93 11.09 -20.29
N LEU GA 5 -51.28 11.73 -19.31
CA LEU GA 5 -49.89 11.41 -19.01
C LEU GA 5 -49.74 10.00 -18.49
N ARG GA 6 -50.77 9.50 -17.80
CA ARG GA 6 -50.80 8.09 -17.43
C ARG GA 6 -50.88 7.22 -18.67
N ALA GA 7 -51.62 7.67 -19.68
CA ALA GA 7 -51.66 6.93 -20.93
C ALA GA 7 -50.37 7.11 -21.73
N GLU GA 8 -49.77 8.30 -21.69
CA GLU GA 8 -48.52 8.50 -22.38
C GLU GA 8 -47.40 7.74 -21.71
N ALA GA 9 -47.54 7.51 -20.40
CA ALA GA 9 -46.69 6.53 -19.75
C ALA GA 9 -46.98 5.14 -20.26
N ARG GA 10 -48.25 4.84 -20.52
CA ARG GA 10 -48.66 3.48 -20.80
C ARG GA 10 -48.20 3.02 -22.17
N ILE GA 11 -48.19 3.94 -23.14
CA ILE GA 11 -47.68 3.59 -24.47
C ILE GA 11 -46.16 3.45 -24.44
N LEU GA 12 -45.48 4.26 -23.63
CA LEU GA 12 -44.02 4.19 -23.62
C LEU GA 12 -43.55 3.01 -22.81
N GLU GA 13 -44.41 2.48 -21.95
CA GLU GA 13 -44.10 1.24 -21.26
C GLU GA 13 -44.06 0.09 -22.23
N ALA GA 14 -44.91 0.10 -23.24
CA ALA GA 14 -44.97 -1.02 -24.17
C ALA GA 14 -43.76 -1.05 -25.09
N LYS GA 15 -43.23 0.13 -25.43
CA LYS GA 15 -42.15 0.21 -26.41
C LYS GA 15 -40.85 -0.38 -25.89
N ALA GA 16 -40.71 -0.45 -24.57
CA ALA GA 16 -39.54 -1.09 -24.01
C ALA GA 16 -39.61 -2.59 -24.17
N GLU GA 17 -40.81 -3.15 -24.11
CA GLU GA 17 -40.96 -4.60 -24.01
C GLU GA 17 -40.66 -5.30 -25.32
N ILE GA 18 -40.89 -4.61 -26.44
CA ILE GA 18 -40.50 -5.16 -27.74
C ILE GA 18 -38.98 -5.26 -27.82
N LEU GA 19 -38.28 -4.26 -27.29
CA LEU GA 19 -36.83 -4.29 -27.30
C LEU GA 19 -36.29 -5.31 -26.32
N LYS GA 20 -37.06 -5.64 -25.28
CA LYS GA 20 -36.65 -6.68 -24.34
C LYS GA 20 -36.64 -8.04 -25.02
N ALA GA 21 -37.72 -8.39 -25.71
CA ALA GA 21 -37.76 -9.65 -26.42
C ALA GA 21 -36.91 -9.62 -27.67
N LYS GA 22 -36.58 -8.42 -28.15
CA LYS GA 22 -35.63 -8.31 -29.26
C LYS GA 22 -34.24 -8.77 -28.82
N ALA GA 23 -33.86 -8.46 -27.59
CA ALA GA 23 -32.58 -8.92 -27.08
C ALA GA 23 -32.59 -10.42 -26.84
N GLU GA 24 -33.73 -10.96 -26.42
CA GLU GA 24 -33.76 -12.37 -26.07
C GLU GA 24 -33.76 -13.27 -27.30
N VAL GA 25 -34.14 -12.73 -28.46
CA VAL GA 25 -33.85 -13.41 -29.70
C VAL GA 25 -32.34 -13.51 -29.89
N LEU GA 26 -31.64 -12.40 -29.66
CA LEU GA 26 -30.19 -12.39 -29.78
C LEU GA 26 -29.51 -13.15 -28.66
N LYS GA 27 -30.21 -13.36 -27.54
CA LYS GA 27 -29.64 -14.10 -26.44
C LYS GA 27 -29.46 -15.56 -26.78
N ALA GA 28 -30.53 -16.21 -27.22
CA ALA GA 28 -30.42 -17.62 -27.58
C ALA GA 28 -29.78 -17.80 -28.94
N LYS GA 29 -29.60 -16.70 -29.69
CA LYS GA 29 -28.90 -16.78 -30.97
C LYS GA 29 -27.44 -17.17 -30.76
N ALA GA 30 -26.83 -16.62 -29.72
CA ALA GA 30 -25.47 -17.05 -29.37
C ALA GA 30 -25.47 -18.42 -28.72
N GLU GA 31 -26.60 -18.82 -28.15
CA GLU GA 31 -26.63 -20.12 -27.50
C GLU GA 31 -26.65 -21.25 -28.50
N ILE GA 32 -27.17 -20.99 -29.70
CA ILE GA 32 -26.95 -21.91 -30.81
C ILE GA 32 -25.46 -21.92 -31.18
N LEU GA 33 -24.82 -20.75 -31.08
CA LEU GA 33 -23.45 -20.61 -31.57
C LEU GA 33 -22.43 -21.15 -30.57
N LYS GA 34 -22.89 -21.66 -29.43
CA LYS GA 34 -21.95 -22.26 -28.50
C LYS GA 34 -22.29 -23.72 -28.22
N ALA GA 35 -23.56 -24.08 -28.37
CA ALA GA 35 -23.92 -25.49 -28.19
C ALA GA 35 -23.47 -26.35 -29.36
N GLN GA 36 -23.08 -25.75 -30.48
CA GLN GA 36 -22.42 -26.48 -31.54
C GLN GA 36 -20.92 -26.41 -31.34
N THR HA 1 42.09 -8.15 36.03
CA THR HA 1 42.73 -6.85 36.18
C THR HA 1 42.77 -6.12 34.86
N LEU HA 2 42.98 -6.90 33.78
CA LEU HA 2 43.18 -6.34 32.45
C LEU HA 2 41.93 -5.62 31.97
N GLU HA 3 40.80 -6.33 31.92
CA GLU HA 3 39.53 -5.70 31.61
C GLU HA 3 39.10 -4.74 32.70
N GLU HA 4 39.54 -4.97 33.93
CA GLU HA 4 39.27 -4.03 35.01
C GLU HA 4 40.02 -2.72 34.78
N LEU HA 5 41.31 -2.80 34.45
CA LEU HA 5 42.05 -1.59 34.08
C LEU HA 5 41.52 -0.99 32.79
N ARG HA 6 41.00 -1.84 31.89
CA ARG HA 6 40.29 -1.34 30.73
C ARG HA 6 39.03 -0.60 31.14
N ALA HA 7 38.36 -1.09 32.19
CA ALA HA 7 37.20 -0.38 32.70
C ALA HA 7 37.60 0.86 33.48
N GLU HA 8 38.71 0.80 34.22
CA GLU HA 8 39.17 1.97 34.95
C GLU HA 8 39.68 3.03 34.00
N ALA HA 9 40.16 2.60 32.83
CA ALA HA 9 40.36 3.54 31.74
C ALA HA 9 39.04 4.11 31.27
N ARG HA 10 38.01 3.28 31.22
CA ARG HA 10 36.77 3.66 30.57
C ARG HA 10 36.00 4.68 31.39
N ILE HA 11 36.06 4.59 32.71
CA ILE HA 11 35.42 5.59 33.54
C ILE HA 11 36.19 6.90 33.51
N LEU HA 12 37.52 6.84 33.41
CA LEU HA 12 38.30 8.06 33.42
C LEU HA 12 38.25 8.75 32.07
N GLU HA 13 37.91 8.00 31.03
CA GLU HA 13 37.67 8.59 29.74
C GLU HA 13 36.44 9.49 29.77
N ALA HA 14 35.43 9.09 30.54
CA ALA HA 14 34.18 9.86 30.56
C ALA HA 14 34.36 11.18 31.31
N LYS HA 15 35.22 11.18 32.33
CA LYS HA 15 35.34 12.34 33.20
C LYS HA 15 35.97 13.52 32.48
N ALA HA 16 36.73 13.26 31.42
CA ALA HA 16 37.28 14.33 30.62
C ALA HA 16 36.20 15.03 29.81
N GLU HA 17 35.20 14.26 29.36
CA GLU HA 17 34.27 14.78 28.38
C GLU HA 17 33.29 15.77 28.98
N ILE HA 18 32.98 15.63 30.27
CA ILE HA 18 32.17 16.62 30.95
C ILE HA 18 32.91 17.95 31.02
N LEU HA 19 34.21 17.89 31.26
CA LEU HA 19 35.01 19.11 31.32
C LEU HA 19 35.19 19.71 29.94
N LYS HA 20 35.11 18.90 28.89
CA LYS HA 20 35.18 19.42 27.53
C LYS HA 20 33.97 20.26 27.20
N ALA HA 21 32.78 19.75 27.47
CA ALA HA 21 31.58 20.52 27.24
C ALA HA 21 31.41 21.62 28.28
N LYS HA 22 32.09 21.50 29.42
CA LYS HA 22 32.10 22.59 30.39
C LYS HA 22 32.81 23.80 29.83
N ALA HA 23 33.88 23.58 29.07
CA ALA HA 23 34.59 24.68 28.44
C ALA HA 23 33.78 25.29 27.32
N GLU HA 24 33.01 24.47 26.60
CA GLU HA 24 32.29 24.98 25.45
C GLU HA 24 31.07 25.78 25.85
N VAL HA 25 30.58 25.60 27.07
CA VAL HA 25 29.63 26.55 27.63
C VAL HA 25 30.32 27.91 27.79
N LEU HA 26 31.54 27.90 28.33
CA LEU HA 26 32.28 29.14 28.49
C LEU HA 26 32.79 29.68 27.17
N LYS HA 27 32.86 28.84 26.14
CA LYS HA 27 33.32 29.31 24.84
C LYS HA 27 32.30 30.23 24.20
N ALA HA 28 31.06 29.79 24.09
CA ALA HA 28 30.05 30.65 23.50
C ALA HA 28 29.56 31.70 24.48
N LYS HA 29 29.94 31.57 25.75
CA LYS HA 29 29.61 32.60 26.74
C LYS HA 29 30.29 33.92 26.40
N ALA HA 30 31.54 33.85 25.95
CA ALA HA 30 32.21 35.05 25.48
C ALA HA 30 31.70 35.47 24.11
N GLU HA 31 31.11 34.54 23.36
CA GLU HA 31 30.63 34.90 22.04
C GLU HA 31 29.37 35.74 22.12
N ILE HA 32 28.60 35.58 23.19
CA ILE HA 32 27.55 36.54 23.50
C ILE HA 32 28.18 37.88 23.84
N LEU HA 33 29.33 37.85 24.52
CA LEU HA 33 29.93 39.07 25.05
C LEU HA 33 30.68 39.84 23.98
N LYS HA 34 30.72 39.34 22.76
CA LYS HA 34 31.37 40.09 21.70
C LYS HA 34 30.41 40.38 20.56
N ALA HA 35 29.39 39.55 20.37
CA ALA HA 35 28.39 39.84 19.36
C ALA HA 35 27.48 41.00 19.74
N GLN HA 36 27.47 41.39 21.01
CA GLN HA 36 26.81 42.62 21.41
C GLN HA 36 27.81 43.77 21.36
N THR IA 1 -22.96 -47.18 -32.78
CA THR IA 1 -22.06 -46.66 -31.75
C THR IA 1 -22.63 -45.39 -31.16
N LEU IA 2 -23.27 -44.60 -32.02
CA LEU IA 2 -23.75 -43.28 -31.63
C LEU IA 2 -24.85 -43.38 -30.59
N GLU IA 3 -25.93 -44.10 -30.90
CA GLU IA 3 -26.96 -44.38 -29.90
C GLU IA 3 -26.44 -45.28 -28.80
N GLU IA 4 -25.44 -46.10 -29.08
CA GLU IA 4 -24.81 -46.90 -28.05
C GLU IA 4 -24.06 -46.02 -27.06
N LEU IA 5 -23.25 -45.08 -27.56
CA LEU IA 5 -22.62 -44.10 -26.69
C LEU IA 5 -23.64 -43.20 -26.03
N ARG IA 6 -24.75 -42.94 -26.71
CA ARG IA 6 -25.87 -42.25 -26.07
C ARG IA 6 -26.45 -43.09 -24.96
N ALA IA 7 -26.48 -44.40 -25.14
CA ALA IA 7 -26.94 -45.28 -24.06
C ALA IA 7 -25.88 -45.42 -22.97
N GLU IA 8 -24.60 -45.45 -23.35
CA GLU IA 8 -23.55 -45.53 -22.34
C GLU IA 8 -23.46 -44.23 -21.57
N ALA IA 9 -23.86 -43.12 -22.19
CA ALA IA 9 -24.11 -41.91 -21.43
C ALA IA 9 -25.29 -42.09 -20.50
N ARG IA 10 -26.32 -42.81 -20.96
CA ARG IA 10 -27.58 -42.83 -20.24
C ARG IA 10 -27.48 -43.67 -18.98
N ILE IA 11 -26.68 -44.74 -19.02
CA ILE IA 11 -26.47 -45.53 -17.81
C ILE IA 11 -25.59 -44.79 -16.81
N LEU IA 12 -24.62 -44.01 -17.31
CA LEU IA 12 -23.71 -43.32 -16.39
C LEU IA 12 -24.38 -42.09 -15.82
N GLU IA 13 -25.42 -41.60 -16.48
CA GLU IA 13 -26.22 -40.54 -15.91
C GLU IA 13 -26.96 -41.02 -14.67
N ALA IA 14 -27.41 -42.27 -14.67
CA ALA IA 14 -28.18 -42.78 -13.55
C ALA IA 14 -27.31 -42.99 -12.31
N LYS IA 15 -26.05 -43.35 -12.53
CA LYS IA 15 -25.18 -43.73 -11.41
C LYS IA 15 -24.84 -42.53 -10.54
N ALA IA 16 -24.92 -41.33 -11.11
CA ALA IA 16 -24.69 -40.13 -10.30
C ALA IA 16 -25.86 -39.90 -9.35
N GLU IA 17 -27.07 -40.23 -9.79
CA GLU IA 17 -28.26 -39.81 -9.06
C GLU IA 17 -28.44 -40.59 -7.77
N ILE IA 18 -27.98 -41.83 -7.73
CA ILE IA 18 -28.00 -42.59 -6.49
C ILE IA 18 -27.07 -41.95 -5.47
N LEU IA 19 -25.92 -41.47 -5.92
CA LEU IA 19 -24.98 -40.81 -5.02
C LEU IA 19 -25.50 -39.45 -4.59
N LYS IA 20 -26.35 -38.82 -5.40
CA LYS IA 20 -26.96 -37.56 -5.01
C LYS IA 20 -27.90 -37.74 -3.84
N ALA IA 21 -28.80 -38.72 -3.93
CA ALA IA 21 -29.70 -38.98 -2.83
C ALA IA 21 -28.98 -39.67 -1.67
N LYS IA 22 -27.82 -40.26 -1.95
CA LYS IA 22 -27.01 -40.79 -0.86
C LYS IA 22 -26.49 -39.67 0.03
N ALA IA 23 -26.15 -38.54 -0.57
CA ALA IA 23 -25.69 -37.39 0.21
C ALA IA 23 -26.84 -36.77 0.99
N GLU IA 24 -28.04 -36.79 0.40
CA GLU IA 24 -29.16 -36.12 1.04
C GLU IA 24 -29.69 -36.90 2.22
N VAL IA 25 -29.42 -38.21 2.28
CA VAL IA 25 -29.61 -38.94 3.52
C VAL IA 25 -28.68 -38.39 4.59
N LEU IA 26 -27.42 -38.18 4.23
CA LEU IA 26 -26.45 -37.64 5.16
C LEU IA 26 -26.69 -36.16 5.44
N LYS IA 27 -27.43 -35.48 4.55
CA LYS IA 27 -27.71 -34.07 4.76
C LYS IA 27 -28.66 -33.87 5.93
N ALA IA 28 -29.80 -34.55 5.90
CA ALA IA 28 -30.74 -34.41 7.01
C ALA IA 28 -30.31 -35.23 8.22
N LYS IA 29 -29.31 -36.08 8.06
CA LYS IA 29 -28.77 -36.82 9.19
C LYS IA 29 -28.13 -35.89 10.20
N ALA IA 30 -27.42 -34.87 9.71
CA ALA IA 30 -26.90 -33.85 10.60
C ALA IA 30 -27.99 -32.92 11.08
N GLU IA 31 -29.09 -32.83 10.34
CA GLU IA 31 -30.15 -31.92 10.75
C GLU IA 31 -30.90 -32.47 11.96
N ILE IA 32 -30.92 -33.79 12.11
CA ILE IA 32 -31.35 -34.37 13.37
C ILE IA 32 -30.35 -34.00 14.47
N LEU IA 33 -29.07 -33.96 14.11
CA LEU IA 33 -28.01 -33.79 15.10
C LEU IA 33 -27.85 -32.34 15.53
N LYS IA 34 -28.65 -31.44 14.97
CA LYS IA 34 -28.58 -30.06 15.40
C LYS IA 34 -29.92 -29.57 15.93
N ALA IA 35 -31.02 -30.15 15.46
CA ALA IA 35 -32.32 -29.78 15.98
C ALA IA 35 -32.55 -30.32 17.39
N GLN IA 36 -31.74 -31.26 17.85
CA GLN IA 36 -31.74 -31.66 19.25
C GLN IA 36 -30.72 -30.82 20.00
N THR JA 1 46.12 12.72 -32.76
CA THR JA 1 47.25 12.84 -31.86
C THR JA 1 46.81 13.47 -30.56
N LEU JA 2 45.89 14.42 -30.67
CA LEU JA 2 45.46 15.22 -29.53
C LEU JA 2 44.76 14.36 -28.49
N GLU JA 3 43.70 13.67 -28.88
CA GLU JA 3 43.05 12.71 -28.00
C GLU JA 3 43.95 11.52 -27.71
N GLU JA 4 44.86 11.21 -28.61
CA GLU JA 4 45.85 10.17 -28.36
C GLU JA 4 46.80 10.59 -27.26
N LEU JA 5 47.35 11.81 -27.34
CA LEU JA 5 48.16 12.34 -26.25
C LEU JA 5 47.34 12.53 -24.99
N ARG JA 6 46.05 12.83 -25.14
CA ARG JA 6 45.14 12.83 -24.01
C ARG JA 6 45.01 11.43 -23.41
N ALA JA 7 45.01 10.42 -24.27
CA ALA JA 7 44.99 9.05 -23.78
C ALA JA 7 46.34 8.64 -23.21
N GLU JA 8 47.43 9.10 -23.83
CA GLU JA 8 48.76 8.77 -23.30
C GLU JA 8 49.00 9.49 -21.98
N ALA JA 9 48.35 10.63 -21.80
CA ALA JA 9 48.26 11.21 -20.48
C ALA JA 9 47.45 10.32 -19.55
N ARG JA 10 46.39 9.73 -20.07
CA ARG JA 10 45.42 9.05 -19.21
C ARG JA 10 45.98 7.74 -18.67
N ILE JA 11 46.80 7.05 -19.46
CA ILE JA 11 47.44 5.83 -18.97
C ILE JA 11 48.53 6.17 -17.96
N LEU JA 12 49.24 7.28 -18.17
CA LEU JA 12 50.33 7.61 -17.26
C LEU JA 12 49.80 8.21 -15.97
N GLU JA 13 48.57 8.70 -16.00
CA GLU JA 13 47.92 9.13 -14.78
C GLU JA 13 47.64 7.94 -13.87
N ALA JA 14 47.32 6.79 -14.45
CA ALA JA 14 46.98 5.63 -13.64
C ALA JA 14 48.20 5.04 -12.96
N LYS JA 15 49.36 5.13 -13.62
CA LYS JA 15 50.56 4.46 -13.12
C LYS JA 15 51.08 5.12 -11.85
N ALA JA 16 50.74 6.38 -11.64
CA ALA JA 16 51.11 7.02 -10.39
C ALA JA 16 50.31 6.49 -9.22
N GLU JA 17 49.04 6.14 -9.48
CA GLU JA 17 48.13 5.86 -8.38
C GLU JA 17 48.41 4.53 -7.72
N ILE JA 18 48.95 3.57 -8.48
CA ILE JA 18 49.38 2.31 -7.88
C ILE JA 18 50.53 2.56 -6.92
N LEU JA 19 51.45 3.45 -7.29
CA LEU JA 19 52.57 3.77 -6.42
C LEU JA 19 52.12 4.58 -5.21
N LYS JA 20 51.00 5.31 -5.34
CA LYS JA 20 50.47 6.03 -4.19
C LYS JA 20 49.96 5.07 -3.13
N ALA JA 21 49.16 4.10 -3.53
CA ALA JA 21 48.67 3.12 -2.56
C ALA JA 21 49.76 2.14 -2.18
N LYS JA 22 50.83 2.05 -2.98
CA LYS JA 22 51.97 1.24 -2.59
C LYS JA 22 52.67 1.86 -1.38
N ALA JA 23 52.73 3.19 -1.33
CA ALA JA 23 53.32 3.87 -0.19
C ALA JA 23 52.43 3.73 1.05
N GLU JA 24 51.12 3.72 0.84
CA GLU JA 24 50.21 3.72 1.98
C GLU JA 24 50.14 2.35 2.63
N VAL JA 25 50.50 1.30 1.91
CA VAL JA 25 50.76 0.02 2.55
C VAL JA 25 51.95 0.16 3.50
N LEU JA 26 53.02 0.81 3.03
CA LEU JA 26 54.20 1.02 3.86
C LEU JA 26 53.94 2.06 4.94
N LYS JA 27 52.92 2.90 4.76
CA LYS JA 27 52.62 3.91 5.77
C LYS JA 27 52.08 3.28 7.04
N ALA JA 28 51.04 2.46 6.91
CA ALA JA 28 50.49 1.82 8.09
C ALA JA 28 51.34 0.63 8.52
N LYS JA 29 52.30 0.22 7.69
CA LYS JA 29 53.22 -0.84 8.09
C LYS JA 29 54.08 -0.40 9.27
N ALA JA 30 54.52 0.86 9.25
CA ALA JA 30 55.24 1.38 10.41
C ALA JA 30 54.28 1.68 11.56
N GLU JA 31 53.00 1.86 11.26
CA GLU JA 31 52.06 2.17 12.33
C GLU JA 31 51.77 0.95 13.18
N ILE JA 32 51.90 -0.24 12.60
CA ILE JA 32 51.94 -1.46 13.39
C ILE JA 32 53.19 -1.47 14.25
N LEU JA 33 54.30 -0.96 13.69
CA LEU JA 33 55.60 -1.06 14.33
C LEU JA 33 55.78 -0.03 15.43
N LYS JA 34 54.78 0.82 15.65
CA LYS JA 34 54.90 1.78 16.74
C LYS JA 34 53.76 1.62 17.73
N ALA JA 35 52.61 1.12 17.29
CA ALA JA 35 51.53 0.86 18.22
C ALA JA 35 51.78 -0.34 19.11
N GLN JA 36 52.77 -1.17 18.78
CA GLN JA 36 53.24 -2.20 19.69
C GLN JA 36 54.39 -1.64 20.53
N THR KA 1 -47.32 -28.05 32.24
CA THR KA 1 -46.51 -26.88 31.92
C THR KA 1 -46.02 -26.97 30.48
N LEU KA 2 -45.70 -28.20 30.07
CA LEU KA 2 -45.09 -28.44 28.76
C LEU KA 2 -46.04 -28.05 27.63
N GLU KA 3 -47.22 -28.66 27.61
CA GLU KA 3 -48.25 -28.27 26.66
C GLU KA 3 -48.77 -26.87 26.93
N GLU KA 4 -48.68 -26.43 28.18
CA GLU KA 4 -49.04 -25.05 28.51
C GLU KA 4 -48.06 -24.08 27.89
N LEU KA 5 -46.75 -24.33 28.05
CA LEU KA 5 -45.74 -23.52 27.36
C LEU KA 5 -45.84 -23.69 25.86
N ARG KA 6 -46.25 -24.87 25.40
CA ARG KA 6 -46.55 -25.05 23.99
C ARG KA 6 -47.73 -24.19 23.57
N ALA KA 7 -48.71 -24.03 24.46
CA ALA KA 7 -49.83 -23.14 24.19
C ALA KA 7 -49.42 -21.68 24.32
N GLU KA 8 -48.56 -21.36 25.29
CA GLU KA 8 -48.10 -19.99 25.43
C GLU KA 8 -47.19 -19.61 24.27
N ALA KA 9 -46.52 -20.59 23.68
CA ALA KA 9 -45.89 -20.38 22.39
C ALA KA 9 -46.94 -20.13 21.32
N ARG KA 10 -48.06 -20.84 21.40
CA ARG KA 10 -49.01 -20.84 20.30
C ARG KA 10 -49.77 -19.52 20.22
N ILE KA 11 -50.05 -18.91 21.36
CA ILE KA 11 -50.70 -17.60 21.34
C ILE KA 11 -49.73 -16.52 20.90
N LEU KA 12 -48.44 -16.65 21.24
CA LEU KA 12 -47.49 -15.61 20.88
C LEU KA 12 -47.09 -15.75 19.42
N GLU KA 13 -47.29 -16.94 18.85
CA GLU KA 13 -47.10 -17.10 17.42
C GLU KA 13 -48.13 -16.31 16.64
N ALA KA 14 -49.35 -16.22 17.15
CA ALA KA 14 -50.41 -15.54 16.42
C ALA KA 14 -50.20 -14.02 16.42
N LYS KA 15 -49.62 -13.50 17.50
CA LYS KA 15 -49.52 -12.05 17.66
C LYS KA 15 -48.53 -11.45 16.67
N ALA KA 16 -47.60 -12.25 16.18
CA ALA KA 16 -46.69 -11.76 15.15
C ALA KA 16 -47.42 -11.59 13.83
N GLU KA 17 -48.38 -12.45 13.55
CA GLU KA 17 -48.94 -12.53 12.21
C GLU KA 17 -49.85 -11.34 11.90
N ILE KA 18 -50.49 -10.78 12.93
CA ILE KA 18 -51.26 -9.55 12.74
C ILE KA 18 -50.35 -8.42 12.35
N LEU KA 19 -49.17 -8.35 12.98
CA LEU KA 19 -48.21 -7.31 12.64
C LEU KA 19 -47.60 -7.53 11.27
N LYS KA 20 -47.55 -8.78 10.81
CA LYS KA 20 -47.06 -9.06 9.46
C LYS KA 20 -48.00 -8.48 8.41
N ALA KA 21 -49.29 -8.76 8.54
CA ALA KA 21 -50.24 -8.20 7.59
C ALA KA 21 -50.47 -6.72 7.84
N LYS KA 22 -50.11 -6.23 9.03
CA LYS KA 22 -50.17 -4.80 9.28
C LYS KA 22 -49.13 -4.07 8.43
N ALA KA 23 -47.97 -4.69 8.24
CA ALA KA 23 -46.94 -4.10 7.39
C ALA KA 23 -47.34 -4.16 5.93
N GLU KA 24 -48.04 -5.22 5.54
CA GLU KA 24 -48.36 -5.38 4.12
C GLU KA 24 -49.47 -4.47 3.68
N VAL KA 25 -50.28 -3.98 4.62
CA VAL KA 25 -51.15 -2.85 4.32
C VAL KA 25 -50.30 -1.64 3.97
N LEU KA 26 -49.28 -1.38 4.77
CA LEU KA 26 -48.38 -0.25 4.52
C LEU KA 26 -47.49 -0.49 3.32
N LYS KA 27 -47.31 -1.76 2.92
CA LYS KA 27 -46.48 -2.06 1.78
C LYS KA 27 -47.12 -1.59 0.48
N ALA KA 28 -48.36 -2.00 0.24
CA ALA KA 28 -49.04 -1.57 -0.97
C ALA KA 28 -49.56 -0.15 -0.84
N LYS KA 29 -49.53 0.42 0.37
CA LYS KA 29 -49.91 1.80 0.55
C LYS KA 29 -48.95 2.73 -0.18
N ALA KA 30 -47.66 2.42 -0.13
CA ALA KA 30 -46.70 3.17 -0.91
C ALA KA 30 -46.78 2.82 -2.39
N GLU KA 31 -47.31 1.64 -2.71
CA GLU KA 31 -47.39 1.25 -4.11
C GLU KA 31 -48.47 2.02 -4.85
N ILE KA 32 -49.49 2.47 -4.12
CA ILE KA 32 -50.40 3.47 -4.67
C ILE KA 32 -49.66 4.77 -4.87
N LEU KA 33 -48.74 5.09 -3.96
CA LEU KA 33 -48.08 6.39 -3.96
C LEU KA 33 -46.96 6.47 -4.99
N LYS KA 34 -46.72 5.39 -5.72
CA LYS KA 34 -45.71 5.46 -6.76
C LYS KA 34 -46.29 5.13 -8.12
N ALA KA 35 -47.36 4.33 -8.17
CA ALA KA 35 -48.01 4.06 -9.43
C ALA KA 35 -48.78 5.26 -9.97
N GLN KA 36 -49.03 6.26 -9.14
CA GLN KA 36 -49.55 7.53 -9.63
C GLN KA 36 -48.38 8.46 -9.94
N THR LA 1 19.00 53.13 20.36
CA THR LA 1 20.35 53.33 19.85
C THR LA 1 21.06 51.99 19.74
N LEU LA 2 20.77 51.11 20.70
CA LEU LA 2 21.47 49.83 20.80
C LEU LA 2 21.18 48.94 19.60
N GLU LA 3 19.90 48.67 19.35
CA GLU LA 3 19.52 47.95 18.14
C GLU LA 3 19.78 48.77 16.89
N GLU LA 4 19.77 50.09 17.02
CA GLU LA 4 20.12 50.95 15.90
C GLU LA 4 21.59 50.79 15.55
N LEU LA 5 22.48 50.85 16.56
CA LEU LA 5 23.89 50.57 16.32
C LEU LA 5 24.11 49.13 15.91
N ARG LA 6 23.26 48.21 16.38
CA ARG LA 6 23.28 46.85 15.88
C ARG LA 6 22.87 46.83 14.40
N ALA LA 7 21.94 47.69 14.02
CA ALA LA 7 21.58 47.78 12.61
C ALA LA 7 22.65 48.51 11.81
N GLU LA 8 23.27 49.54 12.40
CA GLU LA 8 24.34 50.24 11.70
C GLU LA 8 25.57 49.36 11.56
N ALA LA 9 25.73 48.42 12.49
CA ALA LA 9 26.68 47.34 12.27
C ALA LA 9 26.24 46.46 11.12
N ARG LA 10 24.93 46.22 11.02
CA ARG LA 10 24.43 45.21 10.11
C ARG LA 10 24.53 45.67 8.66
N ILE LA 11 24.35 46.97 8.41
CA ILE LA 11 24.52 47.48 7.06
C ILE LA 11 26.00 47.52 6.68
N LEU LA 12 26.88 47.80 7.64
CA LEU LA 12 28.29 47.90 7.31
C LEU LA 12 28.91 46.53 7.18
N GLU LA 13 28.26 45.51 7.74
CA GLU LA 13 28.69 44.15 7.51
C GLU LA 13 28.47 43.75 6.06
N ALA LA 14 27.40 44.24 5.45
CA ALA LA 14 27.08 43.84 4.09
C ALA LA 14 28.05 44.47 3.09
N LYS LA 15 28.52 45.68 3.39
CA LYS LA 15 29.34 46.43 2.43
C LYS LA 15 30.71 45.79 2.24
N ALA LA 16 31.16 45.01 3.21
CA ALA LA 16 32.41 44.29 3.04
C ALA LA 16 32.25 43.14 2.06
N GLU LA 17 31.08 42.52 2.04
CA GLU LA 17 30.93 41.27 1.32
C GLU LA 17 30.89 41.46 -0.18
N ILE LA 18 30.42 42.62 -0.63
CA ILE LA 18 30.48 42.95 -2.05
C ILE LA 18 31.93 43.08 -2.49
N LEU LA 19 32.76 43.69 -1.65
CA LEU LA 19 34.17 43.83 -1.98
C LEU LA 19 34.89 42.50 -1.89
N LYS LA 20 34.39 41.56 -1.09
CA LYS LA 20 34.98 40.23 -1.04
C LYS LA 20 34.78 39.50 -2.36
N ALA LA 21 33.56 39.48 -2.87
CA ALA LA 21 33.32 38.83 -4.14
C ALA LA 21 33.86 39.67 -5.30
N LYS LA 22 34.10 40.95 -5.06
CA LYS LA 22 34.76 41.76 -6.07
C LYS LA 22 36.20 41.31 -6.29
N ALA LA 23 36.86 40.90 -5.21
CA ALA LA 23 38.21 40.39 -5.32
C ALA LA 23 38.23 39.02 -5.99
N GLU LA 24 37.20 38.21 -5.75
CA GLU LA 24 37.20 36.86 -6.27
C GLU LA 24 36.90 36.82 -7.75
N VAL LA 25 36.27 37.87 -8.28
CA VAL LA 25 36.24 38.05 -9.72
C VAL LA 25 37.66 38.24 -10.25
N LEU LA 26 38.43 39.09 -9.57
CA LEU LA 26 39.81 39.33 -9.97
C LEU LA 26 40.71 38.15 -9.65
N LYS LA 27 40.27 37.27 -8.73
CA LYS LA 27 41.09 36.11 -8.40
C LYS LA 27 41.13 35.12 -9.56
N ALA LA 28 39.97 34.71 -10.05
CA ALA LA 28 39.95 33.78 -11.16
C ALA LA 28 40.25 34.48 -12.48
N LYS LA 29 40.27 35.81 -12.49
CA LYS LA 29 40.65 36.55 -13.68
C LYS LA 29 42.10 36.27 -14.05
N ALA LA 30 42.97 36.21 -13.04
CA ALA LA 30 44.35 35.82 -13.29
C ALA LA 30 44.46 34.32 -13.56
N GLU LA 31 43.49 33.54 -13.10
CA GLU LA 31 43.57 32.11 -13.31
C GLU LA 31 43.29 31.75 -14.76
N ILE LA 32 42.52 32.58 -15.46
CA ILE LA 32 42.44 32.48 -16.91
C ILE LA 32 43.79 32.84 -17.51
N LEU LA 33 44.48 33.81 -16.90
CA LEU LA 33 45.70 34.36 -17.49
C LEU LA 33 46.90 33.47 -17.23
N LYS LA 34 46.71 32.35 -16.53
CA LYS LA 34 47.83 31.45 -16.32
C LYS LA 34 47.51 30.06 -16.87
N ALA LA 35 46.24 29.69 -16.92
CA ALA LA 35 45.89 28.41 -17.51
C ALA LA 35 46.03 28.41 -19.03
N GLN LA 36 46.16 29.57 -19.65
CA GLN LA 36 46.53 29.64 -21.05
C GLN LA 36 48.04 29.76 -21.16
N THR MA 1 -58.84 9.66 -27.90
CA THR MA 1 -57.38 9.49 -27.90
C THR MA 1 -56.98 8.51 -26.83
N LEU MA 2 -57.71 8.56 -25.70
CA LEU MA 2 -57.36 7.77 -24.52
C LEU MA 2 -57.50 6.29 -24.80
N GLU MA 3 -58.70 5.86 -25.21
CA GLU MA 3 -58.89 4.48 -25.62
C GLU MA 3 -58.14 4.16 -26.90
N GLU MA 4 -57.90 5.18 -27.73
CA GLU MA 4 -57.07 5.00 -28.91
C GLU MA 4 -55.63 4.70 -28.53
N LEU MA 5 -55.06 5.50 -27.62
CA LEU MA 5 -53.74 5.19 -27.09
C LEU MA 5 -53.74 3.88 -26.31
N ARG MA 6 -54.86 3.56 -25.67
CA ARG MA 6 -55.01 2.25 -25.07
C ARG MA 6 -55.00 1.17 -26.13
N ALA MA 7 -55.58 1.44 -27.29
CA ALA MA 7 -55.52 0.49 -28.39
C ALA MA 7 -54.14 0.48 -29.03
N GLU MA 8 -53.49 1.63 -29.14
CA GLU MA 8 -52.14 1.66 -29.70
C GLU MA 8 -51.16 1.00 -28.76
N ALA MA 9 -51.46 1.02 -27.46
CA ALA MA 9 -50.75 0.14 -26.55
C ALA MA 9 -51.06 -1.31 -26.84
N ARG MA 10 -52.31 -1.61 -27.19
CA ARG MA 10 -52.75 -2.99 -27.27
C ARG MA 10 -52.18 -3.70 -28.48
N ILE MA 11 -51.99 -2.97 -29.58
CA ILE MA 11 -51.35 -3.58 -30.75
C ILE MA 11 -49.86 -3.77 -30.52
N LEU MA 12 -49.23 -2.85 -29.78
CA LEU MA 12 -47.79 -2.95 -29.58
C LEU MA 12 -47.47 -3.99 -28.52
N GLU MA 13 -48.46 -4.31 -27.69
CA GLU MA 13 -48.31 -5.42 -26.75
C GLU MA 13 -48.21 -6.74 -27.49
N ALA MA 14 -48.94 -6.87 -28.60
CA ALA MA 14 -48.96 -8.15 -29.31
C ALA MA 14 -47.65 -8.38 -30.05
N LYS MA 15 -47.02 -7.30 -30.52
CA LYS MA 15 -45.83 -7.44 -31.37
C LYS MA 15 -44.64 -7.97 -30.59
N ALA MA 16 -44.65 -7.79 -29.27
CA ALA MA 16 -43.58 -8.37 -28.45
C ALA MA 16 -43.73 -9.88 -28.37
N GLU MA 17 -44.96 -10.37 -28.35
CA GLU MA 17 -45.19 -11.76 -28.02
C GLU MA 17 -44.77 -12.70 -29.14
N ILE MA 18 -44.85 -12.23 -30.38
CA ILE MA 18 -44.34 -13.02 -31.50
C ILE MA 18 -42.83 -13.19 -31.37
N LEU MA 19 -42.15 -12.12 -30.96
CA LEU MA 19 -40.70 -12.21 -30.77
C LEU MA 19 -40.34 -13.05 -29.56
N LYS MA 20 -41.24 -13.16 -28.59
CA LYS MA 20 -40.99 -14.03 -27.45
C LYS MA 20 -40.98 -15.48 -27.86
N ALA MA 21 -42.00 -15.90 -28.59
CA ALA MA 21 -42.02 -17.28 -29.07
C ALA MA 21 -41.03 -17.50 -30.20
N LYS MA 22 -40.57 -16.42 -30.84
CA LYS MA 22 -39.50 -16.55 -31.82
C LYS MA 22 -38.21 -16.97 -31.14
N ALA MA 23 -37.96 -16.46 -29.95
CA ALA MA 23 -36.78 -16.85 -29.20
C ALA MA 23 -36.89 -18.28 -28.70
N GLU MA 24 -38.10 -18.70 -28.35
CA GLU MA 24 -38.25 -20.02 -27.75
C GLU MA 24 -38.15 -21.13 -28.79
N VAL MA 25 -38.37 -20.79 -30.07
CA VAL MA 25 -37.97 -21.71 -31.14
C VAL MA 25 -36.47 -21.89 -31.11
N LEU MA 26 -35.73 -20.78 -30.99
CA LEU MA 26 -34.27 -20.84 -30.94
C LEU MA 26 -33.78 -21.41 -29.61
N LYS MA 27 -34.62 -21.38 -28.58
CA LYS MA 27 -34.21 -21.92 -27.29
C LYS MA 27 -34.08 -23.43 -27.35
N ALA MA 28 -35.13 -24.11 -27.80
CA ALA MA 28 -35.05 -25.56 -27.89
C ALA MA 28 -34.27 -26.02 -29.10
N LYS MA 29 -33.95 -25.08 -30.01
CA LYS MA 29 -33.11 -25.41 -31.15
C LYS MA 29 -31.71 -25.81 -30.71
N ALA MA 30 -31.19 -25.10 -29.70
CA ALA MA 30 -29.91 -25.50 -29.12
C ALA MA 30 -30.05 -26.72 -28.24
N GLU MA 31 -31.27 -26.99 -27.75
CA GLU MA 31 -31.45 -28.14 -26.88
C GLU MA 31 -31.41 -29.44 -27.67
N ILE MA 32 -31.76 -29.38 -28.94
CA ILE MA 32 -31.47 -30.49 -29.84
C ILE MA 32 -29.96 -30.62 -30.02
N LEU MA 33 -29.27 -29.48 -30.05
CA LEU MA 33 -27.85 -29.46 -30.37
C LEU MA 33 -26.98 -29.86 -29.19
N LYS MA 34 -27.58 -30.14 -28.04
CA LYS MA 34 -26.80 -30.58 -26.91
C LYS MA 34 -27.25 -31.95 -26.42
N ALA MA 35 -28.51 -32.30 -26.64
CA ALA MA 35 -28.97 -33.62 -26.28
C ALA MA 35 -28.43 -34.71 -27.20
N GLN MA 36 -27.89 -34.33 -28.35
CA GLN MA 36 -27.15 -35.27 -29.18
C GLN MA 36 -25.68 -35.21 -28.81
N THR NA 1 52.65 -9.88 30.16
CA THR NA 1 53.29 -8.60 30.48
C THR NA 1 53.13 -7.63 29.34
N LEU NA 2 53.19 -8.18 28.12
CA LEU NA 2 53.19 -7.37 26.90
C LEU NA 2 51.87 -6.62 26.74
N GLU NA 3 50.76 -7.36 26.71
CA GLU NA 3 49.45 -6.75 26.70
C GLU NA 3 49.16 -6.02 28.00
N GLU NA 4 49.77 -6.48 29.10
CA GLU NA 4 49.64 -5.78 30.37
C GLU NA 4 50.32 -4.41 30.30
N LEU NA 5 51.56 -4.37 29.80
CA LEU NA 5 52.21 -3.08 29.57
C LEU NA 5 51.49 -2.26 28.51
N ARG NA 6 50.87 -2.94 27.54
CA ARG NA 6 50.00 -2.25 26.60
C ARG NA 6 48.79 -1.68 27.33
N ALA NA 7 48.28 -2.38 28.33
CA ALA NA 7 47.19 -1.84 29.12
C ALA NA 7 47.67 -0.76 30.07
N GLU NA 8 48.88 -0.92 30.63
CA GLU NA 8 49.41 0.11 31.52
C GLU NA 8 49.77 1.36 30.72
N ALA NA 9 50.08 1.18 29.44
CA ALA NA 9 50.12 2.32 28.54
C ALA NA 9 48.73 2.91 28.37
N ARG NA 10 47.71 2.05 28.30
CA ARG NA 10 46.39 2.50 27.91
C ARG NA 10 45.72 3.31 29.00
N ILE NA 11 45.98 2.96 30.27
CA ILE NA 11 45.43 3.76 31.36
C ILE NA 11 46.17 5.09 31.48
N LEU NA 12 47.47 5.11 31.19
CA LEU NA 12 48.23 6.34 31.34
C LEU NA 12 47.97 7.27 30.17
N GLU NA 13 47.50 6.71 29.06
CA GLU NA 13 47.07 7.55 27.95
C GLU NA 13 45.83 8.35 28.33
N ALA NA 14 44.95 7.77 29.13
CA ALA NA 14 43.71 8.46 29.48
C ALA NA 14 43.96 9.61 30.44
N LYS NA 15 44.96 9.46 31.32
CA LYS NA 15 45.18 10.45 32.37
C LYS NA 15 45.68 11.76 31.82
N ALA NA 16 46.29 11.74 30.63
CA ALA NA 16 46.70 12.98 30.01
C ALA NA 16 45.50 13.76 29.49
N GLU NA 17 44.47 13.05 29.04
CA GLU NA 17 43.39 13.71 28.31
C GLU NA 17 42.49 14.52 29.22
N ILE NA 18 42.36 14.11 30.49
CA ILE NA 18 41.64 14.92 31.46
C ILE NA 18 42.35 16.24 31.68
N LEU NA 19 43.68 16.20 31.74
CA LEU NA 19 44.45 17.41 31.92
C LEU NA 19 44.42 18.29 30.67
N LYS NA 20 44.21 17.68 29.51
CA LYS NA 20 44.09 18.46 28.28
C LYS NA 20 42.82 19.30 28.29
N ALA NA 21 41.70 18.68 28.62
CA ALA NA 21 40.46 19.44 28.70
C ALA NA 21 40.41 20.30 29.95
N LYS NA 22 41.25 19.99 30.94
CA LYS NA 22 41.37 20.87 32.10
C LYS NA 22 41.98 22.20 31.70
N ALA NA 23 42.93 22.18 30.77
CA ALA NA 23 43.53 23.41 30.29
C ALA NA 23 42.54 24.19 29.42
N GLU NA 24 41.71 23.49 28.67
CA GLU NA 24 40.82 24.17 27.75
C GLU NA 24 39.66 24.84 28.46
N VAL NA 25 39.34 24.39 29.67
CA VAL NA 25 38.47 25.17 30.54
C VAL NA 25 39.14 26.50 30.86
N LEU NA 26 40.43 26.45 31.22
CA LEU NA 26 41.17 27.67 31.53
C LEU NA 26 41.47 28.48 30.28
N LYS NA 27 41.42 27.85 29.11
CA LYS NA 27 41.68 28.58 27.87
C LYS NA 27 40.56 29.57 27.57
N ALA NA 28 39.32 29.09 27.54
CA ALA NA 28 38.21 30.00 27.27
C ALA NA 28 37.85 30.81 28.51
N LYS NA 29 38.41 30.48 29.67
CA LYS NA 29 38.20 31.27 30.86
C LYS NA 29 38.80 32.66 30.71
N ALA NA 30 39.99 32.73 30.09
CA ALA NA 30 40.55 34.04 29.78
C ALA NA 30 39.85 34.69 28.60
N GLU NA 31 39.18 33.89 27.77
CA GLU NA 31 38.51 34.47 26.62
C GLU NA 31 37.25 35.23 27.03
N ILE NA 32 36.65 34.83 28.14
CA ILE NA 32 35.64 35.66 28.77
C ILE NA 32 36.28 36.95 29.29
N LEU NA 33 37.51 36.83 29.78
CA LEU NA 33 38.16 37.95 30.46
C LEU NA 33 38.74 38.95 29.47
N LYS NA 34 38.60 38.69 28.18
CA LYS NA 34 39.09 39.66 27.21
C LYS NA 34 37.97 40.13 26.30
N ALA NA 35 36.96 39.31 26.09
CA ALA NA 35 35.82 39.73 25.28
C ALA NA 35 34.95 40.75 26.02
N GLN NA 36 35.11 40.89 27.32
CA GLN NA 36 34.49 41.99 28.04
C GLN NA 36 35.45 43.17 28.09
N THR OA 1 -28.44 -55.60 -26.08
CA THR OA 1 -27.62 -54.91 -25.09
C THR OA 1 -28.18 -53.53 -24.81
N LEU OA 2 -28.68 -52.90 -25.88
CA LEU OA 2 -29.13 -51.51 -25.81
C LEU OA 2 -30.33 -51.37 -24.88
N GLU OA 3 -31.40 -52.11 -25.17
CA GLU OA 3 -32.54 -52.15 -24.27
C GLU OA 3 -32.19 -52.81 -22.95
N GLU OA 4 -31.21 -53.71 -22.97
CA GLU OA 4 -30.73 -54.31 -21.73
C GLU OA 4 -30.04 -53.28 -20.86
N LEU OA 5 -29.14 -52.49 -21.44
CA LEU OA 5 -28.54 -51.37 -20.71
C LEU OA 5 -29.57 -50.33 -20.35
N ARG OA 6 -30.58 -50.16 -21.19
CA ARG OA 6 -31.73 -49.33 -20.83
C ARG OA 6 -32.46 -49.90 -19.64
N ALA OA 7 -32.55 -51.23 -19.57
CA ALA OA 7 -33.15 -51.86 -18.39
C ALA OA 7 -32.22 -51.81 -17.20
N GLU OA 8 -30.92 -51.97 -17.41
CA GLU OA 8 -29.98 -51.87 -16.30
C GLU OA 8 -29.89 -50.45 -15.79
N ALA OA 9 -30.16 -49.47 -16.65
CA ALA OA 9 -30.43 -48.13 -16.18
C ALA OA 9 -31.70 -48.09 -15.36
N ARG OA 10 -32.71 -48.83 -15.78
CA ARG OA 10 -34.04 -48.67 -15.21
C ARG OA 10 -34.11 -49.25 -13.80
N ILE OA 11 -33.37 -50.33 -13.54
CA ILE OA 11 -33.33 -50.87 -12.19
C ILE OA 11 -32.51 -49.97 -11.27
N LEU OA 12 -31.46 -49.36 -11.80
CA LEU OA 12 -30.61 -48.52 -10.95
C LEU OA 12 -31.26 -47.18 -10.70
N GLU OA 13 -32.21 -46.80 -11.55
CA GLU OA 13 -32.99 -45.61 -11.29
C GLU OA 13 -33.88 -45.80 -10.07
N ALA OA 14 -34.39 -47.02 -9.87
CA ALA OA 14 -35.30 -47.26 -8.77
C ALA OA 14 -34.57 -47.26 -7.43
N LYS OA 15 -33.32 -47.70 -7.42
CA LYS OA 15 -32.59 -47.87 -6.17
C LYS OA 15 -32.25 -46.54 -5.52
N ALA OA 16 -32.22 -45.47 -6.32
CA ALA OA 16 -32.01 -44.15 -5.74
C ALA OA 16 -33.25 -43.69 -4.99
N GLU OA 17 -34.43 -44.06 -5.47
CA GLU OA 17 -35.66 -43.46 -4.98
C GLU OA 17 -36.02 -43.96 -3.59
N ILE OA 18 -35.62 -45.19 -3.26
CA ILE OA 18 -35.81 -45.68 -1.89
C ILE OA 18 -34.96 -44.88 -0.92
N LEU OA 19 -33.74 -44.55 -1.34
CA LEU OA 19 -32.87 -43.74 -0.49
C LEU OA 19 -33.35 -42.31 -0.39
N LYS OA 20 -34.09 -41.83 -1.40
CA LYS OA 20 -34.65 -40.50 -1.33
C LYS OA 20 -35.71 -40.41 -0.25
N ALA OA 21 -36.65 -41.35 -0.26
CA ALA OA 21 -37.67 -41.36 0.78
C ALA OA 21 -37.11 -41.83 2.12
N LYS OA 22 -35.96 -42.49 2.10
CA LYS OA 22 -35.29 -42.82 3.35
C LYS OA 22 -34.80 -41.58 4.05
N ALA OA 23 -34.34 -40.59 3.28
CA ALA OA 23 -33.90 -39.34 3.87
C ALA OA 23 -35.09 -38.53 4.37
N GLU OA 24 -36.22 -38.62 3.69
CA GLU OA 24 -37.36 -37.80 4.06
C GLU OA 24 -38.05 -38.31 5.30
N VAL OA 25 -37.86 -39.59 5.64
CA VAL OA 25 -38.21 -40.06 6.97
C VAL OA 25 -37.37 -39.34 8.00
N LEU OA 26 -36.06 -39.24 7.75
CA LEU OA 26 -35.16 -38.56 8.66
C LEU OA 26 -35.36 -37.05 8.62
N LYS OA 27 -35.95 -36.54 7.54
CA LYS OA 27 -36.18 -35.09 7.44
C LYS OA 27 -37.23 -34.65 8.44
N ALA OA 28 -38.40 -35.27 8.43
CA ALA OA 28 -39.44 -34.88 9.37
C ALA OA 28 -39.18 -35.45 10.74
N LYS OA 29 -38.21 -36.37 10.87
CA LYS OA 29 -37.83 -36.88 12.18
C LYS OA 29 -37.24 -35.78 13.04
N ALA OA 30 -36.43 -34.91 12.44
CA ALA OA 30 -35.94 -33.75 13.17
C ALA OA 30 -37.03 -32.69 13.33
N GLU OA 31 -38.04 -32.72 12.49
CA GLU OA 31 -39.09 -31.72 12.59
C GLU OA 31 -39.98 -31.99 13.79
N ILE OA 32 -40.09 -33.25 14.19
CA ILE OA 32 -40.67 -33.55 15.51
C ILE OA 32 -39.77 -33.01 16.61
N LEU OA 33 -38.46 -33.08 16.38
CA LEU OA 33 -37.49 -32.75 17.43
C LEU OA 33 -37.31 -31.25 17.57
N LYS OA 34 -37.99 -30.45 16.77
CA LYS OA 34 -37.88 -29.02 16.94
C LYS OA 34 -39.25 -28.39 17.21
N ALA OA 35 -40.32 -29.02 16.74
CA ALA OA 35 -41.65 -28.51 17.04
C ALA OA 35 -42.04 -28.74 18.49
N GLN OA 36 -41.33 -29.61 19.20
CA GLN OA 36 -41.50 -29.71 20.64
C GLN OA 36 -40.52 -28.78 21.33
#